data_2MI8
#
_entry.id   2MI8
#
_entity_poly.entity_id   1
_entity_poly.type   'polypeptide(L)'
_entity_poly.pdbx_seq_one_letter_code
;MQIFVRTLTGRTITLEVEPSDTIENVRARIQDREGIPPDQQRLIFAGRQLEDGRTLSDYNIQRESTLHLVLRLRGG
;
_entity_poly.pdbx_strand_id   A
#
# COMPACT_ATOMS: atom_id res chain seq x y z
N MET A 1 1.27 -6.76 -12.91
CA MET A 1 0.06 -6.30 -12.24
C MET A 1 0.25 -4.90 -11.66
N GLN A 2 -0.45 -3.93 -12.23
CA GLN A 2 -0.42 -2.56 -11.74
C GLN A 2 -1.50 -2.33 -10.69
N ILE A 3 -1.13 -1.68 -9.59
CA ILE A 3 -2.09 -1.32 -8.55
C ILE A 3 -2.04 0.17 -8.25
N PHE A 4 -3.08 0.67 -7.59
CA PHE A 4 -3.15 2.07 -7.22
C PHE A 4 -3.06 2.26 -5.71
N VAL A 5 -2.42 3.35 -5.30
CA VAL A 5 -2.36 3.71 -3.88
C VAL A 5 -2.78 5.16 -3.67
N ARG A 6 -3.79 5.35 -2.83
CA ARG A 6 -4.29 6.69 -2.53
C ARG A 6 -3.82 7.17 -1.16
N THR A 7 -3.03 8.23 -1.15
CA THR A 7 -2.51 8.79 0.09
C THR A 7 -3.61 9.46 0.91
N LEU A 8 -3.29 9.79 2.15
CA LEU A 8 -4.22 10.51 3.01
C LEU A 8 -4.59 11.86 2.43
N THR A 9 -3.70 12.42 1.62
CA THR A 9 -3.92 13.72 1.01
C THR A 9 -4.71 13.60 -0.29
N GLY A 10 -5.05 12.37 -0.64
CA GLY A 10 -5.90 12.12 -1.80
C GLY A 10 -5.08 12.05 -3.08
N ARG A 11 -3.79 11.82 -2.94
CA ARG A 11 -2.90 11.69 -4.09
C ARG A 11 -2.76 10.23 -4.52
N THR A 12 -3.10 9.95 -5.78
CA THR A 12 -3.09 8.59 -6.29
C THR A 12 -1.82 8.30 -7.07
N ILE A 13 -1.14 7.22 -6.70
CA ILE A 13 0.03 6.77 -7.45
C ILE A 13 -0.16 5.35 -7.98
N THR A 14 0.62 4.99 -8.98
CA THR A 14 0.53 3.66 -9.59
C THR A 14 1.82 2.88 -9.40
N LEU A 15 1.70 1.65 -8.90
CA LEU A 15 2.86 0.82 -8.64
C LEU A 15 2.80 -0.48 -9.45
N GLU A 16 3.95 -0.89 -9.96
CA GLU A 16 4.05 -2.16 -10.68
C GLU A 16 4.48 -3.29 -9.74
N VAL A 17 3.55 -4.20 -9.46
CA VAL A 17 3.77 -5.24 -8.46
C VAL A 17 3.38 -6.61 -8.99
N GLU A 18 3.55 -7.63 -8.17
CA GLU A 18 3.02 -8.95 -8.47
C GLU A 18 2.23 -9.51 -7.29
N PRO A 19 1.29 -10.41 -7.58
CA PRO A 19 0.44 -10.99 -6.55
C PRO A 19 1.28 -11.61 -5.43
N SER A 20 2.45 -12.12 -5.79
CA SER A 20 3.28 -12.86 -4.84
C SER A 20 4.17 -11.92 -4.04
N ASP A 21 4.09 -10.63 -4.35
CA ASP A 21 4.88 -9.62 -3.65
C ASP A 21 4.29 -9.30 -2.30
N THR A 22 5.15 -9.04 -1.31
CA THR A 22 4.71 -8.72 0.03
C THR A 22 4.18 -7.28 0.11
N ILE A 23 3.34 -7.03 1.11
CA ILE A 23 2.88 -5.68 1.39
C ILE A 23 4.04 -4.79 1.86
N GLU A 24 5.02 -5.40 2.50
CA GLU A 24 6.26 -4.73 2.84
C GLU A 24 6.91 -4.12 1.59
N ASN A 25 6.99 -4.92 0.53
CA ASN A 25 7.53 -4.45 -0.74
C ASN A 25 6.71 -3.29 -1.29
N VAL A 26 5.39 -3.42 -1.22
CA VAL A 26 4.50 -2.35 -1.66
C VAL A 26 4.74 -1.07 -0.87
N ARG A 27 4.90 -1.21 0.44
CA ARG A 27 5.16 -0.07 1.30
C ARG A 27 6.45 0.65 0.90
N ALA A 28 7.48 -0.13 0.59
CA ALA A 28 8.74 0.42 0.09
C ALA A 28 8.53 1.16 -1.22
N ARG A 29 7.76 0.57 -2.13
CA ARG A 29 7.47 1.17 -3.42
C ARG A 29 6.72 2.48 -3.26
N ILE A 30 5.85 2.54 -2.24
CA ILE A 30 5.15 3.77 -1.90
C ILE A 30 6.11 4.84 -1.41
N GLN A 31 7.01 4.44 -0.51
CA GLN A 31 8.01 5.35 0.03
C GLN A 31 8.90 5.91 -1.08
N ASP A 32 9.17 5.08 -2.07
CA ASP A 32 10.01 5.48 -3.20
C ASP A 32 9.41 6.67 -3.93
N ARG A 33 8.10 6.80 -3.86
CA ARG A 33 7.38 7.83 -4.62
C ARG A 33 7.04 9.01 -3.72
N GLU A 34 6.44 8.72 -2.57
CA GLU A 34 5.92 9.77 -1.69
C GLU A 34 6.97 10.23 -0.69
N GLY A 35 7.89 9.32 -0.35
CA GLY A 35 8.91 9.62 0.63
C GLY A 35 8.42 9.32 2.05
N ILE A 36 7.32 8.57 2.14
CA ILE A 36 6.72 8.24 3.43
C ILE A 36 7.29 6.93 3.97
N PRO A 37 7.93 7.00 5.12
CA PRO A 37 8.48 5.81 5.77
C PRO A 37 7.41 4.73 5.93
N PRO A 38 7.76 3.50 5.57
CA PRO A 38 6.84 2.38 5.68
C PRO A 38 6.28 2.27 7.09
N ASP A 39 7.10 2.61 8.08
CA ASP A 39 6.70 2.49 9.47
C ASP A 39 5.62 3.50 9.83
N GLN A 40 5.49 4.53 9.00
CA GLN A 40 4.49 5.57 9.22
C GLN A 40 3.27 5.36 8.34
N GLN A 41 3.28 4.27 7.57
CA GLN A 41 2.19 3.95 6.67
C GLN A 41 1.17 3.04 7.32
N ARG A 42 -0.11 3.37 7.17
CA ARG A 42 -1.19 2.43 7.47
C ARG A 42 -2.00 2.10 6.23
N LEU A 43 -1.81 0.89 5.71
CA LEU A 43 -2.44 0.48 4.45
C LEU A 43 -3.71 -0.31 4.71
N ILE A 44 -4.80 0.11 4.08
CA ILE A 44 -6.09 -0.55 4.25
C ILE A 44 -6.69 -0.93 2.90
N PHE A 45 -7.21 -2.16 2.81
CA PHE A 45 -7.87 -2.62 1.60
C PHE A 45 -9.14 -3.40 1.94
N ALA A 46 -10.27 -2.93 1.42
CA ALA A 46 -11.56 -3.56 1.70
C ALA A 46 -11.86 -3.54 3.20
N GLY A 47 -11.31 -2.55 3.90
CA GLY A 47 -11.57 -2.38 5.32
C GLY A 47 -10.64 -3.25 6.15
N ARG A 48 -9.72 -3.94 5.49
CA ARG A 48 -8.78 -4.83 6.16
C ARG A 48 -7.38 -4.24 6.17
N GLN A 49 -6.73 -4.31 7.33
CA GLN A 49 -5.35 -3.84 7.46
C GLN A 49 -4.39 -4.76 6.72
N LEU A 50 -3.49 -4.16 5.95
CA LEU A 50 -2.55 -4.92 5.14
C LEU A 50 -1.23 -5.15 5.88
N GLU A 51 -1.10 -6.30 6.51
CA GLU A 51 0.12 -6.67 7.22
C GLU A 51 1.30 -6.79 6.26
N ASP A 52 2.41 -6.16 6.62
CA ASP A 52 3.56 -6.06 5.72
C ASP A 52 4.12 -7.43 5.38
N GLY A 53 3.95 -8.37 6.30
CA GLY A 53 4.54 -9.70 6.14
C GLY A 53 3.71 -10.56 5.19
N ARG A 54 2.47 -10.14 4.95
CA ARG A 54 1.57 -10.88 4.06
C ARG A 54 1.64 -10.33 2.64
N THR A 55 1.20 -11.15 1.68
CA THR A 55 1.33 -10.80 0.27
C THR A 55 0.08 -10.11 -0.25
N LEU A 56 0.17 -9.56 -1.46
CA LEU A 56 -0.98 -8.99 -2.12
C LEU A 56 -2.05 -10.04 -2.40
N SER A 57 -1.61 -11.22 -2.81
CA SER A 57 -2.51 -12.32 -3.10
C SER A 57 -3.26 -12.77 -1.86
N ASP A 58 -2.61 -12.62 -0.70
CA ASP A 58 -3.22 -12.99 0.57
C ASP A 58 -4.49 -12.18 0.82
N TYR A 59 -4.52 -10.96 0.29
CA TYR A 59 -5.66 -10.07 0.50
C TYR A 59 -6.51 -9.97 -0.77
N ASN A 60 -6.28 -10.87 -1.71
CA ASN A 60 -7.02 -10.88 -2.97
C ASN A 60 -6.93 -9.54 -3.67
N ILE A 61 -5.74 -8.94 -3.66
CA ILE A 61 -5.51 -7.68 -4.36
C ILE A 61 -5.05 -7.91 -5.78
N GLN A 62 -5.79 -7.32 -6.73
CA GLN A 62 -5.58 -7.61 -8.15
C GLN A 62 -5.22 -6.35 -8.91
N ARG A 63 -5.13 -6.47 -10.24
CA ARG A 63 -4.84 -5.33 -11.09
C ARG A 63 -5.92 -4.26 -10.96
N GLU A 64 -5.51 -3.00 -10.92
CA GLU A 64 -6.44 -1.88 -10.80
C GLU A 64 -7.17 -1.91 -9.47
N SER A 65 -6.52 -2.46 -8.45
CA SER A 65 -7.03 -2.39 -7.09
C SER A 65 -6.52 -1.15 -6.37
N THR A 66 -7.40 -0.51 -5.60
CA THR A 66 -7.07 0.74 -4.93
C THR A 66 -6.79 0.51 -3.45
N LEU A 67 -5.51 0.61 -3.07
CA LEU A 67 -5.12 0.54 -1.67
C LEU A 67 -5.13 1.92 -1.02
N HIS A 68 -5.73 2.00 0.16
CA HIS A 68 -5.87 3.28 0.85
C HIS A 68 -4.79 3.47 1.91
N LEU A 69 -4.09 4.59 1.83
CA LEU A 69 -2.98 4.87 2.73
C LEU A 69 -3.34 5.97 3.73
N VAL A 70 -3.29 5.64 5.01
CA VAL A 70 -3.44 6.63 6.07
C VAL A 70 -2.12 6.87 6.79
N LEU A 71 -1.86 8.14 7.11
CA LEU A 71 -0.65 8.50 7.84
C LEU A 71 -0.79 8.15 9.32
N ARG A 72 0.26 7.54 9.87
CA ARG A 72 0.31 7.24 11.29
C ARG A 72 0.84 8.42 12.09
N LEU A 73 1.16 9.51 11.39
CA LEU A 73 1.59 10.74 12.04
C LEU A 73 0.48 11.34 12.88
N ARG A 74 0.85 12.12 13.89
CA ARG A 74 -0.12 12.77 14.76
C ARG A 74 -1.03 13.70 13.98
N GLY A 75 -2.33 13.42 14.02
CA GLY A 75 -3.31 14.22 13.30
C GLY A 75 -3.68 13.57 11.97
N GLY A 76 -3.00 12.48 11.64
CA GLY A 76 -3.27 11.76 10.41
C GLY A 76 -4.42 10.78 10.58
N MET A 1 1.12 -6.72 -12.89
CA MET A 1 -0.06 -6.25 -12.18
C MET A 1 0.16 -4.85 -11.61
N GLN A 2 -0.62 -3.89 -12.11
CA GLN A 2 -0.52 -2.51 -11.63
C GLN A 2 -1.63 -2.20 -10.64
N ILE A 3 -1.25 -1.63 -9.50
CA ILE A 3 -2.21 -1.24 -8.47
C ILE A 3 -2.14 0.25 -8.21
N PHE A 4 -3.21 0.79 -7.62
CA PHE A 4 -3.30 2.22 -7.35
C PHE A 4 -3.38 2.49 -5.85
N VAL A 5 -2.41 3.24 -5.34
CA VAL A 5 -2.37 3.58 -3.92
C VAL A 5 -2.70 5.05 -3.70
N ARG A 6 -3.76 5.32 -2.96
CA ARG A 6 -4.17 6.68 -2.64
C ARG A 6 -3.84 7.03 -1.20
N THR A 7 -3.06 8.09 -1.00
CA THR A 7 -2.65 8.51 0.34
C THR A 7 -3.66 9.46 0.96
N LEU A 8 -3.35 9.94 2.15
CA LEU A 8 -4.31 10.71 2.94
C LEU A 8 -4.56 12.07 2.31
N THR A 9 -3.57 12.59 1.58
CA THR A 9 -3.69 13.88 0.93
C THR A 9 -4.49 13.78 -0.37
N GLY A 10 -4.84 12.55 -0.74
CA GLY A 10 -5.70 12.32 -1.90
C GLY A 10 -4.88 12.00 -3.14
N ARG A 11 -3.55 12.06 -3.00
CA ARG A 11 -2.65 11.77 -4.11
C ARG A 11 -2.65 10.28 -4.43
N THR A 12 -2.81 9.97 -5.72
CA THR A 12 -2.83 8.58 -6.15
C THR A 12 -1.58 8.24 -6.96
N ILE A 13 -0.92 7.14 -6.59
CA ILE A 13 0.27 6.68 -7.31
C ILE A 13 0.07 5.27 -7.85
N THR A 14 0.82 4.93 -8.89
CA THR A 14 0.69 3.64 -9.54
C THR A 14 1.90 2.75 -9.28
N LEU A 15 1.65 1.59 -8.68
CA LEU A 15 2.72 0.66 -8.34
C LEU A 15 2.71 -0.55 -9.27
N GLU A 16 3.88 -0.92 -9.78
CA GLU A 16 4.04 -2.14 -10.54
C GLU A 16 4.45 -3.30 -9.64
N VAL A 17 3.53 -4.22 -9.39
CA VAL A 17 3.72 -5.25 -8.37
C VAL A 17 3.29 -6.61 -8.89
N GLU A 18 3.43 -7.63 -8.04
CA GLU A 18 2.90 -8.95 -8.34
C GLU A 18 2.10 -9.49 -7.16
N PRO A 19 1.17 -10.40 -7.46
CA PRO A 19 0.31 -10.98 -6.43
C PRO A 19 1.14 -11.58 -5.29
N SER A 20 2.31 -12.10 -5.64
CA SER A 20 3.13 -12.82 -4.68
C SER A 20 4.05 -11.88 -3.91
N ASP A 21 3.99 -10.60 -4.25
CA ASP A 21 4.80 -9.58 -3.57
C ASP A 21 4.24 -9.26 -2.19
N THR A 22 5.13 -9.08 -1.23
CA THR A 22 4.74 -8.78 0.15
C THR A 22 4.27 -7.32 0.27
N ILE A 23 3.52 -7.05 1.32
CA ILE A 23 3.12 -5.68 1.64
C ILE A 23 4.33 -4.82 1.98
N GLU A 24 5.35 -5.45 2.54
CA GLU A 24 6.61 -4.76 2.80
C GLU A 24 7.17 -4.14 1.54
N ASN A 25 7.18 -4.90 0.45
CA ASN A 25 7.64 -4.41 -0.84
C ASN A 25 6.78 -3.25 -1.32
N VAL A 26 5.47 -3.38 -1.13
CA VAL A 26 4.54 -2.32 -1.50
C VAL A 26 4.86 -1.02 -0.76
N ARG A 27 5.09 -1.14 0.55
CA ARG A 27 5.40 0.02 1.37
C ARG A 27 6.66 0.73 0.86
N ALA A 28 7.66 -0.04 0.50
CA ALA A 28 8.89 0.50 -0.06
C ALA A 28 8.62 1.24 -1.37
N ARG A 29 7.84 0.61 -2.24
CA ARG A 29 7.51 1.20 -3.53
C ARG A 29 6.73 2.50 -3.36
N ILE A 30 5.91 2.56 -2.31
CA ILE A 30 5.22 3.79 -1.96
C ILE A 30 6.18 4.86 -1.49
N GLN A 31 7.08 4.49 -0.58
CA GLN A 31 8.05 5.41 -0.03
C GLN A 31 8.95 5.98 -1.13
N ASP A 32 9.17 5.19 -2.18
CA ASP A 32 9.96 5.63 -3.32
C ASP A 32 9.25 6.75 -4.07
N ARG A 33 7.92 6.72 -4.04
CA ARG A 33 7.13 7.66 -4.85
C ARG A 33 6.59 8.80 -4.01
N GLU A 34 6.52 8.58 -2.69
CA GLU A 34 5.94 9.55 -1.79
C GLU A 34 6.99 10.15 -0.86
N GLY A 35 7.94 9.31 -0.43
CA GLY A 35 8.93 9.73 0.56
C GLY A 35 8.43 9.47 1.98
N ILE A 36 7.35 8.70 2.09
CA ILE A 36 6.76 8.40 3.38
C ILE A 36 7.32 7.11 3.96
N PRO A 37 7.95 7.20 5.13
CA PRO A 37 8.50 6.03 5.80
C PRO A 37 7.43 4.96 5.98
N PRO A 38 7.81 3.71 5.70
CA PRO A 38 6.88 2.59 5.83
C PRO A 38 6.27 2.55 7.22
N ASP A 39 7.05 2.96 8.22
CA ASP A 39 6.60 2.89 9.61
C ASP A 39 5.49 3.91 9.89
N GLN A 40 5.37 4.89 9.00
CA GLN A 40 4.34 5.92 9.14
C GLN A 40 3.14 5.61 8.26
N GLN A 41 3.22 4.51 7.52
CA GLN A 41 2.15 4.12 6.60
C GLN A 41 1.17 3.17 7.28
N ARG A 42 -0.12 3.48 7.15
CA ARG A 42 -1.17 2.50 7.44
C ARG A 42 -1.92 2.12 6.16
N LEU A 43 -1.71 0.88 5.71
CA LEU A 43 -2.31 0.42 4.46
C LEU A 43 -3.55 -0.41 4.73
N ILE A 44 -4.65 -0.06 4.07
CA ILE A 44 -5.91 -0.78 4.23
C ILE A 44 -6.49 -1.18 2.88
N PHE A 45 -7.04 -2.39 2.81
CA PHE A 45 -7.72 -2.85 1.61
C PHE A 45 -8.94 -3.70 1.95
N ALA A 46 -10.11 -3.27 1.50
CA ALA A 46 -11.36 -3.97 1.76
C ALA A 46 -11.63 -4.06 3.26
N GLY A 47 -11.13 -3.08 4.01
CA GLY A 47 -11.38 -3.02 5.44
C GLY A 47 -10.35 -3.85 6.21
N ARG A 48 -9.45 -4.50 5.48
CA ARG A 48 -8.42 -5.32 6.10
C ARG A 48 -7.09 -4.58 6.16
N GLN A 49 -6.48 -4.57 7.34
CA GLN A 49 -5.15 -4.00 7.51
C GLN A 49 -4.09 -4.84 6.83
N LEU A 50 -3.25 -4.19 6.02
CA LEU A 50 -2.24 -4.89 5.24
C LEU A 50 -0.97 -5.13 6.05
N GLU A 51 -0.57 -6.39 6.17
CA GLU A 51 0.55 -6.77 7.00
C GLU A 51 1.75 -7.17 6.16
N ASP A 52 2.95 -6.79 6.61
CA ASP A 52 4.16 -7.03 5.86
C ASP A 52 4.44 -8.53 5.71
N GLY A 53 3.95 -9.31 6.66
CA GLY A 53 4.15 -10.76 6.64
C GLY A 53 3.25 -11.42 5.61
N ARG A 54 2.32 -10.66 5.05
CA ARG A 54 1.39 -11.18 4.06
C ARG A 54 1.63 -10.56 2.69
N THR A 55 1.03 -11.16 1.67
CA THR A 55 1.23 -10.72 0.29
C THR A 55 -0.04 -10.14 -0.29
N LEU A 56 0.08 -9.49 -1.45
CA LEU A 56 -1.07 -8.87 -2.10
C LEU A 56 -2.15 -9.90 -2.40
N SER A 57 -1.73 -11.11 -2.75
CA SER A 57 -2.66 -12.18 -3.05
C SER A 57 -3.51 -12.55 -1.84
N ASP A 58 -2.96 -12.32 -0.65
CA ASP A 58 -3.64 -12.67 0.59
C ASP A 58 -4.84 -11.77 0.83
N TYR A 59 -4.82 -10.57 0.24
CA TYR A 59 -5.92 -9.63 0.37
C TYR A 59 -6.73 -9.55 -0.91
N ASN A 60 -6.49 -10.49 -1.82
CA ASN A 60 -7.19 -10.51 -3.11
C ASN A 60 -7.02 -9.20 -3.85
N ILE A 61 -5.80 -8.66 -3.83
CA ILE A 61 -5.51 -7.42 -4.53
C ILE A 61 -5.06 -7.69 -5.97
N GLN A 62 -5.80 -7.13 -6.92
CA GLN A 62 -5.59 -7.43 -8.33
C GLN A 62 -5.23 -6.18 -9.12
N ARG A 63 -5.14 -6.32 -10.43
CA ARG A 63 -4.88 -5.18 -11.31
C ARG A 63 -5.99 -4.13 -11.20
N GLU A 64 -5.60 -2.87 -11.18
CA GLU A 64 -6.55 -1.77 -11.02
C GLU A 64 -7.33 -1.90 -9.71
N SER A 65 -6.61 -2.24 -8.65
CA SER A 65 -7.19 -2.26 -7.31
C SER A 65 -6.79 -1.02 -6.51
N THR A 66 -7.71 -0.54 -5.68
CA THR A 66 -7.49 0.70 -4.95
C THR A 66 -7.06 0.41 -3.50
N LEU A 67 -5.80 0.68 -3.20
CA LEU A 67 -5.30 0.58 -1.84
C LEU A 67 -5.41 1.92 -1.11
N HIS A 68 -5.73 1.87 0.18
CA HIS A 68 -5.92 3.07 0.97
C HIS A 68 -4.75 3.28 1.93
N LEU A 69 -4.09 4.42 1.81
CA LEU A 69 -2.95 4.74 2.66
C LEU A 69 -3.26 5.91 3.59
N VAL A 70 -3.17 5.66 4.89
CA VAL A 70 -3.42 6.70 5.89
C VAL A 70 -2.15 7.04 6.66
N LEU A 71 -1.96 8.31 6.94
CA LEU A 71 -0.78 8.77 7.67
C LEU A 71 -0.95 8.52 9.17
N ARG A 72 -0.01 7.78 9.75
CA ARG A 72 -0.10 7.39 11.16
C ARG A 72 0.21 8.57 12.07
N LEU A 73 0.80 9.62 11.50
CA LEU A 73 1.09 10.84 12.24
C LEU A 73 -0.10 11.79 12.20
N ARG A 74 -1.12 11.44 11.42
CA ARG A 74 -2.31 12.27 11.27
C ARG A 74 -3.52 11.62 11.94
N GLY A 75 -3.30 10.44 12.51
CA GLY A 75 -4.36 9.74 13.25
C GLY A 75 -4.47 8.29 12.79
N GLY A 76 -3.74 7.95 11.74
CA GLY A 76 -3.74 6.59 11.23
C GLY A 76 -3.43 5.58 12.33
N MET A 1 1.29 -7.06 -12.56
CA MET A 1 0.07 -6.52 -11.99
C MET A 1 0.25 -5.08 -11.54
N GLN A 2 -0.63 -4.20 -12.00
CA GLN A 2 -0.61 -2.80 -11.59
C GLN A 2 -1.65 -2.53 -10.51
N ILE A 3 -1.27 -1.77 -9.50
CA ILE A 3 -2.18 -1.39 -8.44
C ILE A 3 -2.16 0.12 -8.20
N PHE A 4 -3.21 0.63 -7.57
CA PHE A 4 -3.29 2.05 -7.24
C PHE A 4 -3.32 2.25 -5.72
N VAL A 5 -2.63 3.27 -5.24
CA VAL A 5 -2.66 3.63 -3.83
C VAL A 5 -3.08 5.08 -3.64
N ARG A 6 -4.14 5.27 -2.87
CA ARG A 6 -4.67 6.62 -2.61
C ARG A 6 -4.13 7.16 -1.29
N THR A 7 -3.43 8.29 -1.35
CA THR A 7 -2.84 8.90 -0.17
C THR A 7 -3.84 9.75 0.57
N LEU A 8 -3.42 10.31 1.69
CA LEU A 8 -4.28 11.18 2.50
C LEU A 8 -4.66 12.44 1.73
N THR A 9 -3.83 12.81 0.76
CA THR A 9 -4.05 14.02 -0.02
C THR A 9 -4.93 13.74 -1.23
N GLY A 10 -5.28 12.47 -1.43
CA GLY A 10 -6.12 12.08 -2.54
C GLY A 10 -5.30 11.79 -3.79
N ARG A 11 -3.98 11.84 -3.64
CA ARG A 11 -3.07 11.56 -4.75
C ARG A 11 -3.08 10.08 -5.10
N THR A 12 -3.13 9.79 -6.40
CA THR A 12 -3.16 8.41 -6.87
C THR A 12 -1.76 7.95 -7.29
N ILE A 13 -1.23 6.97 -6.56
CA ILE A 13 0.07 6.39 -6.89
C ILE A 13 -0.09 5.08 -7.65
N THR A 14 0.48 5.03 -8.86
CA THR A 14 0.44 3.83 -9.68
C THR A 14 1.70 3.00 -9.50
N LEU A 15 1.54 1.79 -8.96
CA LEU A 15 2.67 0.92 -8.68
C LEU A 15 2.65 -0.32 -9.56
N GLU A 16 3.81 -0.68 -10.09
CA GLU A 16 3.96 -1.95 -10.80
C GLU A 16 4.48 -3.04 -9.88
N VAL A 17 3.61 -3.99 -9.56
CA VAL A 17 3.90 -4.98 -8.53
C VAL A 17 3.59 -6.40 -9.01
N GLU A 18 3.77 -7.37 -8.13
CA GLU A 18 3.29 -8.72 -8.38
C GLU A 18 2.46 -9.24 -7.21
N PRO A 19 1.56 -10.18 -7.50
CA PRO A 19 0.71 -10.76 -6.48
C PRO A 19 1.53 -11.33 -5.33
N SER A 20 2.73 -11.81 -5.65
CA SER A 20 3.57 -12.50 -4.67
C SER A 20 4.39 -11.51 -3.86
N ASP A 21 4.28 -10.23 -4.21
CA ASP A 21 5.01 -9.18 -3.50
C ASP A 21 4.37 -8.88 -2.15
N THR A 22 5.21 -8.64 -1.15
CA THR A 22 4.73 -8.36 0.20
C THR A 22 4.16 -6.95 0.31
N ILE A 23 3.32 -6.73 1.31
CA ILE A 23 2.81 -5.39 1.61
C ILE A 23 3.94 -4.45 2.04
N GLU A 24 4.96 -5.02 2.67
CA GLU A 24 6.17 -4.27 2.98
C GLU A 24 6.82 -3.71 1.72
N ASN A 25 6.92 -4.55 0.69
CA ASN A 25 7.47 -4.12 -0.59
C ASN A 25 6.64 -3.01 -1.20
N VAL A 26 5.31 -3.15 -1.12
CA VAL A 26 4.41 -2.12 -1.61
C VAL A 26 4.66 -0.79 -0.91
N ARG A 27 4.75 -0.83 0.42
CA ARG A 27 4.99 0.38 1.21
C ARG A 27 6.33 1.00 0.87
N ALA A 28 7.33 0.15 0.60
CA ALA A 28 8.63 0.63 0.18
C ALA A 28 8.55 1.36 -1.15
N ARG A 29 7.80 0.80 -2.10
CA ARG A 29 7.58 1.43 -3.38
C ARG A 29 6.88 2.78 -3.23
N ILE A 30 5.97 2.86 -2.26
CA ILE A 30 5.32 4.13 -1.93
C ILE A 30 6.32 5.12 -1.37
N GLN A 31 7.18 4.66 -0.47
CA GLN A 31 8.21 5.50 0.12
C GLN A 31 9.10 6.11 -0.94
N ASP A 32 9.37 5.36 -1.99
CA ASP A 32 10.16 5.85 -3.12
C ASP A 32 9.45 7.04 -3.79
N ARG A 33 8.12 7.02 -3.76
CA ARG A 33 7.34 8.02 -4.47
C ARG A 33 7.06 9.23 -3.57
N GLU A 34 6.91 8.98 -2.29
CA GLU A 34 6.50 10.02 -1.35
C GLU A 34 7.65 10.40 -0.41
N GLY A 35 8.32 9.39 0.13
CA GLY A 35 9.38 9.62 1.10
C GLY A 35 8.91 9.31 2.52
N ILE A 36 7.80 8.58 2.62
CA ILE A 36 7.24 8.20 3.92
C ILE A 36 7.71 6.81 4.33
N PRO A 37 8.36 6.74 5.49
CA PRO A 37 8.82 5.46 6.02
C PRO A 37 7.70 4.44 6.07
N PRO A 38 7.96 3.25 5.54
CA PRO A 38 6.99 2.16 5.56
C PRO A 38 6.50 1.90 6.98
N ASP A 39 7.37 2.11 7.95
CA ASP A 39 7.02 1.89 9.35
C ASP A 39 5.87 2.81 9.77
N GLN A 40 5.78 3.97 9.14
CA GLN A 40 4.75 4.94 9.47
C GLN A 40 3.51 4.75 8.61
N GLN A 41 3.65 3.99 7.53
CA GLN A 41 2.56 3.75 6.60
C GLN A 41 1.61 2.68 7.13
N ARG A 42 0.31 2.90 6.95
CA ARG A 42 -0.68 1.85 7.13
C ARG A 42 -1.60 1.74 5.91
N LEU A 43 -1.64 0.54 5.32
CA LEU A 43 -2.45 0.31 4.14
C LEU A 43 -3.73 -0.44 4.48
N ILE A 44 -4.86 0.03 3.93
CA ILE A 44 -6.14 -0.62 4.16
C ILE A 44 -6.80 -1.02 2.84
N PHE A 45 -7.38 -2.21 2.81
CA PHE A 45 -8.05 -2.72 1.61
C PHE A 45 -9.39 -3.35 1.95
N ALA A 46 -10.47 -2.71 1.49
CA ALA A 46 -11.81 -3.21 1.76
C ALA A 46 -12.10 -3.24 3.25
N GLY A 47 -11.45 -2.36 4.00
CA GLY A 47 -11.69 -2.23 5.44
C GLY A 47 -10.71 -3.10 6.22
N ARG A 48 -9.91 -3.89 5.51
CA ARG A 48 -8.97 -4.81 6.14
C ARG A 48 -7.56 -4.23 6.15
N GLN A 49 -6.93 -4.26 7.32
CA GLN A 49 -5.54 -3.82 7.46
C GLN A 49 -4.59 -4.78 6.77
N LEU A 50 -3.71 -4.24 5.93
CA LEU A 50 -2.73 -5.06 5.21
C LEU A 50 -1.46 -5.24 6.03
N GLU A 51 -1.07 -6.49 6.22
CA GLU A 51 0.10 -6.81 7.04
C GLU A 51 1.35 -6.94 6.18
N ASP A 52 2.48 -6.44 6.71
CA ASP A 52 3.73 -6.48 5.99
C ASP A 52 4.20 -7.92 5.77
N GLY A 53 3.80 -8.81 6.66
CA GLY A 53 4.20 -10.20 6.59
C GLY A 53 3.35 -10.98 5.60
N ARG A 54 2.38 -10.30 5.01
CA ARG A 54 1.50 -10.92 4.02
C ARG A 54 1.69 -10.28 2.65
N THR A 55 1.25 -11.01 1.62
CA THR A 55 1.41 -10.54 0.24
C THR A 55 0.13 -9.93 -0.29
N LEU A 56 0.20 -9.35 -1.49
CA LEU A 56 -0.99 -8.86 -2.17
C LEU A 56 -1.96 -9.98 -2.49
N SER A 57 -1.42 -11.13 -2.87
CA SER A 57 -2.24 -12.29 -3.21
C SER A 57 -2.93 -12.86 -1.98
N ASP A 58 -2.30 -12.68 -0.82
CA ASP A 58 -2.88 -13.15 0.44
C ASP A 58 -4.19 -12.44 0.74
N TYR A 59 -4.32 -11.21 0.28
CA TYR A 59 -5.54 -10.44 0.46
C TYR A 59 -6.42 -10.49 -0.79
N ASN A 60 -6.03 -11.31 -1.75
CA ASN A 60 -6.75 -11.43 -3.01
C ASN A 60 -6.90 -10.07 -3.68
N ILE A 61 -5.84 -9.26 -3.63
CA ILE A 61 -5.86 -7.93 -4.22
C ILE A 61 -5.64 -8.01 -5.73
N GLN A 62 -6.57 -7.44 -6.48
CA GLN A 62 -6.61 -7.63 -7.93
C GLN A 62 -5.96 -6.46 -8.65
N ARG A 63 -5.78 -6.60 -9.97
CA ARG A 63 -5.20 -5.55 -10.78
C ARG A 63 -6.16 -4.37 -10.92
N GLU A 64 -5.60 -3.17 -10.96
CA GLU A 64 -6.40 -1.95 -11.00
C GLU A 64 -7.29 -1.83 -9.77
N SER A 65 -6.75 -2.23 -8.62
CA SER A 65 -7.46 -2.07 -7.35
C SER A 65 -6.98 -0.81 -6.62
N THR A 66 -7.79 -0.34 -5.68
CA THR A 66 -7.50 0.89 -4.96
C THR A 66 -7.20 0.62 -3.49
N LEU A 67 -5.92 0.69 -3.12
CA LEU A 67 -5.53 0.63 -1.73
C LEU A 67 -5.65 2.00 -1.06
N HIS A 68 -5.92 1.99 0.24
CA HIS A 68 -6.05 3.23 1.00
C HIS A 68 -4.86 3.41 1.94
N LEU A 69 -4.12 4.50 1.76
CA LEU A 69 -2.93 4.76 2.55
C LEU A 69 -3.18 5.84 3.59
N VAL A 70 -2.89 5.52 4.84
CA VAL A 70 -2.93 6.51 5.92
C VAL A 70 -1.61 6.58 6.66
N LEU A 71 -1.41 7.67 7.40
CA LEU A 71 -0.13 7.93 8.06
C LEU A 71 -0.27 7.89 9.57
N ARG A 72 0.41 6.94 10.20
CA ARG A 72 0.43 6.86 11.66
C ARG A 72 -0.99 6.92 12.23
N LEU A 73 -1.88 6.09 11.70
CA LEU A 73 -3.25 6.03 12.16
C LEU A 73 -3.35 5.32 13.51
N ARG A 74 -3.95 6.01 14.48
CA ARG A 74 -4.11 5.45 15.81
C ARG A 74 -5.53 4.91 16.02
N GLY A 75 -5.68 3.96 16.93
CA GLY A 75 -6.98 3.40 17.25
C GLY A 75 -7.12 1.98 16.70
N GLY A 76 -6.26 1.63 15.76
CA GLY A 76 -6.28 0.31 15.15
C GLY A 76 -7.35 0.21 14.08
N MET A 1 1.22 -6.76 -12.80
CA MET A 1 0.04 -6.27 -12.11
C MET A 1 0.27 -4.86 -11.56
N GLN A 2 -0.48 -3.90 -12.07
CA GLN A 2 -0.40 -2.53 -11.59
C GLN A 2 -1.53 -2.21 -10.63
N ILE A 3 -1.18 -1.64 -9.48
CA ILE A 3 -2.16 -1.29 -8.46
C ILE A 3 -2.14 0.20 -8.16
N PHE A 4 -3.22 0.71 -7.58
CA PHE A 4 -3.32 2.12 -7.22
C PHE A 4 -3.30 2.29 -5.71
N VAL A 5 -2.63 3.34 -5.25
CA VAL A 5 -2.59 3.67 -3.83
C VAL A 5 -3.00 5.12 -3.59
N ARG A 6 -4.04 5.32 -2.80
CA ARG A 6 -4.48 6.66 -2.44
C ARG A 6 -3.94 7.06 -1.07
N THR A 7 -3.02 8.03 -1.07
CA THR A 7 -2.42 8.51 0.17
C THR A 7 -3.45 9.24 1.03
N LEU A 8 -3.10 9.48 2.28
CA LEU A 8 -3.96 10.23 3.19
C LEU A 8 -4.21 11.64 2.68
N THR A 9 -3.29 12.14 1.86
CA THR A 9 -3.38 13.49 1.33
C THR A 9 -4.17 13.53 0.03
N GLY A 10 -4.70 12.37 -0.36
CA GLY A 10 -5.58 12.29 -1.51
C GLY A 10 -4.79 12.19 -2.81
N ARG A 11 -3.53 11.78 -2.69
CA ARG A 11 -2.66 11.61 -3.85
C ARG A 11 -2.67 10.17 -4.35
N THR A 12 -3.11 9.98 -5.59
CA THR A 12 -3.19 8.65 -6.17
C THR A 12 -1.92 8.33 -6.97
N ILE A 13 -1.26 7.24 -6.59
CA ILE A 13 -0.07 6.80 -7.31
C ILE A 13 -0.24 5.37 -7.84
N THR A 14 0.53 5.03 -8.85
CA THR A 14 0.45 3.70 -9.47
C THR A 14 1.74 2.93 -9.24
N LEU A 15 1.61 1.69 -8.76
CA LEU A 15 2.76 0.85 -8.46
C LEU A 15 2.76 -0.41 -9.31
N GLU A 16 3.93 -0.77 -9.85
CA GLU A 16 4.09 -2.02 -10.56
C GLU A 16 4.51 -3.14 -9.62
N VAL A 17 3.59 -4.07 -9.36
CA VAL A 17 3.81 -5.08 -8.33
C VAL A 17 3.45 -6.47 -8.85
N GLU A 18 3.67 -7.48 -8.01
CA GLU A 18 3.17 -8.83 -8.29
C GLU A 18 2.38 -9.37 -7.11
N PRO A 19 1.48 -10.30 -7.39
CA PRO A 19 0.65 -10.91 -6.36
C PRO A 19 1.51 -11.49 -5.24
N SER A 20 2.70 -11.95 -5.59
CA SER A 20 3.58 -12.63 -4.64
C SER A 20 4.45 -11.65 -3.89
N ASP A 21 4.23 -10.36 -4.12
CA ASP A 21 4.99 -9.31 -3.44
C ASP A 21 4.35 -8.95 -2.11
N THR A 22 5.18 -8.69 -1.11
CA THR A 22 4.70 -8.39 0.24
C THR A 22 4.14 -6.98 0.32
N ILE A 23 3.27 -6.74 1.29
CA ILE A 23 2.78 -5.41 1.57
C ILE A 23 3.90 -4.49 2.03
N GLU A 24 4.89 -5.05 2.71
CA GLU A 24 6.11 -4.33 3.05
C GLU A 24 6.77 -3.77 1.79
N ASN A 25 6.88 -4.59 0.76
CA ASN A 25 7.47 -4.16 -0.51
C ASN A 25 6.63 -3.06 -1.16
N VAL A 26 5.30 -3.21 -1.10
CA VAL A 26 4.40 -2.19 -1.60
C VAL A 26 4.61 -0.87 -0.89
N ARG A 27 4.73 -0.92 0.44
CA ARG A 27 4.92 0.28 1.25
C ARG A 27 6.26 0.93 0.93
N ALA A 28 7.27 0.12 0.63
CA ALA A 28 8.55 0.62 0.18
C ALA A 28 8.43 1.34 -1.16
N ARG A 29 7.67 0.74 -2.07
CA ARG A 29 7.43 1.35 -3.38
C ARG A 29 6.68 2.67 -3.24
N ILE A 30 5.82 2.77 -2.24
CA ILE A 30 5.17 4.03 -1.90
C ILE A 30 6.19 5.05 -1.39
N GLN A 31 7.06 4.60 -0.49
CA GLN A 31 8.10 5.47 0.05
C GLN A 31 9.00 6.00 -1.05
N ASP A 32 9.15 5.22 -2.11
CA ASP A 32 9.97 5.63 -3.25
C ASP A 32 9.35 6.83 -3.97
N ARG A 33 8.03 6.94 -3.90
CA ARG A 33 7.30 7.96 -4.64
C ARG A 33 6.83 9.09 -3.74
N GLU A 34 6.78 8.81 -2.45
CA GLU A 34 6.28 9.79 -1.48
C GLU A 34 7.41 10.34 -0.63
N GLY A 35 8.34 9.47 -0.25
CA GLY A 35 9.42 9.84 0.66
C GLY A 35 9.02 9.58 2.11
N ILE A 36 7.90 8.88 2.29
CA ILE A 36 7.39 8.58 3.63
C ILE A 36 7.75 7.15 4.05
N PRO A 37 8.44 7.03 5.17
CA PRO A 37 8.88 5.73 5.66
C PRO A 37 7.72 4.74 5.72
N PRO A 38 7.98 3.50 5.34
CA PRO A 38 6.96 2.46 5.34
C PRO A 38 6.49 2.14 6.75
N ASP A 39 7.32 2.49 7.73
CA ASP A 39 6.96 2.32 9.13
C ASP A 39 5.90 3.31 9.55
N GLN A 40 5.74 4.37 8.76
CA GLN A 40 4.71 5.37 9.01
C GLN A 40 3.51 5.17 8.10
N GLN A 41 3.43 4.01 7.47
CA GLN A 41 2.36 3.71 6.52
C GLN A 41 1.47 2.59 7.03
N ARG A 42 0.16 2.79 6.93
CA ARG A 42 -0.79 1.71 7.14
C ARG A 42 -1.74 1.58 5.96
N LEU A 43 -1.73 0.42 5.32
CA LEU A 43 -2.53 0.17 4.13
C LEU A 43 -3.81 -0.59 4.47
N ILE A 44 -4.92 -0.17 3.87
CA ILE A 44 -6.20 -0.84 4.06
C ILE A 44 -6.86 -1.18 2.74
N PHE A 45 -7.41 -2.38 2.63
CA PHE A 45 -8.06 -2.82 1.40
C PHE A 45 -9.38 -3.52 1.71
N ALA A 46 -10.46 -3.02 1.12
CA ALA A 46 -11.78 -3.59 1.33
C ALA A 46 -12.19 -3.54 2.80
N GLY A 47 -11.67 -2.54 3.52
CA GLY A 47 -12.01 -2.35 4.92
C GLY A 47 -11.13 -3.22 5.82
N ARG A 48 -10.22 -3.98 5.20
CA ARG A 48 -9.34 -4.86 5.94
C ARG A 48 -7.91 -4.34 5.96
N GLN A 49 -7.39 -4.08 7.16
CA GLN A 49 -6.01 -3.65 7.31
C GLN A 49 -5.03 -4.69 6.78
N LEU A 50 -3.98 -4.23 6.11
CA LEU A 50 -3.01 -5.12 5.49
C LEU A 50 -1.75 -5.22 6.33
N GLU A 51 -1.28 -6.45 6.54
CA GLU A 51 -0.05 -6.69 7.28
C GLU A 51 1.16 -6.70 6.34
N ASP A 52 2.24 -6.05 6.78
CA ASP A 52 3.41 -5.86 5.93
C ASP A 52 4.04 -7.20 5.57
N GLY A 53 3.84 -8.20 6.42
CA GLY A 53 4.48 -9.50 6.25
C GLY A 53 3.71 -10.37 5.27
N ARG A 54 2.47 -9.97 4.98
CA ARG A 54 1.61 -10.72 4.08
C ARG A 54 1.67 -10.17 2.67
N THR A 55 1.28 -10.99 1.69
CA THR A 55 1.42 -10.62 0.28
C THR A 55 0.13 -10.01 -0.25
N LEU A 56 0.20 -9.46 -1.46
CA LEU A 56 -0.99 -8.96 -2.14
C LEU A 56 -1.97 -10.08 -2.44
N SER A 57 -1.44 -11.24 -2.81
CA SER A 57 -2.27 -12.39 -3.12
C SER A 57 -2.98 -12.91 -1.88
N ASP A 58 -2.35 -12.74 -0.72
CA ASP A 58 -2.93 -13.17 0.53
C ASP A 58 -4.27 -12.49 0.80
N TYR A 59 -4.41 -11.27 0.29
CA TYR A 59 -5.63 -10.49 0.48
C TYR A 59 -6.46 -10.43 -0.78
N ASN A 60 -6.12 -11.27 -1.75
CA ASN A 60 -6.86 -11.35 -3.01
C ASN A 60 -6.94 -9.98 -3.68
N ILE A 61 -5.83 -9.25 -3.67
CA ILE A 61 -5.78 -7.92 -4.27
C ILE A 61 -5.52 -8.01 -5.77
N GLN A 62 -6.42 -7.39 -6.56
CA GLN A 62 -6.46 -7.64 -7.99
C GLN A 62 -5.76 -6.53 -8.76
N ARG A 63 -5.61 -6.72 -10.06
CA ARG A 63 -5.03 -5.70 -10.94
C ARG A 63 -5.94 -4.48 -11.02
N GLU A 64 -5.33 -3.30 -11.03
CA GLU A 64 -6.08 -2.05 -11.07
C GLU A 64 -7.00 -1.91 -9.87
N SER A 65 -6.58 -2.46 -8.74
CA SER A 65 -7.30 -2.29 -7.49
C SER A 65 -6.90 -0.99 -6.79
N THR A 66 -7.71 -0.57 -5.82
CA THR A 66 -7.46 0.67 -5.09
C THR A 66 -7.18 0.40 -3.62
N LEU A 67 -5.93 0.57 -3.22
CA LEU A 67 -5.55 0.48 -1.82
C LEU A 67 -5.60 1.86 -1.15
N HIS A 68 -6.09 1.88 0.08
CA HIS A 68 -6.20 3.12 0.83
C HIS A 68 -5.08 3.25 1.87
N LEU A 69 -4.33 4.34 1.79
CA LEU A 69 -3.17 4.53 2.64
C LEU A 69 -3.43 5.57 3.72
N VAL A 70 -3.20 5.19 4.97
CA VAL A 70 -3.27 6.14 6.08
C VAL A 70 -1.89 6.42 6.65
N LEU A 71 -1.56 7.70 6.78
CA LEU A 71 -0.24 8.12 7.22
C LEU A 71 -0.18 8.29 8.73
N ARG A 72 0.91 7.86 9.34
CA ARG A 72 1.11 8.01 10.77
C ARG A 72 1.84 9.31 11.09
N LEU A 73 2.01 10.15 10.08
CA LEU A 73 2.74 11.40 10.24
C LEU A 73 1.93 12.41 11.06
N ARG A 74 2.63 13.21 11.85
CA ARG A 74 1.99 14.22 12.67
C ARG A 74 1.23 15.23 11.83
N GLY A 75 -0.08 15.32 12.05
CA GLY A 75 -0.92 16.26 11.31
C GLY A 75 -1.37 15.66 9.98
N GLY A 76 -1.03 14.40 9.76
CA GLY A 76 -1.40 13.71 8.53
C GLY A 76 -0.36 13.93 7.45
N MET A 1 0.92 -6.72 -12.78
CA MET A 1 -0.26 -6.26 -12.05
C MET A 1 -0.03 -4.85 -11.49
N GLN A 2 -0.64 -3.86 -12.13
CA GLN A 2 -0.57 -2.48 -11.65
C GLN A 2 -1.60 -2.22 -10.57
N ILE A 3 -1.22 -1.42 -9.57
CA ILE A 3 -2.14 -1.02 -8.51
C ILE A 3 -2.12 0.48 -8.30
N PHE A 4 -3.17 1.01 -7.68
CA PHE A 4 -3.28 2.43 -7.41
C PHE A 4 -3.35 2.72 -5.93
N VAL A 5 -2.42 3.52 -5.43
CA VAL A 5 -2.37 3.87 -4.01
C VAL A 5 -2.80 5.31 -3.79
N ARG A 6 -3.88 5.50 -3.04
CA ARG A 6 -4.38 6.83 -2.75
C ARG A 6 -4.02 7.26 -1.33
N THR A 7 -3.46 8.46 -1.20
CA THR A 7 -3.05 8.98 0.10
C THR A 7 -4.19 9.73 0.77
N LEU A 8 -3.90 10.32 1.93
CA LEU A 8 -4.89 11.10 2.66
C LEU A 8 -5.02 12.50 2.07
N THR A 9 -4.09 12.86 1.20
CA THR A 9 -4.07 14.19 0.61
C THR A 9 -4.74 14.19 -0.76
N GLY A 10 -5.28 13.05 -1.15
CA GLY A 10 -6.00 12.93 -2.41
C GLY A 10 -5.04 12.67 -3.57
N ARG A 11 -3.82 12.29 -3.24
CA ARG A 11 -2.81 11.99 -4.24
C ARG A 11 -2.80 10.49 -4.58
N THR A 12 -2.86 10.19 -5.88
CA THR A 12 -2.86 8.80 -6.33
C THR A 12 -1.60 8.48 -7.11
N ILE A 13 -0.94 7.38 -6.74
CA ILE A 13 0.23 6.91 -7.47
C ILE A 13 0.00 5.52 -8.03
N THR A 14 0.74 5.18 -9.08
CA THR A 14 0.60 3.88 -9.73
C THR A 14 1.86 3.04 -9.56
N LEU A 15 1.69 1.84 -9.01
CA LEU A 15 2.82 0.95 -8.74
C LEU A 15 2.68 -0.36 -9.51
N GLU A 16 3.81 -0.86 -10.00
CA GLU A 16 3.85 -2.17 -10.65
C GLU A 16 4.28 -3.26 -9.68
N VAL A 17 3.33 -4.13 -9.31
CA VAL A 17 3.57 -5.11 -8.27
C VAL A 17 3.17 -6.51 -8.73
N GLU A 18 3.39 -7.51 -7.88
CA GLU A 18 2.91 -8.85 -8.13
C GLU A 18 2.16 -9.40 -6.92
N PRO A 19 1.27 -10.36 -7.16
CA PRO A 19 0.49 -10.97 -6.09
C PRO A 19 1.39 -11.52 -5.00
N SER A 20 2.59 -11.95 -5.40
CA SER A 20 3.50 -12.62 -4.48
C SER A 20 4.37 -11.62 -3.73
N ASP A 21 4.20 -10.34 -4.05
CA ASP A 21 4.95 -9.28 -3.39
C ASP A 21 4.37 -8.98 -2.01
N THR A 22 5.25 -8.74 -1.05
CA THR A 22 4.82 -8.50 0.33
C THR A 22 4.26 -7.10 0.51
N ILE A 23 3.45 -6.92 1.54
CA ILE A 23 2.91 -5.60 1.87
C ILE A 23 4.03 -4.61 2.18
N GLU A 24 5.09 -5.10 2.80
CA GLU A 24 6.26 -4.27 3.10
C GLU A 24 6.92 -3.78 1.82
N ASN A 25 7.02 -4.65 0.83
CA ASN A 25 7.58 -4.29 -0.46
C ASN A 25 6.74 -3.22 -1.15
N VAL A 26 5.43 -3.36 -1.08
CA VAL A 26 4.51 -2.37 -1.61
C VAL A 26 4.69 -1.02 -0.92
N ARG A 27 4.78 -1.06 0.40
CA ARG A 27 4.97 0.16 1.18
C ARG A 27 6.28 0.85 0.83
N ALA A 28 7.30 0.06 0.53
CA ALA A 28 8.57 0.58 0.05
C ALA A 28 8.41 1.27 -1.30
N ARG A 29 7.70 0.60 -2.21
CA ARG A 29 7.42 1.18 -3.52
C ARG A 29 6.64 2.48 -3.41
N ILE A 30 5.79 2.56 -2.39
CA ILE A 30 5.07 3.80 -2.08
C ILE A 30 6.04 4.88 -1.60
N GLN A 31 6.92 4.52 -0.68
CA GLN A 31 7.90 5.46 -0.15
C GLN A 31 8.79 6.02 -1.25
N ASP A 32 9.01 5.22 -2.29
CA ASP A 32 9.81 5.66 -3.43
C ASP A 32 9.20 6.88 -4.10
N ARG A 33 7.89 7.00 -4.01
CA ARG A 33 7.16 8.05 -4.73
C ARG A 33 6.61 9.09 -3.77
N GLU A 34 6.49 8.72 -2.50
CA GLU A 34 5.88 9.59 -1.50
C GLU A 34 6.93 10.16 -0.56
N GLY A 35 7.87 9.31 -0.16
CA GLY A 35 8.92 9.72 0.77
C GLY A 35 8.52 9.43 2.21
N ILE A 36 7.44 8.67 2.37
CA ILE A 36 6.96 8.31 3.70
C ILE A 36 7.51 6.95 4.13
N PRO A 37 8.17 6.93 5.28
CA PRO A 37 8.73 5.70 5.83
C PRO A 37 7.68 4.59 5.86
N PRO A 38 8.03 3.43 5.32
CA PRO A 38 7.12 2.29 5.30
C PRO A 38 6.62 1.96 6.70
N ASP A 39 7.47 2.19 7.70
CA ASP A 39 7.12 1.90 9.09
C ASP A 39 5.98 2.80 9.57
N GLN A 40 5.80 3.92 8.89
CA GLN A 40 4.75 4.87 9.25
C GLN A 40 3.54 4.70 8.35
N GLN A 41 3.64 3.82 7.37
CA GLN A 41 2.55 3.58 6.42
C GLN A 41 1.62 2.49 6.92
N ARG A 42 0.32 2.71 6.75
CA ARG A 42 -0.67 1.68 7.02
C ARG A 42 -1.70 1.58 5.90
N LEU A 43 -1.79 0.41 5.28
CA LEU A 43 -2.60 0.23 4.09
C LEU A 43 -3.93 -0.45 4.43
N ILE A 44 -5.01 0.05 3.82
CA ILE A 44 -6.32 -0.58 3.97
C ILE A 44 -6.87 -1.03 2.63
N PHE A 45 -7.38 -2.26 2.59
CA PHE A 45 -8.00 -2.79 1.38
C PHE A 45 -9.28 -3.54 1.71
N ALA A 46 -10.39 -3.06 1.15
CA ALA A 46 -11.70 -3.65 1.43
C ALA A 46 -12.02 -3.61 2.92
N GLY A 47 -11.46 -2.62 3.61
CA GLY A 47 -11.73 -2.43 5.03
C GLY A 47 -10.77 -3.26 5.89
N ARG A 48 -9.89 -4.00 5.22
CA ARG A 48 -8.94 -4.87 5.91
C ARG A 48 -7.54 -4.26 5.93
N GLN A 49 -6.98 -4.15 7.14
CA GLN A 49 -5.63 -3.66 7.29
C GLN A 49 -4.60 -4.65 6.75
N LEU A 50 -3.67 -4.15 5.95
CA LEU A 50 -2.66 -5.01 5.33
C LEU A 50 -1.44 -5.16 6.23
N GLU A 51 -1.17 -6.38 6.67
CA GLU A 51 -0.08 -6.64 7.60
C GLU A 51 1.23 -6.93 6.86
N ASP A 52 2.34 -6.50 7.45
CA ASP A 52 3.65 -6.82 6.91
C ASP A 52 4.01 -8.28 7.15
N GLY A 53 4.72 -8.88 6.21
CA GLY A 53 5.03 -10.31 6.26
C GLY A 53 4.04 -11.12 5.47
N ARG A 54 2.98 -10.46 5.01
CA ARG A 54 2.00 -11.09 4.12
C ARG A 54 2.10 -10.53 2.71
N THR A 55 1.48 -11.23 1.76
CA THR A 55 1.58 -10.86 0.36
C THR A 55 0.24 -10.33 -0.16
N LEU A 56 0.29 -9.63 -1.29
CA LEU A 56 -0.91 -9.04 -1.88
C LEU A 56 -1.94 -10.12 -2.18
N SER A 57 -1.47 -11.32 -2.51
CA SER A 57 -2.35 -12.44 -2.81
C SER A 57 -3.18 -12.82 -1.58
N ASP A 58 -2.60 -12.64 -0.41
CA ASP A 58 -3.27 -13.03 0.84
C ASP A 58 -4.47 -12.15 1.12
N TYR A 59 -4.46 -10.94 0.57
CA TYR A 59 -5.56 -10.00 0.74
C TYR A 59 -6.35 -9.85 -0.56
N ASN A 60 -6.06 -10.70 -1.53
CA ASN A 60 -6.79 -10.72 -2.79
C ASN A 60 -6.75 -9.35 -3.46
N ILE A 61 -5.55 -8.78 -3.56
CA ILE A 61 -5.35 -7.58 -4.38
C ILE A 61 -5.23 -7.94 -5.85
N GLN A 62 -5.97 -7.21 -6.69
CA GLN A 62 -6.04 -7.53 -8.11
C GLN A 62 -5.53 -6.37 -8.96
N ARG A 63 -5.56 -6.55 -10.28
CA ARG A 63 -5.15 -5.51 -11.20
C ARG A 63 -6.07 -4.30 -11.13
N GLU A 64 -5.49 -3.11 -11.10
CA GLU A 64 -6.25 -1.87 -10.99
C GLU A 64 -7.06 -1.84 -9.70
N SER A 65 -6.51 -2.43 -8.65
CA SER A 65 -7.07 -2.30 -7.31
C SER A 65 -6.65 -0.99 -6.66
N THR A 66 -7.45 -0.51 -5.72
CA THR A 66 -7.17 0.74 -5.03
C THR A 66 -6.84 0.51 -3.56
N LEU A 67 -5.65 0.92 -3.16
CA LEU A 67 -5.24 0.84 -1.76
C LEU A 67 -5.40 2.18 -1.06
N HIS A 68 -5.92 2.15 0.17
CA HIS A 68 -6.03 3.35 0.99
C HIS A 68 -4.84 3.49 1.93
N LEU A 69 -4.02 4.51 1.70
CA LEU A 69 -2.82 4.72 2.49
C LEU A 69 -3.09 5.70 3.63
N VAL A 70 -2.87 5.25 4.86
CA VAL A 70 -3.02 6.10 6.03
C VAL A 70 -1.70 6.28 6.76
N LEU A 71 -1.42 7.51 7.21
CA LEU A 71 -0.22 7.78 7.98
C LEU A 71 -0.42 7.48 9.45
N ARG A 72 0.29 6.47 9.94
CA ARG A 72 0.25 6.11 11.35
C ARG A 72 -1.18 5.82 11.81
N LEU A 73 -1.87 4.97 11.07
CA LEU A 73 -3.23 4.56 11.43
C LEU A 73 -3.28 4.07 12.86
N ARG A 74 -4.21 4.62 13.64
CA ARG A 74 -4.37 4.22 15.03
C ARG A 74 -5.03 2.85 15.14
N GLY A 75 -4.61 2.07 16.14
CA GLY A 75 -5.16 0.74 16.35
C GLY A 75 -4.44 0.02 17.49
N GLY A 76 -4.74 -1.26 17.66
CA GLY A 76 -4.12 -2.06 18.71
C GLY A 76 -5.09 -3.11 19.24
N MET A 1 0.91 -6.93 -12.59
CA MET A 1 -0.30 -6.49 -11.92
C MET A 1 -0.19 -5.04 -11.45
N GLN A 2 -0.96 -4.16 -12.07
CA GLN A 2 -0.95 -2.74 -11.71
C GLN A 2 -1.95 -2.45 -10.61
N ILE A 3 -1.47 -1.78 -9.56
CA ILE A 3 -2.33 -1.39 -8.45
C ILE A 3 -2.27 0.12 -8.21
N PHE A 4 -3.29 0.65 -7.54
CA PHE A 4 -3.37 2.08 -7.26
C PHE A 4 -3.53 2.34 -5.77
N VAL A 5 -2.64 3.14 -5.20
CA VAL A 5 -2.70 3.47 -3.79
C VAL A 5 -3.14 4.92 -3.57
N ARG A 6 -4.31 5.08 -2.96
CA ARG A 6 -4.84 6.40 -2.67
C ARG A 6 -4.19 6.99 -1.42
N THR A 7 -3.65 8.20 -1.55
CA THR A 7 -2.98 8.87 -0.44
C THR A 7 -3.88 9.92 0.20
N LEU A 8 -3.48 10.39 1.37
CA LEU A 8 -4.27 11.37 2.11
C LEU A 8 -4.30 12.71 1.40
N THR A 9 -3.35 12.93 0.49
CA THR A 9 -3.25 14.17 -0.25
C THR A 9 -4.25 14.20 -1.40
N GLY A 10 -4.86 13.05 -1.68
CA GLY A 10 -5.82 12.94 -2.78
C GLY A 10 -5.15 12.42 -4.04
N ARG A 11 -3.82 12.32 -4.00
CA ARG A 11 -3.06 11.81 -5.13
C ARG A 11 -3.10 10.29 -5.17
N THR A 12 -2.71 9.72 -6.32
CA THR A 12 -2.71 8.28 -6.49
C THR A 12 -1.33 7.77 -6.87
N ILE A 13 -0.84 6.80 -6.13
CA ILE A 13 0.43 6.15 -6.44
C ILE A 13 0.23 4.88 -7.25
N THR A 14 0.71 4.89 -8.49
CA THR A 14 0.57 3.75 -9.38
C THR A 14 1.78 2.83 -9.30
N LEU A 15 1.57 1.60 -8.87
CA LEU A 15 2.67 0.66 -8.67
C LEU A 15 2.51 -0.56 -9.56
N GLU A 16 3.62 -1.00 -10.15
CA GLU A 16 3.65 -2.26 -10.87
C GLU A 16 4.16 -3.40 -9.99
N VAL A 17 3.25 -4.28 -9.59
CA VAL A 17 3.54 -5.27 -8.55
C VAL A 17 3.14 -6.67 -8.99
N GLU A 18 3.32 -7.64 -8.11
CA GLU A 18 2.84 -8.99 -8.36
C GLU A 18 1.99 -9.50 -7.20
N PRO A 19 1.13 -10.47 -7.49
CA PRO A 19 0.26 -11.05 -6.48
C PRO A 19 1.07 -11.56 -5.29
N SER A 20 2.26 -12.06 -5.56
CA SER A 20 3.10 -12.67 -4.53
C SER A 20 4.00 -11.62 -3.89
N ASP A 21 3.81 -10.36 -4.27
CA ASP A 21 4.60 -9.27 -3.71
C ASP A 21 4.10 -8.89 -2.33
N THR A 22 5.04 -8.72 -1.39
CA THR A 22 4.68 -8.43 -0.01
C THR A 22 4.23 -6.98 0.15
N ILE A 23 3.46 -6.72 1.19
CA ILE A 23 3.07 -5.36 1.53
C ILE A 23 4.26 -4.52 1.94
N GLU A 24 5.26 -5.16 2.54
CA GLU A 24 6.53 -4.50 2.84
C GLU A 24 7.10 -3.84 1.59
N ASN A 25 7.15 -4.57 0.49
CA ASN A 25 7.64 -4.05 -0.78
C ASN A 25 6.79 -2.86 -1.24
N VAL A 26 5.47 -3.02 -1.17
CA VAL A 26 4.55 -1.98 -1.57
C VAL A 26 4.84 -0.67 -0.84
N ARG A 27 4.97 -0.75 0.48
CA ARG A 27 5.21 0.43 1.30
C ARG A 27 6.57 1.04 1.01
N ALA A 28 7.54 0.18 0.72
CA ALA A 28 8.87 0.65 0.33
C ALA A 28 8.80 1.47 -0.96
N ARG A 29 8.03 1.00 -1.92
CA ARG A 29 7.84 1.72 -3.18
C ARG A 29 7.13 3.04 -2.95
N ILE A 30 6.16 3.04 -2.04
CA ILE A 30 5.47 4.27 -1.65
C ILE A 30 6.43 5.26 -1.02
N GLN A 31 7.34 4.75 -0.20
CA GLN A 31 8.40 5.58 0.41
C GLN A 31 9.27 6.20 -0.67
N ASP A 32 9.58 5.43 -1.71
CA ASP A 32 10.34 5.94 -2.84
C ASP A 32 9.60 7.03 -3.57
N ARG A 33 8.27 6.92 -3.60
CA ARG A 33 7.43 7.87 -4.31
C ARG A 33 7.22 9.14 -3.50
N GLU A 34 7.04 8.98 -2.19
CA GLU A 34 6.64 10.08 -1.33
C GLU A 34 7.77 10.49 -0.39
N GLY A 35 8.45 9.50 0.17
CA GLY A 35 9.48 9.74 1.18
C GLY A 35 8.98 9.41 2.57
N ILE A 36 7.82 8.76 2.65
CA ILE A 36 7.23 8.39 3.92
C ILE A 36 7.71 7.01 4.37
N PRO A 37 8.32 6.96 5.55
CA PRO A 37 8.78 5.69 6.12
C PRO A 37 7.68 4.65 6.13
N PRO A 38 7.99 3.45 5.66
CA PRO A 38 7.03 2.36 5.63
C PRO A 38 6.43 2.11 7.01
N ASP A 39 7.22 2.34 8.05
CA ASP A 39 6.79 2.09 9.41
C ASP A 39 5.74 3.10 9.86
N GLN A 40 5.63 4.20 9.12
CA GLN A 40 4.64 5.22 9.41
C GLN A 40 3.42 5.10 8.51
N GLN A 41 3.44 4.09 7.64
CA GLN A 41 2.35 3.86 6.70
C GLN A 41 1.37 2.83 7.23
N ARG A 42 0.09 3.08 7.02
CA ARG A 42 -0.94 2.06 7.22
C ARG A 42 -1.76 1.85 5.95
N LEU A 43 -1.67 0.65 5.39
CA LEU A 43 -2.44 0.31 4.19
C LEU A 43 -3.67 -0.50 4.53
N ILE A 44 -4.80 -0.13 3.93
CA ILE A 44 -6.05 -0.87 4.14
C ILE A 44 -6.68 -1.24 2.80
N PHE A 45 -7.21 -2.46 2.74
CA PHE A 45 -7.89 -2.93 1.54
C PHE A 45 -9.11 -3.78 1.89
N ALA A 46 -10.27 -3.33 1.42
CA ALA A 46 -11.51 -4.08 1.63
C ALA A 46 -11.82 -4.24 3.10
N GLY A 47 -11.36 -3.29 3.92
CA GLY A 47 -11.64 -3.29 5.34
C GLY A 47 -10.58 -4.07 6.12
N ARG A 48 -9.67 -4.69 5.38
CA ARG A 48 -8.61 -5.50 6.00
C ARG A 48 -7.30 -4.71 6.07
N GLN A 49 -6.69 -4.69 7.25
CA GLN A 49 -5.39 -4.07 7.42
C GLN A 49 -4.29 -4.90 6.75
N LEU A 50 -3.46 -4.23 5.95
CA LEU A 50 -2.41 -4.91 5.21
C LEU A 50 -1.14 -5.00 6.03
N GLU A 51 -0.68 -6.22 6.28
CA GLU A 51 0.52 -6.45 7.09
C GLU A 51 1.75 -6.65 6.21
N ASP A 52 2.88 -6.10 6.64
CA ASP A 52 4.08 -6.07 5.82
C ASP A 52 4.46 -7.48 5.36
N GLY A 53 4.32 -8.45 6.24
CA GLY A 53 4.81 -9.80 6.00
C GLY A 53 3.86 -10.57 5.10
N ARG A 54 2.68 -10.02 4.87
CA ARG A 54 1.67 -10.67 4.05
C ARG A 54 1.72 -10.16 2.61
N THR A 55 1.16 -10.93 1.69
CA THR A 55 1.25 -10.62 0.27
C THR A 55 -0.01 -9.90 -0.21
N LEU A 56 0.06 -9.32 -1.40
CA LEU A 56 -1.11 -8.71 -2.02
C LEU A 56 -2.19 -9.74 -2.30
N SER A 57 -1.77 -10.93 -2.69
CA SER A 57 -2.71 -12.02 -2.99
C SER A 57 -3.46 -12.45 -1.73
N ASP A 58 -2.81 -12.31 -0.58
CA ASP A 58 -3.42 -12.65 0.70
C ASP A 58 -4.68 -11.84 0.95
N TYR A 59 -4.71 -10.62 0.42
CA TYR A 59 -5.82 -9.72 0.63
C TYR A 59 -6.66 -9.58 -0.64
N ASN A 60 -6.51 -10.52 -1.56
CA ASN A 60 -7.28 -10.52 -2.79
C ASN A 60 -7.13 -9.21 -3.55
N ILE A 61 -5.90 -8.70 -3.60
CA ILE A 61 -5.61 -7.49 -4.35
C ILE A 61 -5.19 -7.80 -5.78
N GLN A 62 -5.94 -7.27 -6.74
CA GLN A 62 -5.76 -7.63 -8.14
C GLN A 62 -5.40 -6.40 -8.98
N ARG A 63 -5.37 -6.58 -10.29
CA ARG A 63 -5.10 -5.48 -11.21
C ARG A 63 -6.22 -4.44 -11.16
N GLU A 64 -5.83 -3.17 -11.18
CA GLU A 64 -6.78 -2.07 -11.06
C GLU A 64 -7.52 -2.15 -9.73
N SER A 65 -6.78 -2.45 -8.66
CA SER A 65 -7.35 -2.44 -7.32
C SER A 65 -6.95 -1.16 -6.57
N THR A 66 -7.82 -0.71 -5.67
CA THR A 66 -7.61 0.53 -4.95
C THR A 66 -7.24 0.28 -3.49
N LEU A 67 -5.99 0.55 -3.14
CA LEU A 67 -5.57 0.50 -1.75
C LEU A 67 -5.71 1.86 -1.08
N HIS A 68 -5.95 1.85 0.23
CA HIS A 68 -6.08 3.08 0.99
C HIS A 68 -4.90 3.28 1.93
N LEU A 69 -4.20 4.41 1.76
CA LEU A 69 -3.03 4.72 2.57
C LEU A 69 -3.32 5.83 3.56
N VAL A 70 -3.17 5.53 4.84
CA VAL A 70 -3.35 6.53 5.89
C VAL A 70 -2.12 6.60 6.79
N LEU A 71 -2.04 7.65 7.60
CA LEU A 71 -0.88 7.89 8.45
C LEU A 71 -1.00 7.12 9.76
N ARG A 72 0.07 6.41 10.13
CA ARG A 72 0.12 5.72 11.40
C ARG A 72 0.06 6.69 12.57
N LEU A 73 -0.80 6.40 13.53
CA LEU A 73 -0.97 7.26 14.70
C LEU A 73 0.22 7.14 15.65
N ARG A 74 0.61 8.28 16.23
CA ARG A 74 1.72 8.30 17.18
C ARG A 74 1.41 7.45 18.41
N GLY A 75 2.23 6.45 18.66
CA GLY A 75 2.04 5.56 19.79
C GLY A 75 1.21 4.34 19.41
N GLY A 76 0.71 4.34 18.17
CA GLY A 76 -0.10 3.23 17.68
C GLY A 76 0.74 1.97 17.51
N MET A 1 1.10 -7.25 -12.43
CA MET A 1 -0.09 -6.40 -12.42
C MET A 1 0.25 -4.99 -11.93
N GLN A 2 -0.77 -4.13 -11.88
CA GLN A 2 -0.59 -2.79 -11.33
C GLN A 2 -1.64 -2.48 -10.28
N ILE A 3 -1.28 -1.67 -9.30
CA ILE A 3 -2.20 -1.25 -8.25
C ILE A 3 -2.22 0.27 -8.09
N PHE A 4 -3.30 0.77 -7.50
CA PHE A 4 -3.44 2.21 -7.29
C PHE A 4 -3.55 2.55 -5.81
N VAL A 5 -2.54 3.25 -5.30
CA VAL A 5 -2.54 3.65 -3.89
C VAL A 5 -3.09 5.06 -3.72
N ARG A 6 -4.28 5.15 -3.14
CA ARG A 6 -4.88 6.45 -2.84
C ARG A 6 -4.53 6.89 -1.42
N THR A 7 -3.89 8.05 -1.31
CA THR A 7 -3.33 8.50 -0.05
C THR A 7 -4.31 9.39 0.70
N LEU A 8 -4.10 9.53 2.01
CA LEU A 8 -4.90 10.44 2.81
C LEU A 8 -4.85 11.86 2.25
N THR A 9 -3.72 12.20 1.64
CA THR A 9 -3.52 13.56 1.15
C THR A 9 -4.14 13.76 -0.23
N GLY A 10 -4.78 12.71 -0.73
CA GLY A 10 -5.54 12.79 -1.97
C GLY A 10 -4.66 12.56 -3.18
N ARG A 11 -3.47 12.02 -2.95
CA ARG A 11 -2.55 11.69 -4.04
C ARG A 11 -2.80 10.28 -4.56
N THR A 12 -2.44 10.06 -5.83
CA THR A 12 -2.60 8.74 -6.44
C THR A 12 -1.25 8.19 -6.90
N ILE A 13 -0.78 7.16 -6.21
CA ILE A 13 0.47 6.50 -6.58
C ILE A 13 0.22 5.18 -7.30
N THR A 14 0.49 5.16 -8.59
CA THR A 14 0.33 3.95 -9.38
C THR A 14 1.61 3.11 -9.38
N LEU A 15 1.50 1.89 -8.88
CA LEU A 15 2.67 1.02 -8.72
C LEU A 15 2.56 -0.23 -9.59
N GLU A 16 3.67 -0.63 -10.18
CA GLU A 16 3.76 -1.92 -10.87
C GLU A 16 4.25 -3.01 -9.93
N VAL A 17 3.42 -4.02 -9.72
CA VAL A 17 3.66 -5.01 -8.68
C VAL A 17 3.35 -6.42 -9.18
N GLU A 18 3.52 -7.40 -8.30
CA GLU A 18 3.03 -8.75 -8.56
C GLU A 18 2.22 -9.29 -7.39
N PRO A 19 1.33 -10.23 -7.67
CA PRO A 19 0.50 -10.83 -6.64
C PRO A 19 1.34 -11.40 -5.51
N SER A 20 2.56 -11.84 -5.85
CA SER A 20 3.41 -12.53 -4.89
C SER A 20 4.29 -11.56 -4.13
N ASP A 21 4.13 -10.27 -4.43
CA ASP A 21 4.88 -9.22 -3.73
C ASP A 21 4.29 -8.96 -2.35
N THR A 22 5.16 -8.79 -1.37
CA THR A 22 4.74 -8.59 0.02
C THR A 22 4.22 -7.18 0.24
N ILE A 23 3.44 -7.00 1.30
CA ILE A 23 3.02 -5.68 1.72
C ILE A 23 4.22 -4.80 2.06
N GLU A 24 5.25 -5.41 2.62
CA GLU A 24 6.50 -4.72 2.89
C GLU A 24 7.09 -4.13 1.61
N ASN A 25 7.09 -4.93 0.55
CA ASN A 25 7.57 -4.47 -0.75
C ASN A 25 6.73 -3.29 -1.26
N VAL A 26 5.42 -3.39 -1.09
CA VAL A 26 4.52 -2.31 -1.47
C VAL A 26 4.86 -1.03 -0.71
N ARG A 27 5.08 -1.16 0.59
CA ARG A 27 5.46 -0.03 1.42
C ARG A 27 6.69 0.69 0.85
N ALA A 28 7.71 -0.09 0.50
CA ALA A 28 8.93 0.46 -0.07
C ALA A 28 8.63 1.17 -1.40
N ARG A 29 7.85 0.52 -2.25
CA ARG A 29 7.49 1.09 -3.54
C ARG A 29 6.77 2.42 -3.37
N ILE A 30 5.95 2.53 -2.33
CA ILE A 30 5.28 3.77 -2.01
C ILE A 30 6.26 4.83 -1.54
N GLN A 31 7.13 4.46 -0.62
CA GLN A 31 8.13 5.38 -0.08
C GLN A 31 8.97 6.00 -1.20
N ASP A 32 9.27 5.19 -2.21
CA ASP A 32 10.07 5.66 -3.34
C ASP A 32 9.47 6.93 -3.95
N ARG A 33 8.15 7.05 -3.88
CA ARG A 33 7.44 8.15 -4.50
C ARG A 33 7.09 9.23 -3.49
N GLU A 34 6.49 8.81 -2.38
CA GLU A 34 5.99 9.75 -1.38
C GLU A 34 7.11 10.23 -0.47
N GLY A 35 8.02 9.31 -0.14
CA GLY A 35 9.10 9.61 0.79
C GLY A 35 8.68 9.38 2.23
N ILE A 36 7.60 8.61 2.41
CA ILE A 36 7.06 8.34 3.74
C ILE A 36 7.59 7.02 4.28
N PRO A 37 8.19 7.07 5.46
CA PRO A 37 8.67 5.87 6.13
C PRO A 37 7.57 4.81 6.24
N PRO A 38 7.92 3.56 5.95
CA PRO A 38 6.97 2.47 6.04
C PRO A 38 6.31 2.41 7.42
N ASP A 39 7.06 2.79 8.44
CA ASP A 39 6.57 2.74 9.81
C ASP A 39 5.43 3.73 10.02
N GLN A 40 5.37 4.75 9.17
CA GLN A 40 4.33 5.78 9.26
C GLN A 40 3.18 5.49 8.31
N GLN A 41 3.33 4.44 7.51
CA GLN A 41 2.30 4.07 6.55
C GLN A 41 1.32 3.07 7.16
N ARG A 42 0.03 3.29 6.90
CA ARG A 42 -0.99 2.29 7.17
C ARG A 42 -1.84 2.02 5.93
N LEU A 43 -1.83 0.79 5.46
CA LEU A 43 -2.54 0.43 4.24
C LEU A 43 -3.83 -0.32 4.55
N ILE A 44 -4.92 0.09 3.91
CA ILE A 44 -6.21 -0.57 4.09
C ILE A 44 -6.78 -1.02 2.75
N PHE A 45 -7.27 -2.25 2.71
CA PHE A 45 -7.92 -2.78 1.53
C PHE A 45 -9.26 -3.45 1.88
N ALA A 46 -10.34 -2.95 1.30
CA ALA A 46 -11.67 -3.48 1.55
C ALA A 46 -12.02 -3.38 3.03
N GLY A 47 -11.45 -2.38 3.71
CA GLY A 47 -11.76 -2.14 5.11
C GLY A 47 -10.89 -3.00 6.02
N ARG A 48 -9.96 -3.72 5.42
CA ARG A 48 -9.08 -4.61 6.17
C ARG A 48 -7.64 -4.09 6.18
N GLN A 49 -7.01 -4.12 7.35
CA GLN A 49 -5.64 -3.67 7.50
C GLN A 49 -4.67 -4.63 6.82
N LEU A 50 -3.78 -4.07 5.99
CA LEU A 50 -2.73 -4.86 5.36
C LEU A 50 -1.48 -4.92 6.24
N GLU A 51 -0.93 -6.12 6.40
CA GLU A 51 0.19 -6.33 7.30
C GLU A 51 1.37 -6.98 6.60
N ASP A 52 2.57 -6.69 7.08
CA ASP A 52 3.78 -7.28 6.50
C ASP A 52 3.88 -8.76 6.81
N GLY A 53 4.55 -9.50 5.92
CA GLY A 53 4.68 -10.94 6.06
C GLY A 53 3.72 -11.70 5.17
N ARG A 54 2.81 -10.95 4.53
CA ARG A 54 1.89 -11.54 3.57
C ARG A 54 1.93 -10.79 2.24
N THR A 55 1.46 -11.45 1.18
CA THR A 55 1.54 -10.90 -0.16
C THR A 55 0.19 -10.36 -0.61
N LEU A 56 0.20 -9.58 -1.69
CA LEU A 56 -1.03 -8.99 -2.22
C LEU A 56 -2.07 -10.06 -2.51
N SER A 57 -1.60 -11.21 -3.00
CA SER A 57 -2.51 -12.31 -3.33
C SER A 57 -3.23 -12.83 -2.09
N ASP A 58 -2.58 -12.69 -0.93
CA ASP A 58 -3.13 -13.20 0.32
C ASP A 58 -4.27 -12.31 0.81
N TYR A 59 -4.31 -11.08 0.32
CA TYR A 59 -5.39 -10.15 0.67
C TYR A 59 -6.38 -10.02 -0.48
N ASN A 60 -6.29 -10.92 -1.46
CA ASN A 60 -7.17 -10.90 -2.62
C ASN A 60 -7.07 -9.57 -3.34
N ILE A 61 -5.86 -9.02 -3.43
CA ILE A 61 -5.62 -7.80 -4.18
C ILE A 61 -5.19 -8.10 -5.60
N GLN A 62 -5.92 -7.54 -6.56
CA GLN A 62 -5.76 -7.89 -7.97
C GLN A 62 -5.35 -6.68 -8.80
N ARG A 63 -5.21 -6.88 -10.10
CA ARG A 63 -4.91 -5.79 -11.01
C ARG A 63 -5.95 -4.68 -10.91
N GLU A 64 -5.49 -3.43 -10.92
CA GLU A 64 -6.38 -2.28 -10.83
C GLU A 64 -7.19 -2.30 -9.54
N SER A 65 -6.54 -2.68 -8.45
CA SER A 65 -7.15 -2.59 -7.13
C SER A 65 -6.75 -1.31 -6.41
N THR A 66 -7.68 -0.75 -5.65
CA THR A 66 -7.45 0.51 -4.96
C THR A 66 -7.08 0.28 -3.50
N LEU A 67 -5.89 0.73 -3.11
CA LEU A 67 -5.46 0.70 -1.72
C LEU A 67 -5.63 2.07 -1.07
N HIS A 68 -5.88 2.07 0.24
CA HIS A 68 -5.99 3.30 1.00
C HIS A 68 -4.80 3.48 1.94
N LEU A 69 -4.08 4.58 1.78
CA LEU A 69 -2.88 4.84 2.56
C LEU A 69 -3.09 6.00 3.53
N VAL A 70 -3.09 5.69 4.82
CA VAL A 70 -3.19 6.72 5.85
C VAL A 70 -1.83 7.01 6.47
N LEU A 71 -1.54 8.28 6.67
CA LEU A 71 -0.28 8.70 7.31
C LEU A 71 -0.46 8.84 8.82
N ARG A 72 0.27 8.02 9.57
CA ARG A 72 0.26 8.11 11.03
C ARG A 72 -1.15 7.99 11.58
N LEU A 73 -1.86 6.93 11.17
CA LEU A 73 -3.20 6.67 11.66
C LEU A 73 -3.24 6.66 13.19
N ARG A 74 -3.99 7.60 13.76
CA ARG A 74 -4.14 7.67 15.21
C ARG A 74 -2.78 7.84 15.89
N GLY A 75 -1.85 8.47 15.20
CA GLY A 75 -0.54 8.76 15.77
C GLY A 75 0.33 7.50 15.77
N GLY A 76 -0.07 6.50 14.99
CA GLY A 76 0.67 5.24 14.92
C GLY A 76 2.02 5.44 14.24
N MET A 1 1.19 -6.75 -12.47
CA MET A 1 -0.06 -6.31 -11.88
C MET A 1 0.00 -4.84 -11.45
N GLN A 2 -0.75 -4.00 -12.16
CA GLN A 2 -0.78 -2.57 -11.85
C GLN A 2 -1.87 -2.24 -10.84
N ILE A 3 -1.46 -1.69 -9.70
CA ILE A 3 -2.40 -1.31 -8.65
C ILE A 3 -2.32 0.18 -8.35
N PHE A 4 -3.31 0.69 -7.63
CA PHE A 4 -3.36 2.11 -7.30
C PHE A 4 -3.48 2.31 -5.80
N VAL A 5 -2.68 3.25 -5.28
CA VAL A 5 -2.73 3.59 -3.86
C VAL A 5 -3.22 5.01 -3.65
N ARG A 6 -4.27 5.17 -2.84
CA ARG A 6 -4.83 6.49 -2.57
C ARG A 6 -4.24 7.08 -1.29
N THR A 7 -3.51 8.18 -1.43
CA THR A 7 -2.91 8.84 -0.29
C THR A 7 -3.93 9.68 0.48
N LEU A 8 -3.54 10.18 1.64
CA LEU A 8 -4.39 11.06 2.42
C LEU A 8 -4.67 12.36 1.70
N THR A 9 -3.77 12.73 0.78
CA THR A 9 -3.89 13.98 0.04
C THR A 9 -4.71 13.78 -1.23
N GLY A 10 -5.16 12.54 -1.46
CA GLY A 10 -6.02 12.24 -2.59
C GLY A 10 -5.19 11.96 -3.84
N ARG A 11 -3.90 11.71 -3.65
CA ARG A 11 -3.00 11.44 -4.77
C ARG A 11 -3.04 9.97 -5.16
N THR A 12 -3.15 9.71 -6.46
CA THR A 12 -3.17 8.34 -6.96
C THR A 12 -1.77 7.87 -7.33
N ILE A 13 -1.24 6.93 -6.54
CA ILE A 13 0.06 6.34 -6.82
C ILE A 13 -0.07 5.04 -7.60
N THR A 14 0.44 5.04 -8.82
CA THR A 14 0.42 3.85 -9.67
C THR A 14 1.65 2.99 -9.43
N LEU A 15 1.42 1.76 -8.97
CA LEU A 15 2.51 0.85 -8.66
C LEU A 15 2.47 -0.39 -9.54
N GLU A 16 3.62 -0.75 -10.12
CA GLU A 16 3.74 -2.00 -10.85
C GLU A 16 4.27 -3.11 -9.95
N VAL A 17 3.38 -4.00 -9.52
CA VAL A 17 3.72 -5.00 -8.52
C VAL A 17 3.33 -6.39 -8.98
N GLU A 18 3.55 -7.38 -8.11
CA GLU A 18 3.06 -8.73 -8.36
C GLU A 18 2.28 -9.26 -7.16
N PRO A 19 1.37 -10.20 -7.41
CA PRO A 19 0.56 -10.79 -6.36
C PRO A 19 1.44 -11.36 -5.24
N SER A 20 2.63 -11.81 -5.61
CA SER A 20 3.51 -12.49 -4.67
C SER A 20 4.38 -11.50 -3.90
N ASP A 21 4.20 -10.21 -4.20
CA ASP A 21 4.94 -9.16 -3.51
C ASP A 21 4.34 -8.86 -2.15
N THR A 22 5.20 -8.63 -1.16
CA THR A 22 4.76 -8.38 0.20
C THR A 22 4.17 -6.98 0.35
N ILE A 23 3.33 -6.80 1.36
CA ILE A 23 2.79 -5.48 1.67
C ILE A 23 3.89 -4.52 2.09
N GLU A 24 4.91 -5.06 2.75
CA GLU A 24 6.10 -4.28 3.07
C GLU A 24 6.73 -3.69 1.81
N ASN A 25 6.87 -4.51 0.78
CA ASN A 25 7.44 -4.07 -0.48
C ASN A 25 6.60 -2.96 -1.11
N VAL A 26 5.29 -3.12 -1.04
CA VAL A 26 4.37 -2.11 -1.56
C VAL A 26 4.59 -0.77 -0.86
N ARG A 27 4.66 -0.80 0.47
CA ARG A 27 4.86 0.41 1.25
C ARG A 27 6.22 1.04 0.93
N ALA A 28 7.21 0.21 0.67
CA ALA A 28 8.53 0.68 0.26
C ALA A 28 8.46 1.39 -1.08
N ARG A 29 7.72 0.81 -2.02
CA ARG A 29 7.54 1.41 -3.34
C ARG A 29 6.85 2.77 -3.22
N ILE A 30 5.96 2.90 -2.25
CA ILE A 30 5.33 4.17 -1.95
C ILE A 30 6.35 5.17 -1.40
N GLN A 31 7.18 4.70 -0.47
CA GLN A 31 8.23 5.54 0.10
C GLN A 31 9.20 6.04 -0.96
N ASP A 32 9.36 5.24 -2.02
CA ASP A 32 10.25 5.60 -3.11
C ASP A 32 9.73 6.82 -3.87
N ARG A 33 8.44 7.09 -3.72
CA ARG A 33 7.80 8.18 -4.45
C ARG A 33 7.34 9.29 -3.51
N GLU A 34 7.18 8.94 -2.24
CA GLU A 34 6.68 9.89 -1.25
C GLU A 34 7.80 10.34 -0.30
N GLY A 35 8.64 9.40 0.11
CA GLY A 35 9.71 9.68 1.05
C GLY A 35 9.26 9.44 2.48
N ILE A 36 8.11 8.78 2.63
CA ILE A 36 7.57 8.48 3.95
C ILE A 36 7.94 7.07 4.39
N PRO A 37 8.58 6.98 5.55
CA PRO A 37 8.99 5.68 6.10
C PRO A 37 7.83 4.70 6.10
N PRO A 38 8.07 3.51 5.57
CA PRO A 38 7.06 2.45 5.55
C PRO A 38 6.53 2.16 6.95
N ASP A 39 7.38 2.38 7.95
CA ASP A 39 7.01 2.12 9.34
C ASP A 39 5.89 3.07 9.79
N GLN A 40 5.75 4.18 9.09
CA GLN A 40 4.72 5.15 9.40
C GLN A 40 3.50 4.96 8.52
N GLN A 41 3.63 4.10 7.51
CA GLN A 41 2.55 3.87 6.56
C GLN A 41 1.65 2.73 7.01
N ARG A 42 0.35 2.88 6.79
CA ARG A 42 -0.59 1.78 7.00
C ARG A 42 -1.56 1.66 5.82
N LEU A 43 -1.65 0.45 5.27
CA LEU A 43 -2.48 0.22 4.09
C LEU A 43 -3.76 -0.54 4.45
N ILE A 44 -4.88 -0.09 3.91
CA ILE A 44 -6.16 -0.74 4.15
C ILE A 44 -6.84 -1.12 2.84
N PHE A 45 -7.33 -2.35 2.77
CA PHE A 45 -8.00 -2.84 1.58
C PHE A 45 -9.36 -3.45 1.92
N ALA A 46 -10.42 -2.85 1.40
CA ALA A 46 -11.78 -3.32 1.68
C ALA A 46 -12.07 -3.26 3.18
N GLY A 47 -11.44 -2.33 3.88
CA GLY A 47 -11.67 -2.13 5.30
C GLY A 47 -10.80 -3.07 6.13
N ARG A 48 -9.94 -3.82 5.45
CA ARG A 48 -9.05 -4.76 6.13
C ARG A 48 -7.61 -4.28 6.11
N GLN A 49 -7.04 -4.09 7.29
CA GLN A 49 -5.65 -3.66 7.42
C GLN A 49 -4.70 -4.71 6.85
N LEU A 50 -3.74 -4.25 6.05
CA LEU A 50 -2.82 -5.16 5.37
C LEU A 50 -1.57 -5.40 6.21
N GLU A 51 -1.12 -6.64 6.23
CA GLU A 51 0.03 -7.02 7.05
C GLU A 51 1.32 -7.07 6.23
N ASP A 52 2.35 -6.41 6.72
CA ASP A 52 3.61 -6.32 6.00
C ASP A 52 4.14 -7.70 5.62
N GLY A 53 4.00 -8.64 6.55
CA GLY A 53 4.57 -9.98 6.36
C GLY A 53 3.86 -10.73 5.24
N ARG A 54 2.61 -10.35 4.98
CA ARG A 54 1.78 -11.06 4.00
C ARG A 54 1.92 -10.41 2.63
N THR A 55 1.37 -11.09 1.62
CA THR A 55 1.50 -10.63 0.24
C THR A 55 0.17 -10.14 -0.31
N LEU A 56 0.21 -9.44 -1.43
CA LEU A 56 -0.99 -8.90 -2.05
C LEU A 56 -1.99 -10.00 -2.38
N SER A 57 -1.48 -11.15 -2.77
CA SER A 57 -2.32 -12.30 -3.11
C SER A 57 -3.11 -12.78 -1.89
N ASP A 58 -2.52 -12.59 -0.72
CA ASP A 58 -3.14 -13.05 0.52
C ASP A 58 -4.43 -12.29 0.82
N TYR A 59 -4.55 -11.09 0.26
CA TYR A 59 -5.73 -10.26 0.46
C TYR A 59 -6.55 -10.17 -0.81
N ASN A 60 -6.26 -11.04 -1.76
CA ASN A 60 -6.97 -11.06 -3.04
C ASN A 60 -6.93 -9.70 -3.71
N ILE A 61 -5.76 -9.06 -3.69
CA ILE A 61 -5.57 -7.78 -4.35
C ILE A 61 -5.11 -7.96 -5.79
N GLN A 62 -5.88 -7.41 -6.72
CA GLN A 62 -5.68 -7.69 -8.14
C GLN A 62 -5.38 -6.41 -8.91
N ARG A 63 -5.21 -6.55 -10.22
CA ARG A 63 -4.99 -5.39 -11.10
C ARG A 63 -6.14 -4.40 -10.99
N GLU A 64 -5.82 -3.12 -11.02
CA GLU A 64 -6.82 -2.07 -10.87
C GLU A 64 -7.53 -2.17 -9.53
N SER A 65 -6.77 -2.45 -8.48
CA SER A 65 -7.29 -2.40 -7.12
C SER A 65 -6.87 -1.11 -6.42
N THR A 66 -7.68 -0.67 -5.46
CA THR A 66 -7.43 0.57 -4.75
C THR A 66 -7.07 0.32 -3.30
N LEU A 67 -5.83 0.59 -2.94
CA LEU A 67 -5.38 0.48 -1.55
C LEU A 67 -5.39 1.85 -0.87
N HIS A 68 -5.98 1.88 0.32
CA HIS A 68 -6.10 3.13 1.07
C HIS A 68 -4.89 3.34 1.98
N LEU A 69 -4.17 4.43 1.77
CA LEU A 69 -2.96 4.72 2.53
C LEU A 69 -3.21 5.77 3.60
N VAL A 70 -2.93 5.41 4.85
CA VAL A 70 -2.98 6.37 5.95
C VAL A 70 -1.65 6.42 6.68
N LEU A 71 -1.44 7.49 7.45
CA LEU A 71 -0.17 7.72 8.11
C LEU A 71 -0.31 7.66 9.62
N ARG A 72 0.24 6.61 10.22
CA ARG A 72 0.20 6.43 11.67
C ARG A 72 -1.23 6.60 12.20
N LEU A 73 -2.17 5.90 11.57
CA LEU A 73 -3.56 5.96 11.99
C LEU A 73 -3.79 5.18 13.27
N ARG A 74 -4.25 5.87 14.31
CA ARG A 74 -4.52 5.24 15.60
C ARG A 74 -5.91 4.61 15.62
N GLY A 75 -6.07 3.60 16.47
CA GLY A 75 -7.35 2.89 16.58
C GLY A 75 -7.56 1.95 15.40
N GLY A 76 -8.82 1.70 15.07
CA GLY A 76 -9.16 0.82 13.96
C GLY A 76 -10.56 0.23 14.13
N MET A 1 0.68 -7.04 -13.27
CA MET A 1 -0.39 -6.48 -12.45
C MET A 1 0.01 -5.11 -11.89
N GLN A 2 -0.91 -4.15 -11.98
CA GLN A 2 -0.72 -2.85 -11.38
C GLN A 2 -1.79 -2.54 -10.35
N ILE A 3 -1.44 -1.75 -9.34
CA ILE A 3 -2.40 -1.32 -8.33
C ILE A 3 -2.34 0.19 -8.12
N PHE A 4 -3.41 0.75 -7.56
CA PHE A 4 -3.47 2.17 -7.26
C PHE A 4 -3.54 2.42 -5.76
N VAL A 5 -2.69 3.32 -5.27
CA VAL A 5 -2.67 3.67 -3.86
C VAL A 5 -3.04 5.13 -3.65
N ARG A 6 -4.08 5.36 -2.85
CA ARG A 6 -4.55 6.72 -2.60
C ARG A 6 -4.04 7.23 -1.25
N THR A 7 -3.42 8.40 -1.27
CA THR A 7 -2.89 9.00 -0.05
C THR A 7 -3.92 9.94 0.59
N LEU A 8 -3.59 10.43 1.78
CA LEU A 8 -4.47 11.35 2.49
C LEU A 8 -4.44 12.74 1.87
N THR A 9 -3.46 12.97 1.01
CA THR A 9 -3.33 14.26 0.33
C THR A 9 -4.06 14.25 -1.01
N GLY A 10 -4.64 13.10 -1.36
CA GLY A 10 -5.46 12.99 -2.56
C GLY A 10 -4.64 12.49 -3.74
N ARG A 11 -3.36 12.23 -3.49
CA ARG A 11 -2.46 11.75 -4.54
C ARG A 11 -2.77 10.30 -4.91
N THR A 12 -2.70 10.01 -6.20
CA THR A 12 -2.86 8.64 -6.67
C THR A 12 -1.54 8.08 -7.19
N ILE A 13 -1.03 7.06 -6.51
CA ILE A 13 0.23 6.44 -6.88
C ILE A 13 0.00 5.10 -7.59
N THR A 14 0.52 4.99 -8.80
CA THR A 14 0.40 3.75 -9.58
C THR A 14 1.63 2.87 -9.44
N LEU A 15 1.44 1.67 -8.93
CA LEU A 15 2.56 0.76 -8.68
C LEU A 15 2.47 -0.47 -9.57
N GLU A 16 3.60 -0.87 -10.14
CA GLU A 16 3.70 -2.14 -10.85
C GLU A 16 4.15 -3.25 -9.91
N VAL A 17 3.24 -4.17 -9.62
CA VAL A 17 3.44 -5.12 -8.52
C VAL A 17 3.20 -6.55 -8.98
N GLU A 18 3.55 -7.50 -8.13
CA GLU A 18 3.19 -8.90 -8.36
C GLU A 18 2.44 -9.49 -7.17
N PRO A 19 1.59 -10.46 -7.44
CA PRO A 19 0.79 -11.10 -6.39
C PRO A 19 1.68 -11.64 -5.28
N SER A 20 2.90 -12.03 -5.64
CA SER A 20 3.80 -12.68 -4.70
C SER A 20 4.64 -11.66 -3.94
N ASP A 21 4.39 -10.39 -4.21
CA ASP A 21 5.09 -9.32 -3.52
C ASP A 21 4.47 -9.01 -2.17
N THR A 22 5.32 -8.77 -1.18
CA THR A 22 4.86 -8.51 0.18
C THR A 22 4.31 -7.09 0.31
N ILE A 23 3.44 -6.88 1.30
CA ILE A 23 2.95 -5.54 1.62
C ILE A 23 4.08 -4.64 2.08
N GLU A 24 5.07 -5.22 2.74
CA GLU A 24 6.30 -4.51 3.06
C GLU A 24 6.94 -3.91 1.82
N ASN A 25 7.04 -4.71 0.77
CA ASN A 25 7.60 -4.25 -0.49
C ASN A 25 6.75 -3.15 -1.11
N VAL A 26 5.44 -3.31 -1.03
CA VAL A 26 4.51 -2.30 -1.52
C VAL A 26 4.74 -0.97 -0.82
N ARG A 27 4.84 -1.00 0.50
CA ARG A 27 5.05 0.20 1.29
C ARG A 27 6.37 0.87 0.92
N ALA A 28 7.40 0.06 0.71
CA ALA A 28 8.69 0.57 0.27
C ALA A 28 8.58 1.27 -1.08
N ARG A 29 7.84 0.67 -2.00
CA ARG A 29 7.62 1.25 -3.32
C ARG A 29 6.84 2.56 -3.22
N ILE A 30 5.96 2.65 -2.24
CA ILE A 30 5.23 3.88 -1.96
C ILE A 30 6.16 4.94 -1.39
N GLN A 31 7.02 4.54 -0.47
CA GLN A 31 7.96 5.46 0.16
C GLN A 31 8.85 6.13 -0.86
N ASP A 32 9.19 5.41 -1.93
CA ASP A 32 10.00 5.95 -3.01
C ASP A 32 9.31 7.15 -3.64
N ARG A 33 7.99 7.18 -3.57
CA ARG A 33 7.20 8.20 -4.26
C ARG A 33 6.79 9.32 -3.31
N GLU A 34 6.22 8.94 -2.16
CA GLU A 34 5.67 9.91 -1.22
C GLU A 34 6.72 10.37 -0.22
N GLY A 35 7.55 9.43 0.22
CA GLY A 35 8.62 9.74 1.17
C GLY A 35 8.23 9.36 2.58
N ILE A 36 7.17 8.57 2.71
CA ILE A 36 6.70 8.13 4.02
C ILE A 36 7.25 6.77 4.37
N PRO A 37 7.92 6.68 5.52
CA PRO A 37 8.49 5.41 5.98
C PRO A 37 7.43 4.32 6.04
N PRO A 38 7.82 3.11 5.66
CA PRO A 38 6.91 1.98 5.68
C PRO A 38 6.46 1.64 7.09
N ASP A 39 7.21 2.13 8.07
CA ASP A 39 6.84 1.97 9.48
C ASP A 39 5.80 2.99 9.89
N GLN A 40 5.69 4.07 9.12
CA GLN A 40 4.70 5.10 9.38
C GLN A 40 3.49 4.95 8.47
N GLN A 41 3.66 4.17 7.40
CA GLN A 41 2.57 3.86 6.49
C GLN A 41 1.60 2.85 7.11
N ARG A 42 0.31 3.07 6.91
CA ARG A 42 -0.69 2.03 7.15
C ARG A 42 -1.57 1.81 5.93
N LEU A 43 -1.55 0.59 5.40
CA LEU A 43 -2.30 0.27 4.20
C LEU A 43 -3.59 -0.47 4.54
N ILE A 44 -4.70 -0.02 3.96
CA ILE A 44 -5.99 -0.65 4.18
C ILE A 44 -6.67 -1.01 2.86
N PHE A 45 -7.27 -2.19 2.81
CA PHE A 45 -7.98 -2.64 1.62
C PHE A 45 -9.30 -3.29 1.97
N ALA A 46 -10.39 -2.74 1.46
CA ALA A 46 -11.72 -3.23 1.76
C ALA A 46 -12.01 -3.17 3.26
N GLY A 47 -11.38 -2.22 3.93
CA GLY A 47 -11.61 -2.01 5.36
C GLY A 47 -10.71 -2.93 6.19
N ARG A 48 -9.87 -3.70 5.51
CA ARG A 48 -8.97 -4.64 6.17
C ARG A 48 -7.53 -4.13 6.16
N GLN A 49 -6.97 -3.95 7.34
CA GLN A 49 -5.57 -3.54 7.47
C GLN A 49 -4.63 -4.62 6.94
N LEU A 50 -3.69 -4.22 6.10
CA LEU A 50 -2.80 -5.16 5.43
C LEU A 50 -1.55 -5.43 6.26
N GLU A 51 -1.08 -6.68 6.22
CA GLU A 51 0.07 -7.08 7.01
C GLU A 51 1.35 -7.07 6.18
N ASP A 52 2.40 -6.46 6.71
CA ASP A 52 3.64 -6.29 5.97
C ASP A 52 4.21 -7.64 5.52
N GLY A 53 4.05 -8.65 6.38
CA GLY A 53 4.70 -9.94 6.15
C GLY A 53 3.84 -10.83 5.27
N ARG A 54 2.72 -10.31 4.81
CA ARG A 54 1.85 -11.04 3.90
C ARG A 54 1.89 -10.42 2.50
N THR A 55 1.51 -11.22 1.50
CA THR A 55 1.65 -10.82 0.11
C THR A 55 0.32 -10.35 -0.46
N LEU A 56 0.38 -9.68 -1.60
CA LEU A 56 -0.82 -9.16 -2.25
C LEU A 56 -1.80 -10.28 -2.57
N SER A 57 -1.27 -11.45 -2.89
CA SER A 57 -2.10 -12.61 -3.19
C SER A 57 -2.88 -13.06 -1.96
N ASP A 58 -2.31 -12.83 -0.78
CA ASP A 58 -2.93 -13.26 0.47
C ASP A 58 -4.24 -12.50 0.72
N TYR A 59 -4.34 -11.29 0.18
CA TYR A 59 -5.53 -10.47 0.34
C TYR A 59 -6.34 -10.43 -0.95
N ASN A 60 -5.99 -11.30 -1.90
CA ASN A 60 -6.69 -11.36 -3.18
C ASN A 60 -6.73 -10.00 -3.86
N ILE A 61 -5.60 -9.32 -3.86
CA ILE A 61 -5.50 -8.00 -4.49
C ILE A 61 -5.55 -8.12 -6.01
N GLN A 62 -6.47 -7.37 -6.62
CA GLN A 62 -6.75 -7.53 -8.04
C GLN A 62 -6.03 -6.47 -8.86
N ARG A 63 -6.06 -6.63 -10.18
CA ARG A 63 -5.47 -5.64 -11.08
C ARG A 63 -6.31 -4.36 -11.11
N GLU A 64 -5.63 -3.23 -11.07
CA GLU A 64 -6.30 -1.94 -10.99
C GLU A 64 -7.18 -1.84 -9.76
N SER A 65 -6.74 -2.46 -8.66
CA SER A 65 -7.41 -2.33 -7.38
C SER A 65 -7.03 -1.03 -6.69
N THR A 66 -7.82 -0.66 -5.67
CA THR A 66 -7.59 0.59 -4.96
C THR A 66 -7.24 0.34 -3.51
N LEU A 67 -5.97 0.57 -3.16
CA LEU A 67 -5.53 0.53 -1.77
C LEU A 67 -5.55 1.93 -1.16
N HIS A 68 -5.84 1.98 0.15
CA HIS A 68 -5.89 3.26 0.86
C HIS A 68 -4.72 3.39 1.82
N LEU A 69 -4.01 4.51 1.71
CA LEU A 69 -2.84 4.76 2.55
C LEU A 69 -3.16 5.77 3.65
N VAL A 70 -2.81 5.42 4.88
CA VAL A 70 -2.92 6.34 6.00
C VAL A 70 -1.55 6.65 6.60
N LEU A 71 -1.28 7.94 6.80
CA LEU A 71 0.00 8.37 7.35
C LEU A 71 -0.07 8.46 8.87
N ARG A 72 0.78 7.68 9.55
CA ARG A 72 0.86 7.71 11.00
C ARG A 72 1.32 9.07 11.49
N LEU A 73 0.60 9.62 12.46
CA LEU A 73 0.94 10.90 13.06
C LEU A 73 2.12 10.76 14.03
N ARG A 74 2.20 9.60 14.67
CA ARG A 74 3.32 9.31 15.57
C ARG A 74 4.61 9.05 14.80
N GLY A 75 5.74 9.28 15.45
CA GLY A 75 7.04 9.09 14.83
C GLY A 75 7.56 10.40 14.24
N GLY A 76 8.79 10.36 13.73
CA GLY A 76 9.41 11.55 13.14
C GLY A 76 10.92 11.52 13.33
N MET A 1 0.78 -6.74 -13.76
CA MET A 1 -0.13 -6.41 -12.66
C MET A 1 0.25 -5.08 -12.02
N GLN A 2 -0.68 -4.14 -12.04
CA GLN A 2 -0.49 -2.86 -11.35
C GLN A 2 -1.64 -2.58 -10.40
N ILE A 3 -1.34 -1.86 -9.32
CA ILE A 3 -2.36 -1.47 -8.34
C ILE A 3 -2.34 0.02 -8.09
N PHE A 4 -3.45 0.54 -7.57
CA PHE A 4 -3.56 1.97 -7.25
C PHE A 4 -3.53 2.20 -5.75
N VAL A 5 -2.84 3.26 -5.34
CA VAL A 5 -2.79 3.65 -3.94
C VAL A 5 -3.20 5.09 -3.75
N ARG A 6 -4.13 5.33 -2.82
CA ARG A 6 -4.56 6.68 -2.49
C ARG A 6 -3.96 7.16 -1.18
N THR A 7 -3.05 8.12 -1.27
CA THR A 7 -2.34 8.62 -0.10
C THR A 7 -3.24 9.50 0.76
N LEU A 8 -2.81 9.77 1.99
CA LEU A 8 -3.56 10.61 2.90
C LEU A 8 -3.75 12.02 2.34
N THR A 9 -2.81 12.43 1.48
CA THR A 9 -2.85 13.77 0.91
C THR A 9 -3.78 13.82 -0.30
N GLY A 10 -4.37 12.68 -0.65
CA GLY A 10 -5.36 12.62 -1.71
C GLY A 10 -4.72 12.24 -3.04
N ARG A 11 -3.41 12.19 -3.06
CA ARG A 11 -2.67 11.81 -4.27
C ARG A 11 -2.94 10.36 -4.65
N THR A 12 -3.10 10.11 -5.94
CA THR A 12 -3.29 8.75 -6.44
C THR A 12 -2.08 8.30 -7.26
N ILE A 13 -1.48 7.19 -6.86
CA ILE A 13 -0.30 6.67 -7.54
C ILE A 13 -0.53 5.24 -8.02
N THR A 14 0.28 4.82 -9.00
CA THR A 14 0.17 3.47 -9.54
C THR A 14 1.48 2.70 -9.38
N LEU A 15 1.40 1.50 -8.81
CA LEU A 15 2.58 0.70 -8.53
C LEU A 15 2.58 -0.59 -9.32
N GLU A 16 3.74 -0.98 -9.83
CA GLU A 16 3.89 -2.25 -10.53
C GLU A 16 4.25 -3.37 -9.57
N VAL A 17 3.34 -4.32 -9.41
CA VAL A 17 3.44 -5.31 -8.35
C VAL A 17 3.14 -6.72 -8.87
N GLU A 18 3.36 -7.72 -8.02
CA GLU A 18 2.97 -9.09 -8.34
C GLU A 18 2.11 -9.68 -7.23
N PRO A 19 1.35 -10.72 -7.56
CA PRO A 19 0.50 -11.40 -6.59
C PRO A 19 1.30 -11.84 -5.38
N SER A 20 2.54 -12.25 -5.61
CA SER A 20 3.40 -12.77 -4.55
C SER A 20 4.25 -11.67 -3.93
N ASP A 21 3.95 -10.43 -4.30
CA ASP A 21 4.67 -9.27 -3.75
C ASP A 21 4.14 -8.90 -2.38
N THR A 22 5.04 -8.69 -1.42
CA THR A 22 4.66 -8.41 -0.05
C THR A 22 4.12 -7.00 0.10
N ILE A 23 3.32 -6.78 1.15
CA ILE A 23 2.86 -5.44 1.49
C ILE A 23 4.02 -4.53 1.86
N GLU A 24 5.06 -5.11 2.45
CA GLU A 24 6.28 -4.38 2.76
C GLU A 24 6.87 -3.73 1.51
N ASN A 25 6.94 -4.49 0.43
CA ASN A 25 7.45 -3.98 -0.83
C ASN A 25 6.60 -2.82 -1.34
N VAL A 26 5.28 -2.98 -1.25
CA VAL A 26 4.36 -1.92 -1.67
C VAL A 26 4.61 -0.63 -0.90
N ARG A 27 4.72 -0.74 0.41
CA ARG A 27 4.96 0.42 1.26
C ARG A 27 6.30 1.07 0.95
N ALA A 28 7.29 0.25 0.61
CA ALA A 28 8.59 0.76 0.20
C ALA A 28 8.49 1.58 -1.07
N ARG A 29 7.78 1.04 -2.06
CA ARG A 29 7.58 1.74 -3.33
C ARG A 29 6.85 3.06 -3.12
N ILE A 30 5.96 3.09 -2.14
CA ILE A 30 5.27 4.31 -1.76
C ILE A 30 6.23 5.31 -1.13
N GLN A 31 7.07 4.83 -0.22
CA GLN A 31 8.06 5.67 0.44
C GLN A 31 9.00 6.31 -0.57
N ASP A 32 9.26 5.59 -1.66
CA ASP A 32 10.12 6.10 -2.73
C ASP A 32 9.50 7.31 -3.40
N ARG A 33 8.19 7.43 -3.31
CA ARG A 33 7.46 8.49 -4.01
C ARG A 33 6.95 9.54 -3.04
N GLU A 34 6.82 9.17 -1.78
CA GLU A 34 6.24 10.05 -0.77
C GLU A 34 7.30 10.54 0.21
N GLY A 35 8.20 9.63 0.59
CA GLY A 35 9.24 9.96 1.56
C GLY A 35 8.80 9.60 2.98
N ILE A 36 7.70 8.87 3.09
CA ILE A 36 7.20 8.43 4.39
C ILE A 36 7.59 6.98 4.66
N PRO A 37 8.30 6.76 5.76
CA PRO A 37 8.76 5.42 6.12
C PRO A 37 7.60 4.43 6.14
N PRO A 38 7.85 3.22 5.67
CA PRO A 38 6.85 2.16 5.68
C PRO A 38 6.29 1.96 7.09
N ASP A 39 7.12 2.19 8.10
CA ASP A 39 6.70 2.05 9.49
C ASP A 39 5.63 3.07 9.85
N GLN A 40 5.58 4.16 9.10
CA GLN A 40 4.60 5.21 9.33
C GLN A 40 3.47 5.15 8.32
N GLN A 41 3.38 4.04 7.60
CA GLN A 41 2.33 3.84 6.61
C GLN A 41 1.38 2.72 7.02
N ARG A 42 0.10 2.91 6.78
CA ARG A 42 -0.89 1.86 6.99
C ARG A 42 -1.82 1.72 5.79
N LEU A 43 -1.83 0.53 5.19
CA LEU A 43 -2.65 0.29 4.01
C LEU A 43 -3.92 -0.46 4.37
N ILE A 44 -5.03 -0.05 3.77
CA ILE A 44 -6.31 -0.73 3.96
C ILE A 44 -6.92 -1.12 2.63
N PHE A 45 -7.40 -2.36 2.54
CA PHE A 45 -8.05 -2.85 1.33
C PHE A 45 -9.36 -3.56 1.65
N ALA A 46 -10.45 -3.05 1.09
CA ALA A 46 -11.77 -3.62 1.33
C ALA A 46 -12.12 -3.59 2.81
N GLY A 47 -11.60 -2.59 3.52
CA GLY A 47 -11.89 -2.42 4.93
C GLY A 47 -10.99 -3.28 5.80
N ARG A 48 -10.07 -4.00 5.16
CA ARG A 48 -9.17 -4.88 5.87
C ARG A 48 -7.76 -4.30 5.94
N GLN A 49 -7.24 -4.17 7.15
CA GLN A 49 -5.89 -3.66 7.36
C GLN A 49 -4.85 -4.63 6.81
N LEU A 50 -3.93 -4.11 6.01
CA LEU A 50 -2.87 -4.92 5.42
C LEU A 50 -1.62 -4.92 6.29
N GLU A 51 -0.98 -6.07 6.39
CA GLU A 51 0.20 -6.21 7.25
C GLU A 51 1.42 -6.63 6.44
N ASP A 52 2.60 -6.22 6.89
CA ASP A 52 3.85 -6.54 6.22
C ASP A 52 4.22 -8.01 6.42
N GLY A 53 4.84 -8.60 5.41
CA GLY A 53 5.23 -10.00 5.47
C GLY A 53 4.24 -10.89 4.72
N ARG A 54 3.06 -10.35 4.45
CA ARG A 54 2.05 -11.04 3.67
C ARG A 54 1.94 -10.46 2.27
N THR A 55 1.50 -11.28 1.32
CA THR A 55 1.53 -10.91 -0.09
C THR A 55 0.18 -10.38 -0.54
N LEU A 56 0.17 -9.64 -1.64
CA LEU A 56 -1.06 -9.08 -2.19
C LEU A 56 -2.11 -10.16 -2.42
N SER A 57 -1.65 -11.33 -2.85
CA SER A 57 -2.55 -12.45 -3.09
C SER A 57 -3.26 -12.88 -1.82
N ASP A 58 -2.59 -12.71 -0.69
CA ASP A 58 -3.14 -13.11 0.60
C ASP A 58 -4.38 -12.32 0.95
N TYR A 59 -4.44 -11.07 0.48
CA TYR A 59 -5.56 -10.19 0.75
C TYR A 59 -6.50 -10.09 -0.44
N ASN A 60 -6.31 -10.99 -1.41
CA ASN A 60 -7.13 -10.99 -2.61
C ASN A 60 -7.04 -9.66 -3.34
N ILE A 61 -5.84 -9.12 -3.44
CA ILE A 61 -5.60 -7.89 -4.18
C ILE A 61 -5.18 -8.17 -5.62
N GLN A 62 -5.91 -7.61 -6.58
CA GLN A 62 -5.73 -7.95 -7.98
C GLN A 62 -5.33 -6.73 -8.80
N ARG A 63 -5.29 -6.89 -10.12
CA ARG A 63 -4.95 -5.80 -11.02
C ARG A 63 -6.00 -4.69 -10.95
N GLU A 64 -5.54 -3.45 -10.97
CA GLU A 64 -6.44 -2.30 -10.89
C GLU A 64 -7.26 -2.32 -9.59
N SER A 65 -6.63 -2.80 -8.53
CA SER A 65 -7.23 -2.72 -7.19
C SER A 65 -6.98 -1.36 -6.56
N THR A 66 -7.86 -0.96 -5.64
CA THR A 66 -7.74 0.33 -4.98
C THR A 66 -7.36 0.17 -3.52
N LEU A 67 -6.11 0.49 -3.20
CA LEU A 67 -5.65 0.48 -1.82
C LEU A 67 -5.69 1.88 -1.20
N HIS A 68 -6.11 1.96 0.06
CA HIS A 68 -6.18 3.23 0.75
C HIS A 68 -5.06 3.38 1.77
N LEU A 69 -4.31 4.47 1.66
CA LEU A 69 -3.12 4.66 2.49
C LEU A 69 -3.33 5.74 3.54
N VAL A 70 -3.13 5.38 4.80
CA VAL A 70 -3.12 6.35 5.89
C VAL A 70 -1.70 6.63 6.36
N LEU A 71 -1.36 7.91 6.47
CA LEU A 71 -0.03 8.31 6.88
C LEU A 71 0.00 8.76 8.34
N ARG A 72 1.00 8.29 9.08
CA ARG A 72 1.12 8.64 10.50
C ARG A 72 1.49 10.11 10.68
N LEU A 73 2.22 10.65 9.71
CA LEU A 73 2.62 12.05 9.76
C LEU A 73 1.42 12.98 9.69
N ARG A 74 1.33 13.89 10.66
CA ARG A 74 0.22 14.85 10.71
C ARG A 74 0.17 15.71 9.46
N GLY A 75 -0.94 15.63 8.74
CA GLY A 75 -1.13 16.43 7.53
C GLY A 75 -0.74 15.64 6.29
N GLY A 76 -0.22 14.43 6.50
CA GLY A 76 0.20 13.58 5.39
C GLY A 76 1.61 13.94 4.92
N MET A 1 0.81 -6.70 -13.41
CA MET A 1 -0.26 -6.26 -12.52
C MET A 1 0.08 -4.90 -11.91
N GLN A 2 -0.87 -3.98 -11.98
CA GLN A 2 -0.71 -2.66 -11.38
C GLN A 2 -1.80 -2.37 -10.37
N ILE A 3 -1.44 -1.68 -9.29
CA ILE A 3 -2.41 -1.31 -8.26
C ILE A 3 -2.40 0.19 -8.03
N PHE A 4 -3.49 0.71 -7.46
CA PHE A 4 -3.62 2.14 -7.22
C PHE A 4 -3.71 2.43 -5.72
N VAL A 5 -2.71 3.14 -5.20
CA VAL A 5 -2.68 3.50 -3.79
C VAL A 5 -3.10 4.95 -3.58
N ARG A 6 -4.21 5.14 -2.86
CA ARG A 6 -4.66 6.49 -2.52
C ARG A 6 -4.09 6.95 -1.19
N THR A 7 -3.16 7.89 -1.26
CA THR A 7 -2.50 8.39 -0.06
C THR A 7 -3.41 9.32 0.73
N LEU A 8 -3.03 9.61 1.97
CA LEU A 8 -3.81 10.50 2.82
C LEU A 8 -3.89 11.90 2.22
N THR A 9 -2.89 12.26 1.42
CA THR A 9 -2.83 13.59 0.82
C THR A 9 -3.70 13.67 -0.43
N GLY A 10 -4.27 12.53 -0.81
CA GLY A 10 -5.18 12.48 -1.96
C GLY A 10 -4.44 12.08 -3.22
N ARG A 11 -3.13 11.94 -3.12
CA ARG A 11 -2.29 11.57 -4.26
C ARG A 11 -2.53 10.12 -4.67
N THR A 12 -2.72 9.89 -5.96
CA THR A 12 -2.88 8.55 -6.48
C THR A 12 -1.55 8.00 -7.01
N ILE A 13 -1.04 6.96 -6.36
CA ILE A 13 0.22 6.35 -6.75
C ILE A 13 -0.01 5.00 -7.44
N THR A 14 0.35 4.93 -8.72
CA THR A 14 0.22 3.68 -9.48
C THR A 14 1.49 2.85 -9.40
N LEU A 15 1.37 1.65 -8.83
CA LEU A 15 2.53 0.80 -8.61
C LEU A 15 2.47 -0.46 -9.47
N GLU A 16 3.60 -0.82 -10.06
CA GLU A 16 3.73 -2.09 -10.77
C GLU A 16 4.20 -3.19 -9.82
N VAL A 17 3.30 -4.13 -9.52
CA VAL A 17 3.53 -5.10 -8.47
C VAL A 17 3.18 -6.52 -8.92
N GLU A 18 3.47 -7.50 -8.07
CA GLU A 18 3.08 -8.87 -8.32
C GLU A 18 2.31 -9.46 -7.15
N PRO A 19 1.47 -10.44 -7.42
CA PRO A 19 0.67 -11.08 -6.38
C PRO A 19 1.56 -11.61 -5.26
N SER A 20 2.77 -12.00 -5.60
CA SER A 20 3.67 -12.65 -4.66
C SER A 20 4.51 -11.62 -3.91
N ASP A 21 4.28 -10.35 -4.20
CA ASP A 21 4.99 -9.26 -3.53
C ASP A 21 4.39 -8.98 -2.16
N THR A 22 5.24 -8.75 -1.17
CA THR A 22 4.79 -8.49 0.19
C THR A 22 4.25 -7.07 0.33
N ILE A 23 3.39 -6.87 1.32
CA ILE A 23 2.88 -5.54 1.64
C ILE A 23 3.99 -4.62 2.10
N GLU A 24 4.99 -5.20 2.77
CA GLU A 24 6.21 -4.47 3.08
C GLU A 24 6.85 -3.88 1.83
N ASN A 25 6.97 -4.69 0.79
CA ASN A 25 7.53 -4.23 -0.47
C ASN A 25 6.66 -3.14 -1.11
N VAL A 26 5.35 -3.31 -1.01
CA VAL A 26 4.42 -2.31 -1.50
C VAL A 26 4.65 -0.96 -0.81
N ARG A 27 4.77 -1.00 0.51
CA ARG A 27 4.98 0.22 1.30
C ARG A 27 6.31 0.88 0.93
N ALA A 28 7.31 0.07 0.66
CA ALA A 28 8.59 0.57 0.17
C ALA A 28 8.44 1.28 -1.16
N ARG A 29 7.71 0.66 -2.08
CA ARG A 29 7.44 1.25 -3.38
C ARG A 29 6.69 2.57 -3.24
N ILE A 30 5.81 2.63 -2.25
CA ILE A 30 5.09 3.87 -1.94
C ILE A 30 6.03 4.95 -1.43
N GLN A 31 6.88 4.57 -0.48
CA GLN A 31 7.82 5.52 0.13
C GLN A 31 8.69 6.18 -0.93
N ASP A 32 9.05 5.41 -1.95
CA ASP A 32 9.86 5.93 -3.04
C ASP A 32 9.24 7.16 -3.68
N ARG A 33 7.91 7.21 -3.64
CA ARG A 33 7.16 8.29 -4.29
C ARG A 33 6.74 9.35 -3.29
N GLU A 34 6.16 8.92 -2.17
CA GLU A 34 5.58 9.83 -1.20
C GLU A 34 6.65 10.40 -0.28
N GLY A 35 7.61 9.57 0.09
CA GLY A 35 8.68 9.99 1.00
C GLY A 35 8.31 9.69 2.45
N ILE A 36 7.28 8.88 2.63
CA ILE A 36 6.85 8.48 3.97
C ILE A 36 7.32 7.07 4.29
N PRO A 37 8.06 6.94 5.39
CA PRO A 37 8.59 5.65 5.81
C PRO A 37 7.47 4.63 5.97
N PRO A 38 7.73 3.39 5.54
CA PRO A 38 6.78 2.31 5.71
C PRO A 38 6.33 2.20 7.16
N ASP A 39 7.23 2.51 8.08
CA ASP A 39 6.92 2.46 9.50
C ASP A 39 5.81 3.45 9.85
N GLN A 40 5.74 4.54 9.11
CA GLN A 40 4.73 5.57 9.35
C GLN A 40 3.56 5.44 8.39
N GLN A 41 3.52 4.34 7.66
CA GLN A 41 2.42 4.05 6.75
C GLN A 41 1.44 3.07 7.37
N ARG A 42 0.15 3.32 7.15
CA ARG A 42 -0.89 2.34 7.47
C ARG A 42 -1.77 2.07 6.26
N LEU A 43 -1.68 0.85 5.74
CA LEU A 43 -2.28 0.54 4.44
C LEU A 43 -3.39 -0.49 4.58
N ILE A 44 -4.56 -0.17 4.03
CA ILE A 44 -5.72 -1.04 4.13
C ILE A 44 -6.31 -1.33 2.75
N PHE A 45 -7.08 -2.41 2.66
CA PHE A 45 -7.78 -2.74 1.42
C PHE A 45 -9.19 -3.23 1.71
N ALA A 46 -10.18 -2.52 1.19
CA ALA A 46 -11.59 -2.83 1.46
C ALA A 46 -11.88 -2.75 2.95
N GLY A 47 -11.15 -1.89 3.65
CA GLY A 47 -11.37 -1.68 5.07
C GLY A 47 -10.62 -2.71 5.91
N ARG A 48 -9.84 -3.55 5.24
CA ARG A 48 -9.09 -4.59 5.93
C ARG A 48 -7.61 -4.24 6.00
N GLN A 49 -7.08 -4.21 7.22
CA GLN A 49 -5.68 -3.88 7.44
C GLN A 49 -4.77 -4.91 6.79
N LEU A 50 -3.80 -4.44 6.02
CA LEU A 50 -2.86 -5.33 5.34
C LEU A 50 -1.62 -5.56 6.18
N GLU A 51 -1.16 -6.81 6.22
CA GLU A 51 -0.01 -7.19 7.03
C GLU A 51 1.27 -7.16 6.19
N ASP A 52 2.28 -6.48 6.71
CA ASP A 52 3.53 -6.27 5.97
C ASP A 52 4.12 -7.60 5.52
N GLY A 53 4.01 -8.62 6.38
CA GLY A 53 4.69 -9.88 6.14
C GLY A 53 3.96 -10.71 5.09
N ARG A 54 2.69 -10.36 4.85
CA ARG A 54 1.87 -11.09 3.89
C ARG A 54 1.96 -10.46 2.50
N THR A 55 1.42 -11.17 1.51
CA THR A 55 1.55 -10.74 0.12
C THR A 55 0.20 -10.29 -0.44
N LEU A 56 0.24 -9.59 -1.57
CA LEU A 56 -0.97 -9.08 -2.20
C LEU A 56 -1.95 -10.20 -2.50
N SER A 57 -1.42 -11.37 -2.85
CA SER A 57 -2.25 -12.52 -3.19
C SER A 57 -3.07 -12.97 -1.98
N ASP A 58 -2.50 -12.79 -0.78
CA ASP A 58 -3.15 -13.24 0.44
C ASP A 58 -4.41 -12.44 0.73
N TYR A 59 -4.48 -11.23 0.17
CA TYR A 59 -5.64 -10.37 0.34
C TYR A 59 -6.44 -10.25 -0.96
N ASN A 60 -6.14 -11.14 -1.91
CA ASN A 60 -6.84 -11.14 -3.19
C ASN A 60 -6.80 -9.77 -3.84
N ILE A 61 -5.64 -9.13 -3.82
CA ILE A 61 -5.46 -7.83 -4.45
C ILE A 61 -4.95 -7.99 -5.88
N GLN A 62 -5.72 -7.50 -6.84
CA GLN A 62 -5.45 -7.76 -8.25
C GLN A 62 -5.20 -6.46 -9.02
N ARG A 63 -5.11 -6.58 -10.34
CA ARG A 63 -4.94 -5.41 -11.20
C ARG A 63 -6.06 -4.41 -10.99
N GLU A 64 -5.72 -3.12 -11.02
CA GLU A 64 -6.71 -2.07 -10.89
C GLU A 64 -7.45 -2.15 -9.57
N SER A 65 -6.74 -2.55 -8.53
CA SER A 65 -7.31 -2.57 -7.18
C SER A 65 -7.01 -1.26 -6.44
N THR A 66 -8.00 -0.79 -5.70
CA THR A 66 -7.88 0.49 -5.00
C THR A 66 -7.52 0.27 -3.53
N LEU A 67 -6.29 0.62 -3.17
CA LEU A 67 -5.85 0.55 -1.79
C LEU A 67 -5.89 1.92 -1.13
N HIS A 68 -6.14 1.92 0.18
CA HIS A 68 -6.27 3.18 0.93
C HIS A 68 -5.16 3.31 1.95
N LEU A 69 -4.40 4.41 1.86
CA LEU A 69 -3.21 4.59 2.68
C LEU A 69 -3.35 5.78 3.61
N VAL A 70 -2.99 5.59 4.87
CA VAL A 70 -2.92 6.68 5.83
C VAL A 70 -1.48 7.01 6.19
N LEU A 71 -1.15 8.29 6.15
CA LEU A 71 0.22 8.74 6.37
C LEU A 71 0.39 9.36 7.76
N ARG A 72 1.02 8.61 8.65
CA ARG A 72 1.28 9.10 10.01
C ARG A 72 2.53 9.98 10.05
N LEU A 73 2.62 10.81 11.08
CA LEU A 73 3.78 11.69 11.24
C LEU A 73 4.99 10.92 11.76
N ARG A 74 6.18 11.38 11.37
CA ARG A 74 7.42 10.73 11.78
C ARG A 74 7.66 10.90 13.27
N GLY A 75 8.24 9.88 13.90
CA GLY A 75 8.52 9.91 15.33
C GLY A 75 7.28 9.56 16.14
N GLY A 76 7.33 9.85 17.44
CA GLY A 76 6.21 9.57 18.33
C GLY A 76 6.41 8.24 19.05
N MET A 1 0.60 -6.80 -12.93
CA MET A 1 -0.53 -6.28 -12.15
C MET A 1 -0.23 -4.91 -11.58
N GLN A 2 -0.94 -3.90 -12.07
CA GLN A 2 -0.81 -2.54 -11.54
C GLN A 2 -1.80 -2.30 -10.40
N ILE A 3 -1.37 -1.52 -9.41
CA ILE A 3 -2.25 -1.13 -8.32
C ILE A 3 -2.24 0.38 -8.12
N PHE A 4 -3.32 0.91 -7.57
CA PHE A 4 -3.43 2.34 -7.31
C PHE A 4 -3.50 2.63 -5.82
N VAL A 5 -2.49 3.33 -5.31
CA VAL A 5 -2.44 3.69 -3.89
C VAL A 5 -2.90 5.12 -3.66
N ARG A 6 -4.03 5.28 -2.99
CA ARG A 6 -4.57 6.60 -2.70
C ARG A 6 -4.22 7.05 -1.29
N THR A 7 -3.48 8.15 -1.20
CA THR A 7 -2.97 8.63 0.08
C THR A 7 -3.98 9.53 0.77
N LEU A 8 -3.76 9.80 2.05
CA LEU A 8 -4.61 10.70 2.81
C LEU A 8 -4.55 12.12 2.25
N THR A 9 -3.46 12.42 1.56
CA THR A 9 -3.25 13.76 1.01
C THR A 9 -3.83 13.88 -0.39
N GLY A 10 -4.48 12.81 -0.85
CA GLY A 10 -5.22 12.85 -2.12
C GLY A 10 -4.28 12.59 -3.28
N ARG A 11 -3.12 12.00 -3.01
CA ARG A 11 -2.16 11.66 -4.05
C ARG A 11 -2.37 10.23 -4.54
N THR A 12 -2.16 10.03 -5.84
CA THR A 12 -2.34 8.72 -6.46
C THR A 12 -1.00 8.14 -6.91
N ILE A 13 -0.55 7.10 -6.22
CA ILE A 13 0.67 6.41 -6.61
C ILE A 13 0.36 5.11 -7.34
N THR A 14 0.69 5.06 -8.62
CA THR A 14 0.48 3.87 -9.43
C THR A 14 1.72 2.98 -9.46
N LEU A 15 1.57 1.76 -8.97
CA LEU A 15 2.71 0.85 -8.84
C LEU A 15 2.53 -0.39 -9.70
N GLU A 16 3.61 -0.84 -10.32
CA GLU A 16 3.62 -2.13 -11.02
C GLU A 16 4.16 -3.24 -10.13
N VAL A 17 3.26 -4.13 -9.70
CA VAL A 17 3.60 -5.11 -8.68
C VAL A 17 3.19 -6.52 -9.11
N GLU A 18 3.44 -7.49 -8.25
CA GLU A 18 2.94 -8.84 -8.46
C GLU A 18 2.17 -9.33 -7.23
N PRO A 19 1.24 -10.24 -7.47
CA PRO A 19 0.42 -10.78 -6.39
C PRO A 19 1.26 -11.53 -5.36
N SER A 20 2.42 -12.00 -5.81
CA SER A 20 3.31 -12.75 -4.94
C SER A 20 4.21 -11.83 -4.12
N ASP A 21 4.11 -10.53 -4.38
CA ASP A 21 4.90 -9.54 -3.67
C ASP A 21 4.35 -9.30 -2.28
N THR A 22 5.25 -9.12 -1.31
CA THR A 22 4.86 -8.83 0.07
C THR A 22 4.34 -7.41 0.21
N ILE A 23 3.58 -7.16 1.27
CA ILE A 23 3.14 -5.81 1.60
C ILE A 23 4.31 -4.92 1.96
N GLU A 24 5.36 -5.51 2.53
CA GLU A 24 6.60 -4.79 2.80
C GLU A 24 7.18 -4.20 1.52
N ASN A 25 7.21 -5.00 0.46
CA ASN A 25 7.69 -4.54 -0.83
C ASN A 25 6.85 -3.38 -1.36
N VAL A 26 5.54 -3.51 -1.20
CA VAL A 26 4.62 -2.45 -1.62
C VAL A 26 4.91 -1.15 -0.87
N ARG A 27 5.08 -1.25 0.44
CA ARG A 27 5.38 -0.08 1.27
C ARG A 27 6.65 0.61 0.80
N ALA A 28 7.66 -0.18 0.45
CA ALA A 28 8.91 0.36 -0.07
C ALA A 28 8.69 1.10 -1.38
N ARG A 29 7.93 0.47 -2.29
CA ARG A 29 7.64 1.07 -3.58
C ARG A 29 6.89 2.39 -3.42
N ILE A 30 6.04 2.46 -2.41
CA ILE A 30 5.33 3.69 -2.09
C ILE A 30 6.28 4.76 -1.57
N GLN A 31 7.12 4.38 -0.61
CA GLN A 31 8.06 5.31 -0.01
C GLN A 31 9.02 5.87 -1.05
N ASP A 32 9.32 5.07 -2.07
CA ASP A 32 10.19 5.51 -3.16
C ASP A 32 9.62 6.73 -3.87
N ARG A 33 8.29 6.86 -3.84
CA ARG A 33 7.61 7.93 -4.55
C ARG A 33 7.24 9.07 -3.61
N GLU A 34 6.61 8.73 -2.49
CA GLU A 34 6.12 9.73 -1.55
C GLU A 34 7.25 10.25 -0.66
N GLY A 35 8.12 9.33 -0.24
CA GLY A 35 9.16 9.66 0.73
C GLY A 35 8.68 9.42 2.15
N ILE A 36 7.52 8.80 2.28
CA ILE A 36 6.95 8.52 3.60
C ILE A 36 7.38 7.14 4.10
N PRO A 37 8.02 7.12 5.26
CA PRO A 37 8.47 5.88 5.86
C PRO A 37 7.34 4.87 5.96
N PRO A 38 7.64 3.60 5.69
CA PRO A 38 6.65 2.53 5.77
C PRO A 38 5.95 2.53 7.12
N ASP A 39 6.69 2.89 8.16
CA ASP A 39 6.17 2.83 9.52
C ASP A 39 5.17 3.94 9.77
N GLN A 40 5.12 4.91 8.86
CA GLN A 40 4.16 6.01 8.97
C GLN A 40 2.98 5.80 8.03
N GLN A 41 2.94 4.64 7.38
CA GLN A 41 1.86 4.33 6.46
C GLN A 41 0.89 3.32 7.07
N ARG A 42 -0.39 3.70 7.09
CA ARG A 42 -1.45 2.76 7.43
C ARG A 42 -2.19 2.28 6.18
N LEU A 43 -1.84 1.10 5.70
CA LEU A 43 -2.38 0.58 4.45
C LEU A 43 -3.60 -0.31 4.70
N ILE A 44 -4.70 0.00 4.04
CA ILE A 44 -5.92 -0.77 4.19
C ILE A 44 -6.48 -1.21 2.85
N PHE A 45 -6.94 -2.46 2.77
CA PHE A 45 -7.59 -2.97 1.58
C PHE A 45 -8.78 -3.85 1.92
N ALA A 46 -9.95 -3.48 1.41
CA ALA A 46 -11.18 -4.20 1.71
C ALA A 46 -11.48 -4.18 3.20
N GLY A 47 -11.02 -3.14 3.88
CA GLY A 47 -11.29 -2.96 5.30
C GLY A 47 -10.28 -3.70 6.16
N ARG A 48 -9.31 -4.34 5.50
CA ARG A 48 -8.30 -5.11 6.20
C ARG A 48 -6.95 -4.39 6.19
N GLN A 49 -6.35 -4.26 7.36
CA GLN A 49 -5.02 -3.69 7.48
C GLN A 49 -3.96 -4.62 6.90
N LEU A 50 -3.10 -4.07 6.04
CA LEU A 50 -2.13 -4.88 5.31
C LEU A 50 -0.88 -5.14 6.14
N GLU A 51 -0.56 -6.42 6.31
CA GLU A 51 0.58 -6.81 7.14
C GLU A 51 1.78 -7.19 6.29
N ASP A 52 2.97 -6.85 6.77
CA ASP A 52 4.20 -7.05 6.00
C ASP A 52 4.57 -8.53 5.94
N GLY A 53 3.97 -9.32 6.82
CA GLY A 53 4.19 -10.76 6.82
C GLY A 53 3.30 -11.45 5.78
N ARG A 54 2.47 -10.67 5.12
CA ARG A 54 1.55 -11.21 4.13
C ARG A 54 1.78 -10.59 2.75
N THR A 55 1.19 -11.18 1.73
CA THR A 55 1.38 -10.73 0.35
C THR A 55 0.13 -10.05 -0.19
N LEU A 56 0.23 -9.51 -1.39
CA LEU A 56 -0.92 -8.90 -2.06
C LEU A 56 -1.98 -9.96 -2.38
N SER A 57 -1.52 -11.15 -2.77
CA SER A 57 -2.43 -12.25 -3.06
C SER A 57 -3.16 -12.70 -1.81
N ASP A 58 -2.50 -12.61 -0.66
CA ASP A 58 -3.10 -12.97 0.62
C ASP A 58 -4.33 -12.11 0.91
N TYR A 59 -4.30 -10.88 0.43
CA TYR A 59 -5.41 -9.96 0.63
C TYR A 59 -6.28 -9.87 -0.61
N ASN A 60 -6.02 -10.73 -1.58
CA ASN A 60 -6.81 -10.78 -2.80
C ASN A 60 -6.85 -9.43 -3.50
N ILE A 61 -5.67 -8.81 -3.63
CA ILE A 61 -5.55 -7.58 -4.38
C ILE A 61 -5.71 -7.83 -5.88
N GLN A 62 -6.51 -7.01 -6.53
CA GLN A 62 -6.86 -7.21 -7.93
C GLN A 62 -6.12 -6.25 -8.85
N ARG A 63 -6.20 -6.49 -10.15
CA ARG A 63 -5.59 -5.60 -11.13
C ARG A 63 -6.32 -4.26 -11.20
N GLU A 64 -5.56 -3.17 -11.12
CA GLU A 64 -6.14 -1.84 -11.09
C GLU A 64 -7.07 -1.67 -9.89
N SER A 65 -6.73 -2.33 -8.78
CA SER A 65 -7.46 -2.17 -7.53
C SER A 65 -7.03 -0.90 -6.80
N THR A 66 -7.81 -0.51 -5.81
CA THR A 66 -7.53 0.71 -5.05
C THR A 66 -7.11 0.37 -3.62
N LEU A 67 -5.86 0.68 -3.28
CA LEU A 67 -5.38 0.52 -1.92
C LEU A 67 -5.43 1.85 -1.17
N HIS A 68 -5.83 1.80 0.09
CA HIS A 68 -6.02 3.01 0.89
C HIS A 68 -4.83 3.24 1.81
N LEU A 69 -4.23 4.42 1.70
CA LEU A 69 -3.10 4.79 2.54
C LEU A 69 -3.45 5.97 3.45
N VAL A 70 -3.55 5.70 4.75
CA VAL A 70 -3.77 6.75 5.73
C VAL A 70 -2.48 7.13 6.43
N LEU A 71 -2.23 8.43 6.55
CA LEU A 71 -1.01 8.94 7.15
C LEU A 71 -1.06 8.82 8.67
N ARG A 72 -0.12 8.08 9.23
CA ARG A 72 -0.07 7.85 10.67
C ARG A 72 0.44 9.08 11.40
N LEU A 73 0.24 9.11 12.72
CA LEU A 73 0.67 10.23 13.54
C LEU A 73 2.13 10.07 13.96
N ARG A 74 2.73 8.95 13.57
CA ARG A 74 4.13 8.70 13.87
C ARG A 74 5.03 9.78 13.28
N GLY A 75 5.89 10.36 14.11
CA GLY A 75 6.78 11.43 13.67
C GLY A 75 8.04 10.86 13.03
N GLY A 76 8.98 11.74 12.70
CA GLY A 76 10.22 11.33 12.05
C GLY A 76 10.31 11.89 10.64
N MET A 1 1.24 -6.74 -12.46
CA MET A 1 -0.03 -6.33 -11.87
C MET A 1 0.00 -4.85 -11.49
N GLN A 2 -0.94 -4.09 -12.05
CA GLN A 2 -0.99 -2.65 -11.81
C GLN A 2 -2.03 -2.30 -10.75
N ILE A 3 -1.57 -1.77 -9.63
CA ILE A 3 -2.46 -1.39 -8.53
C ILE A 3 -2.42 0.11 -8.29
N PHE A 4 -3.46 0.62 -7.63
CA PHE A 4 -3.58 2.05 -7.38
C PHE A 4 -3.70 2.34 -5.90
N VAL A 5 -2.79 3.17 -5.39
CA VAL A 5 -2.79 3.53 -3.97
C VAL A 5 -3.16 5.00 -3.79
N ARG A 6 -4.14 5.27 -2.93
CA ARG A 6 -4.56 6.63 -2.65
C ARG A 6 -3.97 7.12 -1.33
N THR A 7 -3.05 8.07 -1.42
CA THR A 7 -2.38 8.60 -0.24
C THR A 7 -3.35 9.39 0.63
N LEU A 8 -2.92 9.71 1.85
CA LEU A 8 -3.71 10.53 2.76
C LEU A 8 -4.03 11.89 2.14
N THR A 9 -3.16 12.34 1.24
CA THR A 9 -3.33 13.65 0.62
C THR A 9 -4.17 13.54 -0.66
N GLY A 10 -4.66 12.34 -0.94
CA GLY A 10 -5.56 12.13 -2.07
C GLY A 10 -4.80 12.01 -3.37
N ARG A 11 -3.51 11.68 -3.27
CA ARG A 11 -2.67 11.53 -4.45
C ARG A 11 -2.68 10.08 -4.95
N THR A 12 -2.92 9.92 -6.24
CA THR A 12 -3.01 8.60 -6.84
C THR A 12 -1.64 8.09 -7.26
N ILE A 13 -1.14 7.08 -6.55
CA ILE A 13 0.13 6.45 -6.88
C ILE A 13 -0.09 5.12 -7.58
N THR A 14 0.34 5.05 -8.84
CA THR A 14 0.23 3.82 -9.62
C THR A 14 1.49 2.97 -9.49
N LEU A 15 1.32 1.76 -8.97
CA LEU A 15 2.47 0.89 -8.69
C LEU A 15 2.44 -0.35 -9.57
N GLU A 16 3.60 -0.69 -10.13
CA GLU A 16 3.76 -1.96 -10.85
C GLU A 16 4.30 -3.04 -9.92
N VAL A 17 3.41 -3.97 -9.55
CA VAL A 17 3.75 -4.95 -8.52
C VAL A 17 3.38 -6.37 -9.00
N GLU A 18 3.63 -7.34 -8.13
CA GLU A 18 3.16 -8.70 -8.36
C GLU A 18 2.35 -9.21 -7.18
N PRO A 19 1.45 -10.16 -7.44
CA PRO A 19 0.63 -10.74 -6.39
C PRO A 19 1.47 -11.29 -5.25
N SER A 20 2.69 -11.73 -5.58
CA SER A 20 3.55 -12.40 -4.62
C SER A 20 4.41 -11.39 -3.87
N ASP A 21 4.18 -10.11 -4.12
CA ASP A 21 4.91 -9.05 -3.44
C ASP A 21 4.25 -8.71 -2.11
N THR A 22 5.08 -8.46 -1.09
CA THR A 22 4.59 -8.21 0.25
C THR A 22 4.06 -6.79 0.39
N ILE A 23 3.20 -6.58 1.39
CA ILE A 23 2.74 -5.24 1.72
C ILE A 23 3.91 -4.31 2.06
N GLU A 24 4.92 -4.87 2.70
CA GLU A 24 6.14 -4.13 3.00
C GLU A 24 6.78 -3.59 1.73
N ASN A 25 6.88 -4.44 0.71
CA ASN A 25 7.46 -4.06 -0.57
C ASN A 25 6.65 -2.95 -1.23
N VAL A 26 5.33 -3.07 -1.16
CA VAL A 26 4.43 -2.04 -1.68
C VAL A 26 4.66 -0.70 -0.98
N ARG A 27 4.73 -0.74 0.34
CA ARG A 27 4.95 0.47 1.14
C ARG A 27 6.30 1.09 0.82
N ALA A 28 7.29 0.24 0.53
CA ALA A 28 8.61 0.72 0.11
C ALA A 28 8.53 1.44 -1.23
N ARG A 29 7.79 0.86 -2.17
CA ARG A 29 7.57 1.48 -3.46
C ARG A 29 6.88 2.83 -3.32
N ILE A 30 6.00 2.94 -2.33
CA ILE A 30 5.35 4.20 -2.02
C ILE A 30 6.35 5.20 -1.42
N GLN A 31 7.18 4.72 -0.51
CA GLN A 31 8.22 5.55 0.08
C GLN A 31 9.08 6.21 -0.99
N ASP A 32 9.35 5.48 -2.05
CA ASP A 32 10.17 5.99 -3.15
C ASP A 32 9.55 7.24 -3.76
N ARG A 33 8.24 7.35 -3.65
CA ARG A 33 7.49 8.41 -4.33
C ARG A 33 7.00 9.45 -3.34
N GLU A 34 6.90 9.05 -2.08
CA GLU A 34 6.35 9.92 -1.03
C GLU A 34 7.44 10.38 -0.07
N GLY A 35 8.25 9.42 0.38
CA GLY A 35 9.28 9.71 1.37
C GLY A 35 8.87 9.24 2.75
N ILE A 36 7.76 8.51 2.82
CA ILE A 36 7.26 7.98 4.08
C ILE A 36 7.64 6.52 4.25
N PRO A 37 8.26 6.20 5.38
CA PRO A 37 8.69 4.84 5.67
C PRO A 37 7.50 3.91 5.91
N PRO A 38 7.65 2.66 5.51
CA PRO A 38 6.59 1.66 5.71
C PRO A 38 6.15 1.63 7.17
N ASP A 39 7.08 1.89 8.07
CA ASP A 39 6.78 1.88 9.50
C ASP A 39 5.69 2.89 9.85
N GLN A 40 5.64 3.97 9.09
CA GLN A 40 4.69 5.05 9.35
C GLN A 40 3.53 5.02 8.35
N GLN A 41 3.51 3.98 7.52
CA GLN A 41 2.42 3.80 6.56
C GLN A 41 1.43 2.76 7.05
N ARG A 42 0.14 3.00 6.78
CA ARG A 42 -0.89 2.01 7.01
C ARG A 42 -1.81 1.88 5.81
N LEU A 43 -1.90 0.67 5.26
CA LEU A 43 -2.70 0.42 4.07
C LEU A 43 -3.99 -0.32 4.42
N ILE A 44 -5.08 0.07 3.78
CA ILE A 44 -6.36 -0.61 3.97
C ILE A 44 -6.94 -1.04 2.63
N PHE A 45 -7.45 -2.26 2.58
CA PHE A 45 -8.08 -2.79 1.38
C PHE A 45 -9.38 -3.53 1.70
N ALA A 46 -10.48 -3.07 1.10
CA ALA A 46 -11.78 -3.68 1.33
C ALA A 46 -12.17 -3.60 2.80
N GLY A 47 -11.67 -2.58 3.49
CA GLY A 47 -12.01 -2.35 4.89
C GLY A 47 -11.12 -3.17 5.81
N ARG A 48 -10.17 -3.89 5.23
CA ARG A 48 -9.27 -4.74 5.99
C ARG A 48 -7.87 -4.13 6.06
N GLN A 49 -7.36 -3.96 7.27
CA GLN A 49 -6.01 -3.45 7.48
C GLN A 49 -4.96 -4.44 6.95
N LEU A 50 -4.03 -3.93 6.14
CA LEU A 50 -2.99 -4.76 5.57
C LEU A 50 -1.73 -4.74 6.42
N GLU A 51 -1.08 -5.90 6.55
CA GLU A 51 0.08 -6.05 7.41
C GLU A 51 1.31 -6.46 6.61
N ASP A 52 2.48 -6.05 7.09
CA ASP A 52 3.73 -6.38 6.42
C ASP A 52 4.09 -7.85 6.61
N GLY A 53 4.76 -8.42 5.62
CA GLY A 53 5.16 -9.83 5.68
C GLY A 53 4.14 -10.71 4.95
N ARG A 54 3.00 -10.14 4.62
CA ARG A 54 1.98 -10.86 3.86
C ARG A 54 1.85 -10.28 2.45
N THR A 55 1.53 -11.15 1.50
CA THR A 55 1.56 -10.78 0.09
C THR A 55 0.25 -10.10 -0.32
N LEU A 56 0.28 -9.42 -1.46
CA LEU A 56 -0.94 -8.85 -2.04
C LEU A 56 -1.96 -9.94 -2.34
N SER A 57 -1.48 -11.09 -2.78
CA SER A 57 -2.36 -12.22 -3.09
C SER A 57 -3.04 -12.74 -1.83
N ASP A 58 -2.35 -12.63 -0.69
CA ASP A 58 -2.90 -13.04 0.59
C ASP A 58 -4.17 -12.26 0.93
N TYR A 59 -4.23 -11.02 0.45
CA TYR A 59 -5.36 -10.16 0.73
C TYR A 59 -6.31 -10.07 -0.47
N ASN A 60 -6.11 -10.98 -1.42
CA ASN A 60 -6.94 -11.01 -2.62
C ASN A 60 -6.90 -9.68 -3.36
N ILE A 61 -5.71 -9.10 -3.45
CA ILE A 61 -5.52 -7.85 -4.19
C ILE A 61 -5.07 -8.12 -5.62
N GLN A 62 -5.83 -7.62 -6.58
CA GLN A 62 -5.64 -7.98 -7.98
C GLN A 62 -5.32 -6.75 -8.83
N ARG A 63 -5.28 -6.94 -10.14
CA ARG A 63 -5.05 -5.83 -11.07
C ARG A 63 -6.19 -4.82 -11.00
N GLU A 64 -5.85 -3.55 -11.09
CA GLU A 64 -6.83 -2.48 -10.96
C GLU A 64 -7.55 -2.54 -9.61
N SER A 65 -6.77 -2.77 -8.56
CA SER A 65 -7.32 -2.73 -7.20
C SER A 65 -6.98 -1.41 -6.52
N THR A 66 -7.86 -0.97 -5.64
CA THR A 66 -7.70 0.33 -4.98
C THR A 66 -7.32 0.16 -3.51
N LEU A 67 -6.08 0.50 -3.19
CA LEU A 67 -5.62 0.51 -1.80
C LEU A 67 -5.68 1.91 -1.21
N HIS A 68 -6.06 2.00 0.06
CA HIS A 68 -6.14 3.29 0.75
C HIS A 68 -5.01 3.45 1.75
N LEU A 69 -4.28 4.55 1.63
CA LEU A 69 -3.11 4.78 2.47
C LEU A 69 -3.35 5.92 3.45
N VAL A 70 -3.05 5.68 4.72
CA VAL A 70 -3.05 6.74 5.72
C VAL A 70 -1.73 6.79 6.46
N LEU A 71 -1.46 7.92 7.11
CA LEU A 71 -0.19 8.14 7.79
C LEU A 71 -0.31 7.91 9.28
N ARG A 72 0.71 7.28 9.86
CA ARG A 72 0.75 7.02 11.29
C ARG A 72 0.85 8.32 12.08
N LEU A 73 1.77 9.18 11.67
CA LEU A 73 1.97 10.46 12.34
C LEU A 73 1.32 11.59 11.55
N ARG A 74 1.04 12.70 12.22
CA ARG A 74 0.40 13.84 11.59
C ARG A 74 1.31 14.48 10.55
N GLY A 75 1.06 14.16 9.28
CA GLY A 75 1.86 14.70 8.18
C GLY A 75 3.09 13.84 7.93
N GLY A 76 3.15 12.69 8.59
CA GLY A 76 4.29 11.80 8.46
C GLY A 76 5.47 12.26 9.31
N MET A 1 0.56 -7.16 -13.14
CA MET A 1 -0.49 -6.62 -12.28
C MET A 1 -0.13 -5.21 -11.79
N GLN A 2 -1.06 -4.28 -11.94
CA GLN A 2 -0.88 -2.93 -11.41
C GLN A 2 -1.97 -2.59 -10.41
N ILE A 3 -1.61 -1.84 -9.38
CA ILE A 3 -2.57 -1.43 -8.36
C ILE A 3 -2.50 0.08 -8.11
N PHE A 4 -3.55 0.61 -7.47
CA PHE A 4 -3.59 2.03 -7.12
C PHE A 4 -3.54 2.21 -5.61
N VAL A 5 -2.70 3.14 -5.16
CA VAL A 5 -2.62 3.47 -3.74
C VAL A 5 -2.87 4.96 -3.52
N ARG A 6 -3.96 5.26 -2.83
CA ARG A 6 -4.30 6.65 -2.51
C ARG A 6 -3.78 7.03 -1.13
N THR A 7 -2.77 7.90 -1.11
CA THR A 7 -2.15 8.31 0.15
C THR A 7 -3.01 9.35 0.87
N LEU A 8 -2.68 9.60 2.13
CA LEU A 8 -3.46 10.52 2.95
C LEU A 8 -3.41 11.93 2.39
N THR A 9 -2.35 12.23 1.64
CA THR A 9 -2.18 13.54 1.05
C THR A 9 -3.10 13.73 -0.15
N GLY A 10 -3.78 12.66 -0.54
CA GLY A 10 -4.70 12.70 -1.67
C GLY A 10 -3.98 12.34 -2.97
N ARG A 11 -2.74 11.88 -2.85
CA ARG A 11 -1.94 11.53 -4.01
C ARG A 11 -2.18 10.09 -4.44
N THR A 12 -2.67 9.92 -5.66
CA THR A 12 -2.90 8.59 -6.21
C THR A 12 -1.66 8.07 -6.92
N ILE A 13 -1.09 6.99 -6.39
CA ILE A 13 0.14 6.41 -6.95
C ILE A 13 -0.13 5.05 -7.58
N THR A 14 0.24 4.92 -8.85
CA THR A 14 0.06 3.66 -9.56
C THR A 14 1.33 2.80 -9.49
N LEU A 15 1.19 1.61 -8.91
CA LEU A 15 2.33 0.73 -8.70
C LEU A 15 2.26 -0.49 -9.62
N GLU A 16 3.38 -0.84 -10.23
CA GLU A 16 3.51 -2.13 -10.91
C GLU A 16 4.03 -3.20 -9.98
N VAL A 17 3.17 -4.15 -9.62
CA VAL A 17 3.44 -5.08 -8.53
C VAL A 17 3.24 -6.52 -8.97
N GLU A 18 3.66 -7.46 -8.13
CA GLU A 18 3.37 -8.87 -8.34
C GLU A 18 2.61 -9.45 -7.15
N PRO A 19 1.78 -10.46 -7.42
CA PRO A 19 0.99 -11.10 -6.39
C PRO A 19 1.88 -11.60 -5.25
N SER A 20 3.11 -11.97 -5.60
CA SER A 20 4.01 -12.59 -4.63
C SER A 20 4.78 -11.54 -3.84
N ASP A 21 4.51 -10.27 -4.13
CA ASP A 21 5.15 -9.16 -3.44
C ASP A 21 4.48 -8.90 -2.10
N THR A 22 5.29 -8.58 -1.09
CA THR A 22 4.78 -8.32 0.25
C THR A 22 4.12 -6.94 0.33
N ILE A 23 3.27 -6.76 1.33
CA ILE A 23 2.68 -5.45 1.60
C ILE A 23 3.76 -4.44 2.01
N GLU A 24 4.83 -4.93 2.63
CA GLU A 24 5.97 -4.09 2.95
C GLU A 24 6.63 -3.54 1.70
N ASN A 25 6.77 -4.39 0.68
CA ASN A 25 7.32 -3.97 -0.60
C ASN A 25 6.47 -2.89 -1.24
N VAL A 26 5.15 -3.06 -1.17
CA VAL A 26 4.22 -2.05 -1.67
C VAL A 26 4.42 -0.71 -0.96
N ARG A 27 4.51 -0.75 0.36
CA ARG A 27 4.71 0.45 1.15
C ARG A 27 6.05 1.10 0.81
N ALA A 28 7.06 0.27 0.54
CA ALA A 28 8.37 0.76 0.12
C ALA A 28 8.28 1.49 -1.21
N ARG A 29 7.53 0.92 -2.15
CA ARG A 29 7.30 1.56 -3.44
C ARG A 29 6.68 2.94 -3.26
N ILE A 30 5.80 3.07 -2.27
CA ILE A 30 5.19 4.35 -1.96
C ILE A 30 6.20 5.30 -1.31
N GLN A 31 7.04 4.76 -0.44
CA GLN A 31 8.09 5.53 0.21
C GLN A 31 8.99 6.21 -0.82
N ASP A 32 9.25 5.49 -1.92
CA ASP A 32 10.09 6.04 -2.99
C ASP A 32 9.46 7.28 -3.61
N ARG A 33 8.14 7.42 -3.45
CA ARG A 33 7.41 8.50 -4.09
C ARG A 33 7.14 9.64 -3.11
N GLU A 34 6.62 9.29 -1.94
CA GLU A 34 6.21 10.30 -0.96
C GLU A 34 7.36 10.64 -0.02
N GLY A 35 8.22 9.67 0.23
CA GLY A 35 9.35 9.86 1.14
C GLY A 35 8.98 9.48 2.57
N ILE A 36 7.87 8.77 2.71
CA ILE A 36 7.41 8.33 4.03
C ILE A 36 7.78 6.88 4.29
N PRO A 37 8.48 6.65 5.40
CA PRO A 37 8.88 5.29 5.78
C PRO A 37 7.68 4.35 5.80
N PRO A 38 7.89 3.13 5.32
CA PRO A 38 6.84 2.12 5.30
C PRO A 38 6.24 1.93 6.69
N ASP A 39 7.06 2.10 7.71
CA ASP A 39 6.62 1.93 9.09
C ASP A 39 5.61 3.00 9.48
N GLN A 40 5.61 4.11 8.74
CA GLN A 40 4.69 5.20 9.00
C GLN A 40 3.53 5.18 8.03
N GLN A 41 3.39 4.09 7.30
CA GLN A 41 2.28 3.91 6.37
C GLN A 41 1.30 2.86 6.87
N ARG A 42 0.00 3.12 6.71
CA ARG A 42 -1.02 2.13 6.99
C ARG A 42 -1.88 1.86 5.76
N LEU A 43 -1.80 0.64 5.24
CA LEU A 43 -2.59 0.25 4.07
C LEU A 43 -3.85 -0.48 4.47
N ILE A 44 -4.99 -0.06 3.92
CA ILE A 44 -6.25 -0.75 4.14
C ILE A 44 -6.96 -1.05 2.82
N PHE A 45 -7.47 -2.26 2.70
CA PHE A 45 -8.18 -2.67 1.48
C PHE A 45 -9.48 -3.40 1.82
N ALA A 46 -10.59 -2.85 1.34
CA ALA A 46 -11.90 -3.43 1.60
C ALA A 46 -12.20 -3.46 3.09
N GLY A 47 -11.62 -2.51 3.83
CA GLY A 47 -11.85 -2.41 5.27
C GLY A 47 -10.90 -3.32 6.04
N ARG A 48 -10.01 -3.98 5.32
CA ARG A 48 -9.06 -4.92 5.93
C ARG A 48 -7.65 -4.34 5.93
N GLN A 49 -7.13 -4.05 7.12
CA GLN A 49 -5.76 -3.60 7.26
C GLN A 49 -4.77 -4.64 6.74
N LEU A 50 -3.84 -4.19 5.92
CA LEU A 50 -2.90 -5.10 5.25
C LEU A 50 -1.62 -5.25 6.07
N GLU A 51 -1.17 -6.50 6.22
CA GLU A 51 -0.03 -6.80 7.07
C GLU A 51 1.24 -6.95 6.24
N ASP A 52 2.35 -6.40 6.75
CA ASP A 52 3.61 -6.41 6.03
C ASP A 52 4.12 -7.83 5.84
N GLY A 53 3.78 -8.71 6.77
CA GLY A 53 4.26 -10.09 6.74
C GLY A 53 3.51 -10.90 5.68
N ARG A 54 2.45 -10.31 5.13
CA ARG A 54 1.63 -10.99 4.13
C ARG A 54 1.82 -10.36 2.75
N THR A 55 1.38 -11.08 1.72
CA THR A 55 1.59 -10.64 0.34
C THR A 55 0.30 -10.13 -0.28
N LEU A 56 0.40 -9.59 -1.48
CA LEU A 56 -0.77 -9.14 -2.22
C LEU A 56 -1.68 -10.31 -2.58
N SER A 57 -1.07 -11.44 -2.90
CA SER A 57 -1.82 -12.65 -3.21
C SER A 57 -2.59 -13.16 -1.99
N ASP A 58 -2.01 -12.95 -0.81
CA ASP A 58 -2.65 -13.35 0.44
C ASP A 58 -3.97 -12.62 0.63
N TYR A 59 -4.06 -11.41 0.08
CA TYR A 59 -5.27 -10.61 0.19
C TYR A 59 -6.07 -10.64 -1.10
N ASN A 60 -5.67 -11.52 -2.01
CA ASN A 60 -6.35 -11.66 -3.30
C ASN A 60 -6.48 -10.31 -4.01
N ILE A 61 -5.40 -9.54 -3.99
CA ILE A 61 -5.38 -8.24 -4.64
C ILE A 61 -5.37 -8.36 -6.15
N GLN A 62 -6.23 -7.60 -6.81
CA GLN A 62 -6.45 -7.75 -8.24
C GLN A 62 -5.88 -6.57 -9.02
N ARG A 63 -6.00 -6.63 -10.34
CA ARG A 63 -5.60 -5.52 -11.18
C ARG A 63 -6.51 -4.31 -10.99
N GLU A 64 -5.91 -3.12 -10.96
CA GLU A 64 -6.66 -1.89 -10.77
C GLU A 64 -7.42 -1.90 -9.45
N SER A 65 -6.82 -2.50 -8.43
CA SER A 65 -7.38 -2.49 -7.09
C SER A 65 -7.12 -1.16 -6.39
N THR A 66 -8.09 -0.70 -5.62
CA THR A 66 -7.99 0.59 -4.95
C THR A 66 -7.60 0.42 -3.49
N LEU A 67 -6.32 0.64 -3.19
CA LEU A 67 -5.83 0.60 -1.82
C LEU A 67 -5.86 1.97 -1.17
N HIS A 68 -6.22 2.01 0.10
CA HIS A 68 -6.28 3.26 0.85
C HIS A 68 -5.16 3.35 1.87
N LEU A 69 -4.35 4.40 1.77
CA LEU A 69 -3.15 4.53 2.59
C LEU A 69 -3.25 5.73 3.52
N VAL A 70 -3.11 5.50 4.81
CA VAL A 70 -3.09 6.57 5.80
C VAL A 70 -1.69 6.78 6.35
N LEU A 71 -1.30 8.04 6.51
CA LEU A 71 0.02 8.38 7.03
C LEU A 71 -0.01 8.54 8.54
N ARG A 72 1.06 8.11 9.19
CA ARG A 72 1.20 8.28 10.63
C ARG A 72 1.16 9.76 11.02
N LEU A 73 0.19 10.12 11.84
CA LEU A 73 0.03 11.50 12.28
C LEU A 73 0.47 11.69 13.72
N ARG A 74 1.39 10.84 14.17
CA ARG A 74 1.88 10.90 15.55
C ARG A 74 2.65 12.19 15.81
N GLY A 75 2.25 12.90 16.86
CA GLY A 75 2.87 14.18 17.19
C GLY A 75 2.23 15.32 16.42
N GLY A 76 1.18 15.00 15.67
CA GLY A 76 0.47 16.00 14.88
C GLY A 76 -0.41 16.88 15.77
N MET A 1 1.17 -7.45 -12.35
CA MET A 1 0.03 -6.56 -12.42
C MET A 1 0.37 -5.18 -11.86
N GLN A 2 -0.62 -4.28 -11.88
CA GLN A 2 -0.46 -2.96 -11.30
C GLN A 2 -1.54 -2.68 -10.27
N ILE A 3 -1.21 -1.87 -9.27
CA ILE A 3 -2.19 -1.43 -8.27
C ILE A 3 -2.15 0.08 -8.09
N PHE A 4 -3.23 0.62 -7.54
CA PHE A 4 -3.28 2.04 -7.21
C PHE A 4 -3.24 2.26 -5.71
N VAL A 5 -2.55 3.32 -5.29
CA VAL A 5 -2.49 3.68 -3.87
C VAL A 5 -2.94 5.12 -3.66
N ARG A 6 -3.95 5.31 -2.82
CA ARG A 6 -4.49 6.63 -2.56
C ARG A 6 -3.96 7.19 -1.24
N THR A 7 -3.44 8.40 -1.29
CA THR A 7 -2.91 9.06 -0.11
C THR A 7 -3.99 9.87 0.60
N LEU A 8 -3.68 10.34 1.80
CA LEU A 8 -4.64 11.11 2.60
C LEU A 8 -4.86 12.50 2.02
N THR A 9 -3.98 12.89 1.10
CA THR A 9 -4.10 14.18 0.43
C THR A 9 -5.00 14.09 -0.80
N GLY A 10 -5.42 12.88 -1.13
CA GLY A 10 -6.33 12.66 -2.26
C GLY A 10 -5.57 12.20 -3.49
N ARG A 11 -4.27 12.45 -3.51
CA ARG A 11 -3.42 12.04 -4.63
C ARG A 11 -3.40 10.52 -4.76
N THR A 12 -3.13 10.04 -5.98
CA THR A 12 -3.06 8.62 -6.25
C THR A 12 -1.82 8.26 -7.06
N ILE A 13 -1.18 7.16 -6.69
CA ILE A 13 0.00 6.68 -7.41
C ILE A 13 -0.21 5.27 -7.92
N THR A 14 0.58 4.88 -8.92
CA THR A 14 0.47 3.55 -9.51
C THR A 14 1.76 2.75 -9.31
N LEU A 15 1.62 1.53 -8.81
CA LEU A 15 2.77 0.69 -8.55
C LEU A 15 2.72 -0.60 -9.36
N GLU A 16 3.87 -1.02 -9.88
CA GLU A 16 3.98 -2.30 -10.57
C GLU A 16 4.35 -3.42 -9.61
N VAL A 17 3.41 -4.35 -9.42
CA VAL A 17 3.54 -5.35 -8.36
C VAL A 17 3.18 -6.74 -8.88
N GLU A 18 3.29 -7.73 -8.01
CA GLU A 18 2.80 -9.08 -8.31
C GLU A 18 1.93 -9.61 -7.18
N PRO A 19 1.06 -10.56 -7.51
CA PRO A 19 0.20 -11.19 -6.52
C PRO A 19 1.01 -11.75 -5.35
N SER A 20 2.21 -12.24 -5.65
CA SER A 20 3.05 -12.86 -4.64
C SER A 20 3.99 -11.85 -4.00
N ASP A 21 3.82 -10.58 -4.36
CA ASP A 21 4.62 -9.51 -3.80
C ASP A 21 4.11 -9.10 -2.42
N THR A 22 5.03 -8.95 -1.48
CA THR A 22 4.67 -8.65 -0.09
C THR A 22 4.17 -7.21 0.04
N ILE A 23 3.37 -6.97 1.07
CA ILE A 23 2.91 -5.62 1.37
C ILE A 23 4.06 -4.72 1.81
N GLU A 24 5.07 -5.33 2.44
CA GLU A 24 6.29 -4.63 2.79
C GLU A 24 6.92 -3.98 1.56
N ASN A 25 7.01 -4.74 0.48
CA ASN A 25 7.56 -4.23 -0.77
C ASN A 25 6.75 -3.06 -1.29
N VAL A 26 5.43 -3.19 -1.24
CA VAL A 26 4.53 -2.13 -1.69
C VAL A 26 4.78 -0.85 -0.91
N ARG A 27 4.86 -0.97 0.42
CA ARG A 27 5.09 0.20 1.28
C ARG A 27 6.43 0.85 0.97
N ALA A 28 7.43 0.04 0.66
CA ALA A 28 8.74 0.55 0.26
C ALA A 28 8.64 1.36 -1.03
N ARG A 29 7.93 0.81 -2.02
CA ARG A 29 7.74 1.49 -3.29
C ARG A 29 7.00 2.81 -3.10
N ILE A 30 6.08 2.84 -2.14
CA ILE A 30 5.39 4.06 -1.77
C ILE A 30 6.35 5.08 -1.17
N GLN A 31 7.17 4.62 -0.21
CA GLN A 31 8.13 5.48 0.46
C GLN A 31 9.04 6.18 -0.55
N ASP A 32 9.44 5.45 -1.59
CA ASP A 32 10.28 6.00 -2.64
C ASP A 32 9.71 7.31 -3.17
N ARG A 33 8.38 7.36 -3.30
CA ARG A 33 7.71 8.50 -3.89
C ARG A 33 7.37 9.55 -2.83
N GLU A 34 6.74 9.09 -1.75
CA GLU A 34 6.18 10.01 -0.76
C GLU A 34 7.26 10.58 0.14
N GLY A 35 8.26 9.76 0.46
CA GLY A 35 9.32 10.16 1.38
C GLY A 35 8.98 9.76 2.81
N ILE A 36 7.91 9.00 2.98
CA ILE A 36 7.47 8.57 4.30
C ILE A 36 7.87 7.12 4.56
N PRO A 37 8.58 6.90 5.66
CA PRO A 37 9.02 5.56 6.03
C PRO A 37 7.86 4.58 6.03
N PRO A 38 8.13 3.35 5.59
CA PRO A 38 7.11 2.32 5.53
C PRO A 38 6.63 1.95 6.93
N ASP A 39 7.48 2.21 7.93
CA ASP A 39 7.10 2.00 9.32
C ASP A 39 6.01 2.98 9.74
N GLN A 40 5.91 4.09 9.02
CA GLN A 40 4.90 5.09 9.31
C GLN A 40 3.72 5.00 8.35
N GLN A 41 3.66 3.91 7.60
CA GLN A 41 2.60 3.71 6.62
C GLN A 41 1.72 2.52 7.00
N ARG A 42 0.42 2.68 6.80
CA ARG A 42 -0.52 1.58 6.98
C ARG A 42 -1.50 1.49 5.82
N LEU A 43 -1.58 0.31 5.20
CA LEU A 43 -2.41 0.12 4.03
C LEU A 43 -3.72 -0.57 4.39
N ILE A 44 -4.82 -0.10 3.79
CA ILE A 44 -6.12 -0.73 3.99
C ILE A 44 -6.75 -1.11 2.66
N PHE A 45 -7.28 -2.32 2.59
CA PHE A 45 -7.91 -2.81 1.37
C PHE A 45 -9.18 -3.60 1.69
N ALA A 46 -10.31 -3.12 1.17
CA ALA A 46 -11.59 -3.79 1.39
C ALA A 46 -11.95 -3.85 2.86
N GLY A 47 -11.46 -2.89 3.63
CA GLY A 47 -11.76 -2.81 5.05
C GLY A 47 -10.79 -3.66 5.86
N ARG A 48 -9.90 -4.36 5.18
CA ARG A 48 -8.93 -5.23 5.83
C ARG A 48 -7.57 -4.55 5.93
N GLN A 49 -7.00 -4.56 7.13
CA GLN A 49 -5.67 -4.01 7.36
C GLN A 49 -4.60 -4.88 6.70
N LEU A 50 -3.73 -4.24 5.93
CA LEU A 50 -2.60 -4.95 5.32
C LEU A 50 -1.37 -4.92 6.23
N GLU A 51 -0.75 -6.08 6.40
CA GLU A 51 0.41 -6.20 7.28
C GLU A 51 1.63 -6.68 6.51
N ASP A 52 2.81 -6.34 7.02
CA ASP A 52 4.07 -6.74 6.38
C ASP A 52 4.33 -8.23 6.57
N GLY A 53 4.92 -8.85 5.56
CA GLY A 53 5.22 -10.28 5.61
C GLY A 53 4.17 -11.09 4.84
N ARG A 54 3.02 -10.46 4.59
CA ARG A 54 1.98 -11.09 3.78
C ARG A 54 1.99 -10.56 2.36
N THR A 55 1.38 -11.32 1.46
CA THR A 55 1.41 -10.97 0.03
C THR A 55 0.08 -10.35 -0.40
N LEU A 56 0.13 -9.60 -1.50
CA LEU A 56 -1.07 -8.96 -2.04
C LEU A 56 -2.18 -9.97 -2.28
N SER A 57 -1.80 -11.18 -2.70
CA SER A 57 -2.75 -12.25 -2.93
C SER A 57 -3.48 -12.64 -1.64
N ASP A 58 -2.79 -12.49 -0.52
CA ASP A 58 -3.34 -12.88 0.77
C ASP A 58 -4.55 -12.02 1.13
N TYR A 59 -4.55 -10.78 0.67
CA TYR A 59 -5.65 -9.86 0.92
C TYR A 59 -6.52 -9.70 -0.31
N ASN A 60 -6.31 -10.56 -1.30
CA ASN A 60 -7.15 -10.58 -2.49
C ASN A 60 -7.11 -9.25 -3.21
N ILE A 61 -5.91 -8.69 -3.36
CA ILE A 61 -5.72 -7.48 -4.17
C ILE A 61 -5.81 -7.80 -5.66
N GLN A 62 -6.59 -7.00 -6.38
CA GLN A 62 -6.86 -7.26 -7.79
C GLN A 62 -6.06 -6.34 -8.68
N ARG A 63 -6.07 -6.63 -9.99
CA ARG A 63 -5.40 -5.78 -10.97
C ARG A 63 -6.12 -4.44 -11.12
N GLU A 64 -5.36 -3.36 -11.04
CA GLU A 64 -5.93 -2.01 -11.09
C GLU A 64 -6.92 -1.80 -9.95
N SER A 65 -6.64 -2.42 -8.80
CA SER A 65 -7.44 -2.20 -7.61
C SER A 65 -6.98 -0.96 -6.85
N THR A 66 -7.80 -0.52 -5.90
CA THR A 66 -7.52 0.71 -5.15
C THR A 66 -7.19 0.40 -3.70
N LEU A 67 -5.92 0.57 -3.33
CA LEU A 67 -5.51 0.49 -1.94
C LEU A 67 -5.51 1.87 -1.29
N HIS A 68 -5.87 1.91 -0.01
CA HIS A 68 -5.92 3.17 0.73
C HIS A 68 -4.73 3.28 1.69
N LEU A 69 -3.98 4.37 1.57
CA LEU A 69 -2.79 4.58 2.39
C LEU A 69 -3.07 5.56 3.52
N VAL A 70 -2.73 5.14 4.73
CA VAL A 70 -2.81 6.03 5.90
C VAL A 70 -1.42 6.31 6.45
N LEU A 71 -1.12 7.59 6.66
CA LEU A 71 0.19 8.00 7.16
C LEU A 71 0.13 8.30 8.66
N ARG A 72 1.17 7.91 9.38
CA ARG A 72 1.26 8.16 10.81
C ARG A 72 1.12 9.64 11.11
N LEU A 73 0.10 9.99 11.89
CA LEU A 73 -0.18 11.39 12.22
C LEU A 73 0.79 11.91 13.26
N ARG A 74 1.38 10.99 14.02
CA ARG A 74 2.37 11.36 15.04
C ARG A 74 3.66 11.85 14.40
N GLY A 75 3.99 11.30 13.23
CA GLY A 75 5.20 11.68 12.52
C GLY A 75 6.40 10.88 13.01
N GLY A 76 6.14 9.90 13.87
CA GLY A 76 7.19 9.07 14.43
C GLY A 76 7.66 9.60 15.79
N MET A 1 1.06 -6.64 -12.94
CA MET A 1 -0.11 -6.23 -12.18
C MET A 1 0.07 -4.83 -11.60
N GLN A 2 -0.75 -3.89 -12.05
CA GLN A 2 -0.71 -2.52 -11.57
C GLN A 2 -1.80 -2.26 -10.53
N ILE A 3 -1.41 -1.66 -9.41
CA ILE A 3 -2.36 -1.29 -8.37
C ILE A 3 -2.36 0.20 -8.12
N PHE A 4 -3.44 0.70 -7.51
CA PHE A 4 -3.57 2.13 -7.25
C PHE A 4 -3.69 2.40 -5.75
N VAL A 5 -2.69 3.09 -5.22
CA VAL A 5 -2.68 3.45 -3.80
C VAL A 5 -3.09 4.91 -3.59
N ARG A 6 -4.20 5.11 -2.90
CA ARG A 6 -4.66 6.45 -2.58
C ARG A 6 -4.04 6.96 -1.28
N THR A 7 -3.15 7.95 -1.41
CA THR A 7 -2.49 8.52 -0.25
C THR A 7 -3.46 9.28 0.63
N LEU A 8 -3.03 9.62 1.85
CA LEU A 8 -3.84 10.41 2.76
C LEU A 8 -4.21 11.75 2.16
N THR A 9 -3.35 12.25 1.27
CA THR A 9 -3.58 13.54 0.64
C THR A 9 -4.49 13.42 -0.58
N GLY A 10 -4.86 12.18 -0.90
CA GLY A 10 -5.80 11.92 -1.98
C GLY A 10 -5.08 11.62 -3.29
N ARG A 11 -3.75 11.74 -3.27
CA ARG A 11 -2.95 11.53 -4.47
C ARG A 11 -2.95 10.06 -4.87
N THR A 12 -3.11 9.81 -6.17
CA THR A 12 -3.15 8.45 -6.68
C THR A 12 -1.75 7.98 -7.11
N ILE A 13 -1.23 6.99 -6.40
CA ILE A 13 0.08 6.42 -6.74
C ILE A 13 -0.08 5.08 -7.43
N THR A 14 0.29 5.02 -8.71
CA THR A 14 0.23 3.79 -9.48
C THR A 14 1.51 2.99 -9.33
N LEU A 15 1.38 1.77 -8.81
CA LEU A 15 2.53 0.91 -8.54
C LEU A 15 2.51 -0.33 -9.41
N GLU A 16 3.66 -0.68 -9.98
CA GLU A 16 3.82 -1.94 -10.69
C GLU A 16 4.29 -3.05 -9.76
N VAL A 17 3.40 -3.97 -9.44
CA VAL A 17 3.66 -4.97 -8.40
C VAL A 17 3.35 -6.38 -8.91
N GLU A 18 3.59 -7.37 -8.06
CA GLU A 18 3.16 -8.74 -8.34
C GLU A 18 2.38 -9.32 -7.16
N PRO A 19 1.51 -10.28 -7.46
CA PRO A 19 0.68 -10.91 -6.44
C PRO A 19 1.53 -11.46 -5.30
N SER A 20 2.75 -11.90 -5.64
CA SER A 20 3.61 -12.57 -4.68
C SER A 20 4.43 -11.57 -3.87
N ASP A 21 4.24 -10.29 -4.17
CA ASP A 21 4.96 -9.23 -3.47
C ASP A 21 4.33 -8.93 -2.12
N THR A 22 5.17 -8.68 -1.13
CA THR A 22 4.70 -8.39 0.22
C THR A 22 4.15 -6.97 0.31
N ILE A 23 3.29 -6.73 1.29
CA ILE A 23 2.80 -5.40 1.58
C ILE A 23 3.92 -4.49 2.05
N GLU A 24 4.92 -5.06 2.72
CA GLU A 24 6.15 -4.36 3.04
C GLU A 24 6.79 -3.79 1.78
N ASN A 25 6.90 -4.61 0.74
CA ASN A 25 7.47 -4.19 -0.52
C ASN A 25 6.64 -3.08 -1.16
N VAL A 26 5.33 -3.22 -1.09
CA VAL A 26 4.42 -2.19 -1.59
C VAL A 26 4.65 -0.86 -0.88
N ARG A 27 4.78 -0.90 0.44
CA ARG A 27 5.01 0.29 1.23
C ARG A 27 6.36 0.93 0.90
N ALA A 28 7.33 0.08 0.60
CA ALA A 28 8.64 0.55 0.15
C ALA A 28 8.53 1.27 -1.20
N ARG A 29 7.76 0.68 -2.11
CA ARG A 29 7.52 1.29 -3.41
C ARG A 29 6.83 2.64 -3.27
N ILE A 30 5.95 2.75 -2.28
CA ILE A 30 5.32 4.03 -1.94
C ILE A 30 6.35 5.02 -1.42
N GLN A 31 7.21 4.57 -0.52
CA GLN A 31 8.25 5.42 0.05
C GLN A 31 9.15 5.99 -1.04
N ASP A 32 9.39 5.19 -2.08
CA ASP A 32 10.24 5.62 -3.19
C ASP A 32 9.70 6.89 -3.82
N ARG A 33 8.38 7.08 -3.75
CA ARG A 33 7.74 8.22 -4.40
C ARG A 33 7.46 9.34 -3.41
N GLU A 34 6.85 8.98 -2.28
CA GLU A 34 6.38 9.97 -1.33
C GLU A 34 7.49 10.39 -0.38
N GLY A 35 8.39 9.46 -0.09
CA GLY A 35 9.46 9.70 0.88
C GLY A 35 9.02 9.36 2.29
N ILE A 36 7.90 8.63 2.40
CA ILE A 36 7.36 8.25 3.69
C ILE A 36 7.80 6.85 4.09
N PRO A 37 8.48 6.74 5.22
CA PRO A 37 8.94 5.45 5.73
C PRO A 37 7.79 4.45 5.81
N PRO A 38 8.04 3.23 5.36
CA PRO A 38 7.04 2.17 5.41
C PRO A 38 6.50 2.00 6.83
N ASP A 39 7.35 2.24 7.82
CA ASP A 39 6.96 2.12 9.21
C ASP A 39 5.87 3.12 9.58
N GLN A 40 5.81 4.22 8.84
CA GLN A 40 4.84 5.27 9.09
C GLN A 40 3.62 5.14 8.18
N GLN A 41 3.58 4.05 7.42
CA GLN A 41 2.49 3.81 6.49
C GLN A 41 1.53 2.74 7.03
N ARG A 42 0.24 2.97 6.86
CA ARG A 42 -0.77 1.95 7.12
C ARG A 42 -1.69 1.77 5.92
N LEU A 43 -1.71 0.57 5.36
CA LEU A 43 -2.51 0.28 4.17
C LEU A 43 -3.77 -0.50 4.53
N ILE A 44 -4.90 -0.09 3.96
CA ILE A 44 -6.16 -0.79 4.16
C ILE A 44 -6.82 -1.14 2.83
N PHE A 45 -7.34 -2.36 2.74
CA PHE A 45 -7.99 -2.82 1.52
C PHE A 45 -9.37 -3.39 1.82
N ALA A 46 -10.41 -2.73 1.29
CA ALA A 46 -11.78 -3.19 1.47
C ALA A 46 -12.16 -3.24 2.95
N GLY A 47 -11.55 -2.35 3.73
CA GLY A 47 -11.88 -2.25 5.15
C GLY A 47 -10.98 -3.13 5.99
N ARG A 48 -10.14 -3.91 5.33
CA ARG A 48 -9.24 -4.83 6.01
C ARG A 48 -7.81 -4.29 6.06
N GLN A 49 -7.32 -4.04 7.27
CA GLN A 49 -5.95 -3.57 7.45
C GLN A 49 -4.94 -4.60 6.97
N LEU A 50 -3.98 -4.16 6.16
CA LEU A 50 -3.03 -5.06 5.53
C LEU A 50 -1.78 -5.24 6.40
N GLU A 51 -1.28 -6.46 6.45
CA GLU A 51 -0.07 -6.77 7.22
C GLU A 51 1.15 -6.79 6.32
N ASP A 52 2.21 -6.11 6.76
CA ASP A 52 3.40 -5.91 5.93
C ASP A 52 4.03 -7.25 5.53
N GLY A 53 3.90 -8.24 6.42
CA GLY A 53 4.55 -9.52 6.21
C GLY A 53 3.77 -10.38 5.21
N ARG A 54 2.53 -10.01 4.96
CA ARG A 54 1.66 -10.76 4.07
C ARG A 54 1.70 -10.19 2.66
N THR A 55 1.30 -11.00 1.68
CA THR A 55 1.43 -10.63 0.27
C THR A 55 0.16 -10.01 -0.26
N LEU A 56 0.23 -9.44 -1.45
CA LEU A 56 -0.95 -8.91 -2.13
C LEU A 56 -1.95 -10.02 -2.45
N SER A 57 -1.43 -11.17 -2.84
CA SER A 57 -2.27 -12.32 -3.18
C SER A 57 -3.02 -12.82 -1.94
N ASP A 58 -2.40 -12.66 -0.78
CA ASP A 58 -3.01 -13.08 0.48
C ASP A 58 -4.33 -12.36 0.72
N TYR A 59 -4.43 -11.14 0.21
CA TYR A 59 -5.63 -10.32 0.41
C TYR A 59 -6.44 -10.21 -0.87
N ASN A 60 -6.14 -11.08 -1.83
CA ASN A 60 -6.86 -11.10 -3.10
C ASN A 60 -6.83 -9.73 -3.77
N ILE A 61 -5.65 -9.10 -3.75
CA ILE A 61 -5.47 -7.81 -4.42
C ILE A 61 -4.98 -7.99 -5.84
N GLN A 62 -5.75 -7.46 -6.80
CA GLN A 62 -5.52 -7.74 -8.21
C GLN A 62 -5.22 -6.47 -8.99
N ARG A 63 -5.15 -6.59 -10.31
CA ARG A 63 -4.93 -5.44 -11.17
C ARG A 63 -6.08 -4.44 -11.07
N GLU A 64 -5.74 -3.16 -11.06
CA GLU A 64 -6.73 -2.09 -10.91
C GLU A 64 -7.47 -2.23 -9.58
N SER A 65 -6.73 -2.53 -8.52
CA SER A 65 -7.29 -2.55 -7.18
C SER A 65 -6.98 -1.25 -6.44
N THR A 66 -7.88 -0.86 -5.54
CA THR A 66 -7.75 0.41 -4.84
C THR A 66 -7.33 0.19 -3.39
N LEU A 67 -6.09 0.57 -3.08
CA LEU A 67 -5.61 0.53 -1.70
C LEU A 67 -5.70 1.89 -1.04
N HIS A 68 -5.99 1.90 0.26
CA HIS A 68 -6.11 3.14 1.02
C HIS A 68 -4.91 3.31 1.95
N LEU A 69 -4.19 4.42 1.78
CA LEU A 69 -2.98 4.67 2.55
C LEU A 69 -3.20 5.76 3.59
N VAL A 70 -2.92 5.44 4.85
CA VAL A 70 -3.00 6.43 5.93
C VAL A 70 -1.62 6.70 6.52
N LEU A 71 -1.32 7.98 6.74
CA LEU A 71 -0.04 8.37 7.32
C LEU A 71 -0.12 8.43 8.84
N ARG A 72 0.81 7.76 9.50
CA ARG A 72 0.87 7.76 10.96
C ARG A 72 1.13 9.17 11.50
N LEU A 73 0.70 9.40 12.73
CA LEU A 73 0.86 10.71 13.36
C LEU A 73 2.31 11.17 13.33
N ARG A 74 2.55 12.33 12.74
CA ARG A 74 3.89 12.88 12.66
C ARG A 74 4.84 11.93 11.94
N GLY A 75 4.32 11.21 10.95
CA GLY A 75 5.14 10.33 10.13
C GLY A 75 5.72 11.08 8.94
N GLY A 76 6.39 10.35 8.05
CA GLY A 76 6.98 10.95 6.86
C GLY A 76 8.36 11.51 7.16
N MET A 1 0.88 -6.46 -13.47
CA MET A 1 -0.05 -6.12 -12.41
C MET A 1 0.26 -4.77 -11.80
N GLN A 2 -0.70 -3.84 -11.88
CA GLN A 2 -0.56 -2.54 -11.25
C GLN A 2 -1.70 -2.28 -10.27
N ILE A 3 -1.42 -1.51 -9.23
CA ILE A 3 -2.45 -1.11 -8.27
C ILE A 3 -2.43 0.38 -8.03
N PHE A 4 -3.52 0.90 -7.46
CA PHE A 4 -3.63 2.34 -7.20
C PHE A 4 -3.80 2.60 -5.71
N VAL A 5 -2.82 3.28 -5.12
CA VAL A 5 -2.87 3.63 -3.70
C VAL A 5 -3.19 5.11 -3.52
N ARG A 6 -4.30 5.37 -2.83
CA ARG A 6 -4.75 6.74 -2.60
C ARG A 6 -4.34 7.24 -1.22
N THR A 7 -3.73 8.42 -1.18
CA THR A 7 -3.26 8.99 0.08
C THR A 7 -4.37 9.76 0.79
N LEU A 8 -4.07 10.27 1.98
CA LEU A 8 -5.04 11.05 2.74
C LEU A 8 -5.36 12.37 2.04
N THR A 9 -4.48 12.78 1.14
CA THR A 9 -4.65 14.04 0.42
C THR A 9 -5.44 13.83 -0.88
N GLY A 10 -5.70 12.57 -1.20
CA GLY A 10 -6.49 12.25 -2.38
C GLY A 10 -5.59 11.90 -3.57
N ARG A 11 -4.29 12.07 -3.39
CA ARG A 11 -3.32 11.80 -4.45
C ARG A 11 -3.29 10.31 -4.78
N THR A 12 -3.24 10.00 -6.07
CA THR A 12 -3.24 8.61 -6.53
C THR A 12 -1.84 8.17 -6.95
N ILE A 13 -1.34 7.13 -6.28
CA ILE A 13 -0.02 6.59 -6.60
C ILE A 13 -0.15 5.26 -7.35
N THR A 14 0.34 5.22 -8.58
CA THR A 14 0.31 4.02 -9.38
C THR A 14 1.54 3.15 -9.13
N LEU A 15 1.33 1.94 -8.64
CA LEU A 15 2.43 1.04 -8.31
C LEU A 15 2.44 -0.18 -9.22
N GLU A 16 3.62 -0.53 -9.72
CA GLU A 16 3.81 -1.79 -10.44
C GLU A 16 4.23 -2.90 -9.49
N VAL A 17 3.34 -3.85 -9.27
CA VAL A 17 3.50 -4.83 -8.19
C VAL A 17 3.34 -6.25 -8.70
N GLU A 18 3.68 -7.21 -7.86
CA GLU A 18 3.40 -8.62 -8.14
C GLU A 18 2.62 -9.27 -7.01
N PRO A 19 1.84 -10.30 -7.34
CA PRO A 19 1.06 -11.02 -6.35
C PRO A 19 1.93 -11.51 -5.21
N SER A 20 3.18 -11.84 -5.54
CA SER A 20 4.08 -12.47 -4.58
C SER A 20 4.82 -11.42 -3.75
N ASP A 21 4.55 -10.15 -4.03
CA ASP A 21 5.16 -9.06 -3.28
C ASP A 21 4.47 -8.85 -1.94
N THR A 22 5.26 -8.63 -0.90
CA THR A 22 4.73 -8.37 0.43
C THR A 22 4.10 -6.99 0.52
N ILE A 23 3.22 -6.81 1.51
CA ILE A 23 2.65 -5.50 1.79
C ILE A 23 3.74 -4.50 2.18
N GLU A 24 4.79 -5.01 2.82
CA GLU A 24 5.94 -4.18 3.15
C GLU A 24 6.65 -3.69 1.88
N ASN A 25 6.76 -4.57 0.90
CA ASN A 25 7.35 -4.22 -0.38
C ASN A 25 6.54 -3.14 -1.09
N VAL A 26 5.22 -3.27 -1.03
CA VAL A 26 4.32 -2.26 -1.57
C VAL A 26 4.53 -0.92 -0.90
N ARG A 27 4.63 -0.93 0.43
CA ARG A 27 4.89 0.28 1.19
C ARG A 27 6.25 0.88 0.83
N ALA A 28 7.21 0.01 0.55
CA ALA A 28 8.53 0.44 0.11
C ALA A 28 8.46 1.13 -1.25
N ARG A 29 7.68 0.56 -2.16
CA ARG A 29 7.44 1.18 -3.46
C ARG A 29 6.88 2.58 -3.31
N ILE A 30 5.97 2.76 -2.35
CA ILE A 30 5.43 4.07 -2.03
C ILE A 30 6.52 4.99 -1.48
N GLN A 31 7.32 4.46 -0.57
CA GLN A 31 8.39 5.24 0.05
C GLN A 31 9.34 5.80 -1.01
N ASP A 32 9.57 5.02 -2.06
CA ASP A 32 10.45 5.43 -3.14
C ASP A 32 9.97 6.74 -3.78
N ARG A 33 8.67 6.98 -3.70
CA ARG A 33 8.07 8.15 -4.33
C ARG A 33 7.84 9.27 -3.33
N GLU A 34 7.23 8.92 -2.20
CA GLU A 34 6.79 9.93 -1.23
C GLU A 34 7.90 10.27 -0.25
N GLY A 35 8.75 9.30 0.04
CA GLY A 35 9.83 9.49 1.00
C GLY A 35 9.39 9.13 2.41
N ILE A 36 8.26 8.44 2.51
CA ILE A 36 7.71 8.04 3.80
C ILE A 36 8.03 6.59 4.12
N PRO A 37 8.74 6.39 5.23
CA PRO A 37 9.12 5.04 5.66
C PRO A 37 7.90 4.13 5.74
N PRO A 38 8.07 2.89 5.29
CA PRO A 38 7.01 1.89 5.37
C PRO A 38 6.45 1.80 6.78
N ASP A 39 7.31 2.01 7.77
CA ASP A 39 6.91 1.94 9.17
C ASP A 39 5.89 3.03 9.50
N GLN A 40 5.94 4.13 8.75
CA GLN A 40 5.02 5.23 8.97
C GLN A 40 3.85 5.16 8.00
N GLN A 41 3.67 4.00 7.37
CA GLN A 41 2.58 3.80 6.43
C GLN A 41 1.62 2.73 6.92
N ARG A 42 0.32 3.00 6.79
CA ARG A 42 -0.70 1.99 7.02
C ARG A 42 -1.55 1.78 5.77
N LEU A 43 -1.53 0.56 5.24
CA LEU A 43 -2.31 0.24 4.05
C LEU A 43 -3.59 -0.50 4.41
N ILE A 44 -4.70 -0.02 3.87
CA ILE A 44 -6.00 -0.65 4.11
C ILE A 44 -6.72 -0.95 2.80
N PHE A 45 -7.32 -2.14 2.71
CA PHE A 45 -8.04 -2.55 1.51
C PHE A 45 -9.37 -3.18 1.87
N ALA A 46 -10.46 -2.61 1.33
CA ALA A 46 -11.79 -3.11 1.59
C ALA A 46 -12.12 -3.03 3.09
N GLY A 47 -11.51 -2.09 3.78
CA GLY A 47 -11.75 -1.89 5.20
C GLY A 47 -10.90 -2.83 6.05
N ARG A 48 -10.02 -3.58 5.39
CA ARG A 48 -9.17 -4.54 6.08
C ARG A 48 -7.72 -4.09 6.09
N GLN A 49 -7.15 -3.97 7.28
CA GLN A 49 -5.75 -3.59 7.44
C GLN A 49 -4.83 -4.65 6.87
N LEU A 50 -3.87 -4.23 6.04
CA LEU A 50 -2.97 -5.14 5.36
C LEU A 50 -1.70 -5.36 6.18
N GLU A 51 -1.25 -6.60 6.24
CA GLU A 51 -0.14 -6.98 7.11
C GLU A 51 1.15 -7.14 6.32
N ASP A 52 2.25 -6.61 6.86
CA ASP A 52 3.53 -6.63 6.16
C ASP A 52 4.02 -8.05 5.94
N GLY A 53 3.63 -8.96 6.83
CA GLY A 53 4.09 -10.34 6.77
C GLY A 53 3.38 -11.11 5.67
N ARG A 54 2.33 -10.51 5.11
CA ARG A 54 1.53 -11.16 4.08
C ARG A 54 1.75 -10.49 2.73
N THR A 55 1.40 -11.20 1.67
CA THR A 55 1.60 -10.70 0.31
C THR A 55 0.28 -10.29 -0.33
N LEU A 56 0.37 -9.62 -1.47
CA LEU A 56 -0.82 -9.15 -2.18
C LEU A 56 -1.72 -10.31 -2.55
N SER A 57 -1.12 -11.45 -2.87
CA SER A 57 -1.87 -12.65 -3.22
C SER A 57 -2.68 -13.15 -2.03
N ASP A 58 -2.18 -12.90 -0.83
CA ASP A 58 -2.83 -13.37 0.40
C ASP A 58 -4.16 -12.64 0.62
N TYR A 59 -4.25 -11.42 0.11
CA TYR A 59 -5.48 -10.64 0.21
C TYR A 59 -6.26 -10.66 -1.09
N ASN A 60 -5.83 -11.53 -2.01
CA ASN A 60 -6.49 -11.64 -3.31
C ASN A 60 -6.57 -10.29 -4.01
N ILE A 61 -5.48 -9.53 -3.96
CA ILE A 61 -5.43 -8.22 -4.60
C ILE A 61 -5.37 -8.35 -6.12
N GLN A 62 -6.18 -7.55 -6.81
CA GLN A 62 -6.35 -7.68 -8.25
C GLN A 62 -5.71 -6.50 -8.97
N ARG A 63 -5.72 -6.57 -10.30
CA ARG A 63 -5.24 -5.46 -11.13
C ARG A 63 -6.18 -4.26 -11.02
N GLU A 64 -5.59 -3.07 -10.94
CA GLU A 64 -6.36 -1.84 -10.81
C GLU A 64 -7.18 -1.84 -9.52
N SER A 65 -6.62 -2.46 -8.48
CA SER A 65 -7.25 -2.44 -7.15
C SER A 65 -7.01 -1.11 -6.45
N THR A 66 -7.99 -0.68 -5.67
CA THR A 66 -7.91 0.60 -4.98
C THR A 66 -7.54 0.41 -3.51
N LEU A 67 -6.31 0.78 -3.16
CA LEU A 67 -5.84 0.70 -1.78
C LEU A 67 -5.84 2.07 -1.12
N HIS A 68 -6.01 2.09 0.20
CA HIS A 68 -6.02 3.34 0.94
C HIS A 68 -4.80 3.44 1.85
N LEU A 69 -4.08 4.57 1.75
CA LEU A 69 -2.90 4.79 2.56
C LEU A 69 -3.15 5.82 3.65
N VAL A 70 -2.96 5.41 4.89
CA VAL A 70 -3.00 6.33 6.02
C VAL A 70 -1.59 6.68 6.50
N LEU A 71 -1.32 7.97 6.64
CA LEU A 71 0.00 8.43 7.09
C LEU A 71 0.09 8.41 8.61
N ARG A 72 1.03 7.64 9.14
CA ARG A 72 1.26 7.56 10.58
C ARG A 72 2.12 8.71 11.07
N LEU A 73 2.89 9.30 10.16
CA LEU A 73 3.73 10.44 10.48
C LEU A 73 2.90 11.64 10.91
N ARG A 74 3.33 12.31 11.99
CA ARG A 74 2.63 13.47 12.50
C ARG A 74 2.52 14.56 11.43
N GLY A 75 1.41 15.30 11.45
CA GLY A 75 1.16 16.33 10.46
C GLY A 75 0.30 15.82 9.32
N GLY A 76 -0.09 14.55 9.40
CA GLY A 76 -0.94 13.93 8.40
C GLY A 76 -2.41 14.22 8.67
N MET A 1 0.51 -6.87 -13.66
CA MET A 1 -0.34 -6.50 -12.54
C MET A 1 0.07 -5.14 -11.97
N GLN A 2 -0.86 -4.20 -11.96
CA GLN A 2 -0.64 -2.90 -11.35
C GLN A 2 -1.72 -2.58 -10.33
N ILE A 3 -1.35 -1.81 -9.31
CA ILE A 3 -2.29 -1.40 -8.28
C ILE A 3 -2.24 0.10 -8.04
N PHE A 4 -3.30 0.64 -7.44
CA PHE A 4 -3.36 2.06 -7.13
C PHE A 4 -3.34 2.29 -5.62
N VAL A 5 -2.62 3.33 -5.19
CA VAL A 5 -2.59 3.71 -3.80
C VAL A 5 -3.03 5.16 -3.61
N ARG A 6 -4.07 5.36 -2.81
CA ARG A 6 -4.60 6.70 -2.57
C ARG A 6 -4.11 7.24 -1.23
N THR A 7 -3.50 8.42 -1.27
CA THR A 7 -2.99 9.06 -0.07
C THR A 7 -4.07 9.92 0.59
N LEU A 8 -3.74 10.48 1.75
CA LEU A 8 -4.67 11.37 2.45
C LEU A 8 -4.64 12.77 1.86
N THR A 9 -3.69 13.01 0.97
CA THR A 9 -3.59 14.29 0.29
C THR A 9 -4.30 14.26 -1.06
N GLY A 10 -4.81 13.10 -1.42
CA GLY A 10 -5.61 12.95 -2.64
C GLY A 10 -4.75 12.44 -3.79
N ARG A 11 -3.44 12.35 -3.56
CA ARG A 11 -2.51 11.86 -4.57
C ARG A 11 -2.78 10.39 -4.90
N THR A 12 -2.62 10.03 -6.16
CA THR A 12 -2.81 8.66 -6.61
C THR A 12 -1.51 8.07 -7.14
N ILE A 13 -1.04 7.00 -6.51
CA ILE A 13 0.20 6.34 -6.92
C ILE A 13 -0.09 5.06 -7.69
N THR A 14 0.55 4.92 -8.85
CA THR A 14 0.42 3.70 -9.64
C THR A 14 1.66 2.83 -9.53
N LEU A 15 1.50 1.65 -8.94
CA LEU A 15 2.62 0.76 -8.69
C LEU A 15 2.50 -0.51 -9.52
N GLU A 16 3.63 -0.98 -10.05
CA GLU A 16 3.68 -2.27 -10.72
C GLU A 16 4.15 -3.36 -9.77
N VAL A 17 3.29 -4.37 -9.56
CA VAL A 17 3.50 -5.35 -8.50
C VAL A 17 3.18 -6.76 -8.99
N GLU A 18 3.40 -7.74 -8.12
CA GLU A 18 3.00 -9.11 -8.40
C GLU A 18 2.19 -9.70 -7.26
N PRO A 19 1.40 -10.72 -7.57
CA PRO A 19 0.57 -11.38 -6.57
C PRO A 19 1.41 -11.84 -5.39
N SER A 20 2.64 -12.29 -5.66
CA SER A 20 3.50 -12.85 -4.65
C SER A 20 4.35 -11.78 -3.99
N ASP A 21 4.11 -10.53 -4.36
CA ASP A 21 4.85 -9.40 -3.80
C ASP A 21 4.31 -9.02 -2.42
N THR A 22 5.21 -8.85 -1.46
CA THR A 22 4.83 -8.55 -0.10
C THR A 22 4.28 -7.14 0.04
N ILE A 23 3.45 -6.92 1.05
CA ILE A 23 2.98 -5.58 1.39
C ILE A 23 4.13 -4.69 1.83
N GLU A 24 5.15 -5.29 2.44
CA GLU A 24 6.37 -4.58 2.79
C GLU A 24 6.98 -3.91 1.57
N ASN A 25 7.07 -4.65 0.48
CA ASN A 25 7.60 -4.12 -0.78
C ASN A 25 6.74 -2.97 -1.29
N VAL A 26 5.43 -3.14 -1.22
CA VAL A 26 4.49 -2.10 -1.62
C VAL A 26 4.72 -0.82 -0.84
N ARG A 27 4.89 -0.97 0.47
CA ARG A 27 5.14 0.18 1.35
C ARG A 27 6.42 0.90 0.95
N ALA A 28 7.45 0.14 0.63
CA ALA A 28 8.72 0.71 0.17
C ALA A 28 8.54 1.45 -1.14
N ARG A 29 7.78 0.86 -2.06
CA ARG A 29 7.50 1.49 -3.34
C ARG A 29 6.78 2.83 -3.16
N ILE A 30 5.90 2.88 -2.16
CA ILE A 30 5.23 4.12 -1.80
C ILE A 30 6.21 5.14 -1.23
N GLN A 31 7.08 4.68 -0.35
CA GLN A 31 8.10 5.54 0.25
C GLN A 31 8.96 6.20 -0.82
N ASP A 32 9.24 5.46 -1.89
CA ASP A 32 10.01 5.99 -3.00
C ASP A 32 9.32 7.20 -3.62
N ARG A 33 8.00 7.20 -3.59
CA ARG A 33 7.21 8.22 -4.27
C ARG A 33 6.94 9.41 -3.34
N GLU A 34 6.65 9.10 -2.08
CA GLU A 34 6.20 10.12 -1.14
C GLU A 34 7.33 10.52 -0.19
N GLY A 35 8.13 9.54 0.22
CA GLY A 35 9.18 9.77 1.21
C GLY A 35 8.69 9.45 2.62
N ILE A 36 7.60 8.69 2.70
CA ILE A 36 7.05 8.29 3.98
C ILE A 36 7.58 6.93 4.41
N PRO A 37 8.18 6.88 5.59
CA PRO A 37 8.69 5.63 6.14
C PRO A 37 7.63 4.54 6.10
N PRO A 38 8.02 3.36 5.64
CA PRO A 38 7.11 2.22 5.55
C PRO A 38 6.47 1.94 6.91
N ASP A 39 7.23 2.16 7.97
CA ASP A 39 6.76 1.91 9.33
C ASP A 39 5.68 2.91 9.74
N GLN A 40 5.58 3.99 8.98
CA GLN A 40 4.56 5.00 9.22
C GLN A 40 3.44 4.93 8.19
N GLN A 41 3.39 3.82 7.47
CA GLN A 41 2.35 3.61 6.45
C GLN A 41 1.35 2.56 6.91
N ARG A 42 0.07 2.92 6.88
CA ARG A 42 -1.01 1.96 7.09
C ARG A 42 -1.83 1.78 5.82
N LEU A 43 -1.78 0.58 5.26
CA LEU A 43 -2.53 0.27 4.05
C LEU A 43 -3.84 -0.45 4.38
N ILE A 44 -4.94 0.03 3.82
CA ILE A 44 -6.25 -0.55 4.05
C ILE A 44 -6.91 -0.95 2.74
N PHE A 45 -7.46 -2.16 2.70
CA PHE A 45 -8.17 -2.65 1.53
C PHE A 45 -9.39 -3.47 1.92
N ALA A 46 -10.56 -3.07 1.43
CA ALA A 46 -11.80 -3.75 1.76
C ALA A 46 -12.08 -3.71 3.25
N GLY A 47 -11.55 -2.70 3.92
CA GLY A 47 -11.79 -2.51 5.35
C GLY A 47 -10.80 -3.33 6.18
N ARG A 48 -9.88 -4.01 5.51
CA ARG A 48 -8.89 -4.83 6.17
C ARG A 48 -7.52 -4.18 6.17
N GLN A 49 -6.83 -4.24 7.30
CA GLN A 49 -5.48 -3.71 7.41
C GLN A 49 -4.46 -4.66 6.77
N LEU A 50 -3.61 -4.12 5.92
CA LEU A 50 -2.63 -4.93 5.21
C LEU A 50 -1.33 -5.03 5.99
N GLU A 51 -0.94 -6.26 6.33
CA GLU A 51 0.27 -6.49 7.11
C GLU A 51 1.48 -6.67 6.20
N ASP A 52 2.61 -6.13 6.63
CA ASP A 52 3.83 -6.14 5.82
C ASP A 52 4.39 -7.54 5.68
N GLY A 53 3.99 -8.43 6.60
CA GLY A 53 4.46 -9.81 6.57
C GLY A 53 3.62 -10.65 5.62
N ARG A 54 2.53 -10.07 5.12
CA ARG A 54 1.64 -10.76 4.20
C ARG A 54 1.78 -10.23 2.78
N THR A 55 1.31 -11.00 1.81
CA THR A 55 1.48 -10.66 0.40
C THR A 55 0.22 -10.03 -0.16
N LEU A 56 0.31 -9.52 -1.39
CA LEU A 56 -0.85 -8.99 -2.09
C LEU A 56 -1.87 -10.09 -2.37
N SER A 57 -1.37 -11.27 -2.71
CA SER A 57 -2.24 -12.42 -2.98
C SER A 57 -2.99 -12.83 -1.73
N ASP A 58 -2.37 -12.64 -0.56
CA ASP A 58 -2.98 -12.98 0.71
C ASP A 58 -4.26 -12.18 0.94
N TYR A 59 -4.30 -10.97 0.40
CA TYR A 59 -5.47 -10.11 0.55
C TYR A 59 -6.30 -10.08 -0.73
N ASN A 60 -5.99 -10.99 -1.64
CA ASN A 60 -6.71 -11.09 -2.91
C ASN A 60 -6.70 -9.75 -3.64
N ILE A 61 -5.52 -9.15 -3.75
CA ILE A 61 -5.37 -7.92 -4.51
C ILE A 61 -5.25 -8.20 -6.00
N GLN A 62 -6.01 -7.46 -6.81
CA GLN A 62 -6.11 -7.72 -8.23
C GLN A 62 -5.64 -6.53 -9.05
N ARG A 63 -5.75 -6.64 -10.37
CA ARG A 63 -5.36 -5.56 -11.27
C ARG A 63 -6.26 -4.34 -11.07
N GLU A 64 -5.64 -3.17 -10.98
CA GLU A 64 -6.38 -1.92 -10.81
C GLU A 64 -7.18 -1.93 -9.52
N SER A 65 -6.63 -2.57 -8.49
CA SER A 65 -7.22 -2.52 -7.15
C SER A 65 -6.84 -1.23 -6.44
N THR A 66 -7.80 -0.66 -5.71
CA THR A 66 -7.61 0.62 -5.05
C THR A 66 -7.29 0.43 -3.57
N LEU A 67 -6.02 0.59 -3.22
CA LEU A 67 -5.60 0.55 -1.82
C LEU A 67 -5.63 1.95 -1.21
N HIS A 68 -6.00 2.03 0.06
CA HIS A 68 -6.06 3.31 0.77
C HIS A 68 -4.91 3.44 1.75
N LEU A 69 -4.17 4.54 1.65
CA LEU A 69 -3.01 4.76 2.50
C LEU A 69 -3.30 5.76 3.60
N VAL A 70 -2.97 5.40 4.83
CA VAL A 70 -3.10 6.32 5.96
C VAL A 70 -1.76 6.60 6.62
N LEU A 71 -1.47 7.87 6.85
CA LEU A 71 -0.22 8.27 7.49
C LEU A 71 -0.28 8.08 8.99
N ARG A 72 0.74 7.42 9.54
CA ARG A 72 0.85 7.24 10.99
C ARG A 72 1.62 8.39 11.63
N LEU A 73 1.05 8.95 12.69
CA LEU A 73 1.69 10.06 13.39
C LEU A 73 1.88 9.73 14.87
N ARG A 74 2.27 8.48 15.14
CA ARG A 74 2.45 8.02 16.52
C ARG A 74 3.90 8.23 16.98
N GLY A 75 4.70 8.85 16.13
CA GLY A 75 6.10 9.12 16.45
C GLY A 75 6.95 7.87 16.27
N GLY A 76 6.44 6.93 15.49
CA GLY A 76 7.15 5.67 15.25
C GLY A 76 8.38 5.89 14.37
N MET A 1 0.55 -6.73 -12.38
CA MET A 1 -0.50 -6.20 -11.52
C MET A 1 -0.31 -4.72 -11.26
N GLN A 2 -1.07 -3.89 -11.99
CA GLN A 2 -1.07 -2.45 -11.75
C GLN A 2 -2.04 -2.10 -10.64
N ILE A 3 -1.52 -1.49 -9.57
CA ILE A 3 -2.33 -1.10 -8.43
C ILE A 3 -2.33 0.41 -8.23
N PHE A 4 -3.37 0.93 -7.58
CA PHE A 4 -3.49 2.36 -7.35
C PHE A 4 -3.58 2.66 -5.86
N VAL A 5 -2.55 3.31 -5.34
CA VAL A 5 -2.50 3.68 -3.92
C VAL A 5 -2.97 5.11 -3.70
N ARG A 6 -4.10 5.27 -3.03
CA ARG A 6 -4.61 6.58 -2.67
C ARG A 6 -4.07 7.04 -1.32
N THR A 7 -3.19 8.02 -1.35
CA THR A 7 -2.57 8.53 -0.12
C THR A 7 -3.55 9.38 0.67
N LEU A 8 -3.21 9.64 1.93
CA LEU A 8 -4.02 10.50 2.78
C LEU A 8 -4.14 11.90 2.19
N THR A 9 -3.13 12.31 1.44
CA THR A 9 -3.11 13.64 0.84
C THR A 9 -3.90 13.68 -0.46
N GLY A 10 -4.39 12.51 -0.88
CA GLY A 10 -5.25 12.44 -2.05
C GLY A 10 -4.46 12.07 -3.30
N ARG A 11 -3.15 11.98 -3.16
CA ARG A 11 -2.27 11.65 -4.28
C ARG A 11 -2.51 10.22 -4.75
N THR A 12 -2.61 10.04 -6.06
CA THR A 12 -2.73 8.72 -6.66
C THR A 12 -1.38 8.19 -7.10
N ILE A 13 -0.88 7.18 -6.39
CA ILE A 13 0.39 6.55 -6.73
C ILE A 13 0.16 5.22 -7.44
N THR A 14 0.48 5.17 -8.73
CA THR A 14 0.31 3.96 -9.51
C THR A 14 1.57 3.11 -9.48
N LEU A 15 1.44 1.88 -9.00
CA LEU A 15 2.59 1.00 -8.81
C LEU A 15 2.44 -0.28 -9.64
N GLU A 16 3.57 -0.78 -10.14
CA GLU A 16 3.60 -2.07 -10.81
C GLU A 16 4.12 -3.16 -9.89
N VAL A 17 3.23 -4.05 -9.46
CA VAL A 17 3.57 -5.06 -8.46
C VAL A 17 3.22 -6.46 -8.94
N GLU A 18 3.45 -7.45 -8.10
CA GLU A 18 3.08 -8.83 -8.41
C GLU A 18 2.30 -9.45 -7.26
N PRO A 19 1.56 -10.51 -7.56
CA PRO A 19 0.76 -11.20 -6.56
C PRO A 19 1.59 -11.62 -5.37
N SER A 20 2.85 -11.98 -5.63
CA SER A 20 3.71 -12.57 -4.62
C SER A 20 4.52 -11.50 -3.89
N ASP A 21 4.26 -10.25 -4.21
CA ASP A 21 4.91 -9.13 -3.56
C ASP A 21 4.28 -8.85 -2.19
N THR A 22 5.13 -8.62 -1.19
CA THR A 22 4.67 -8.39 0.16
C THR A 22 4.14 -6.97 0.33
N ILE A 23 3.33 -6.76 1.37
CA ILE A 23 2.87 -5.42 1.72
C ILE A 23 4.04 -4.52 2.07
N GLU A 24 5.08 -5.10 2.66
CA GLU A 24 6.32 -4.38 2.93
C GLU A 24 6.92 -3.83 1.64
N ASN A 25 6.99 -4.67 0.62
CA ASN A 25 7.53 -4.28 -0.67
C ASN A 25 6.69 -3.16 -1.29
N VAL A 26 5.38 -3.28 -1.19
CA VAL A 26 4.47 -2.25 -1.68
C VAL A 26 4.70 -0.93 -0.96
N ARG A 27 4.82 -0.99 0.35
CA ARG A 27 5.05 0.20 1.17
C ARG A 27 6.38 0.86 0.81
N ALA A 28 7.38 0.04 0.49
CA ALA A 28 8.65 0.54 0.01
C ALA A 28 8.49 1.29 -1.31
N ARG A 29 7.74 0.69 -2.23
CA ARG A 29 7.46 1.32 -3.51
C ARG A 29 6.73 2.65 -3.33
N ILE A 30 5.86 2.70 -2.33
CA ILE A 30 5.15 3.92 -2.00
C ILE A 30 6.12 4.98 -1.45
N GLN A 31 6.97 4.57 -0.53
CA GLN A 31 7.95 5.47 0.06
C GLN A 31 8.82 6.12 -1.01
N ASP A 32 9.16 5.35 -2.03
CA ASP A 32 9.98 5.85 -3.14
C ASP A 32 9.35 7.08 -3.77
N ARG A 33 8.02 7.17 -3.70
CA ARG A 33 7.29 8.23 -4.36
C ARG A 33 6.92 9.35 -3.39
N GLU A 34 6.33 8.96 -2.26
CA GLU A 34 5.83 9.93 -1.29
C GLU A 34 6.91 10.29 -0.28
N GLY A 35 7.67 9.29 0.15
CA GLY A 35 8.75 9.51 1.11
C GLY A 35 8.32 9.15 2.52
N ILE A 36 7.27 8.35 2.62
CA ILE A 36 6.76 7.93 3.93
C ILE A 36 7.23 6.53 4.29
N PRO A 37 7.94 6.41 5.40
CA PRO A 37 8.41 5.11 5.88
C PRO A 37 7.26 4.14 6.05
N PRO A 38 7.50 2.88 5.69
CA PRO A 38 6.50 1.83 5.86
C PRO A 38 5.99 1.79 7.30
N ASP A 39 6.86 2.18 8.24
CA ASP A 39 6.50 2.17 9.65
C ASP A 39 5.50 3.28 9.97
N GLN A 40 5.52 4.33 9.16
CA GLN A 40 4.59 5.44 9.34
C GLN A 40 3.38 5.30 8.43
N GLN A 41 3.45 4.36 7.49
CA GLN A 41 2.32 4.05 6.62
C GLN A 41 1.32 3.15 7.33
N ARG A 42 0.03 3.40 7.07
CA ARG A 42 -1.01 2.44 7.40
C ARG A 42 -1.87 2.12 6.18
N LEU A 43 -1.58 0.99 5.54
CA LEU A 43 -2.22 0.64 4.28
C LEU A 43 -3.34 -0.37 4.49
N ILE A 44 -4.50 -0.09 3.89
CA ILE A 44 -5.66 -0.96 4.02
C ILE A 44 -6.26 -1.29 2.66
N PHE A 45 -7.04 -2.38 2.62
CA PHE A 45 -7.72 -2.76 1.39
C PHE A 45 -9.18 -3.11 1.65
N ALA A 46 -10.08 -2.26 1.18
CA ALA A 46 -11.51 -2.46 1.38
C ALA A 46 -11.85 -2.53 2.86
N GLY A 47 -11.09 -1.80 3.68
CA GLY A 47 -11.35 -1.73 5.11
C GLY A 47 -10.52 -2.75 5.88
N ARG A 48 -9.87 -3.65 5.15
CA ARG A 48 -9.06 -4.70 5.75
C ARG A 48 -7.61 -4.25 5.90
N GLN A 49 -7.12 -4.22 7.13
CA GLN A 49 -5.75 -3.80 7.40
C GLN A 49 -4.74 -4.72 6.74
N LEU A 50 -3.79 -4.14 6.02
CA LEU A 50 -2.73 -4.91 5.40
C LEU A 50 -1.47 -4.90 6.26
N GLU A 51 -0.83 -6.07 6.35
CA GLU A 51 0.31 -6.24 7.26
C GLU A 51 1.54 -6.71 6.50
N ASP A 52 2.72 -6.32 6.99
CA ASP A 52 3.97 -6.71 6.36
C ASP A 52 4.27 -8.19 6.58
N GLY A 53 4.91 -8.81 5.60
CA GLY A 53 5.24 -10.23 5.66
C GLY A 53 4.19 -11.06 4.93
N ARG A 54 3.10 -10.43 4.54
CA ARG A 54 2.06 -11.10 3.76
C ARG A 54 1.96 -10.50 2.36
N THR A 55 1.61 -11.34 1.40
CA THR A 55 1.64 -10.95 -0.01
C THR A 55 0.28 -10.42 -0.46
N LEU A 56 0.28 -9.66 -1.55
CA LEU A 56 -0.95 -9.10 -2.09
C LEU A 56 -1.98 -10.20 -2.37
N SER A 57 -1.49 -11.35 -2.82
CA SER A 57 -2.37 -12.49 -3.08
C SER A 57 -3.10 -12.93 -1.82
N ASP A 58 -2.45 -12.76 -0.67
CA ASP A 58 -3.03 -13.19 0.60
C ASP A 58 -4.28 -12.39 0.93
N TYR A 59 -4.33 -11.15 0.45
CA TYR A 59 -5.46 -10.27 0.73
C TYR A 59 -6.40 -10.19 -0.46
N ASN A 60 -6.21 -11.09 -1.42
CA ASN A 60 -7.03 -11.12 -2.63
C ASN A 60 -6.98 -9.78 -3.35
N ILE A 61 -5.79 -9.19 -3.41
CA ILE A 61 -5.58 -7.95 -4.14
C ILE A 61 -5.14 -8.22 -5.58
N GLN A 62 -5.87 -7.67 -6.53
CA GLN A 62 -5.66 -7.98 -7.94
C GLN A 62 -5.30 -6.73 -8.74
N ARG A 63 -5.20 -6.89 -10.06
CA ARG A 63 -4.93 -5.77 -10.94
C ARG A 63 -6.08 -4.76 -10.91
N GLU A 64 -5.75 -3.48 -11.09
CA GLU A 64 -6.74 -2.41 -11.05
C GLU A 64 -7.47 -2.40 -9.71
N SER A 65 -6.74 -2.67 -8.64
CA SER A 65 -7.30 -2.60 -7.29
C SER A 65 -6.92 -1.28 -6.61
N THR A 66 -7.88 -0.70 -5.89
CA THR A 66 -7.65 0.56 -5.19
C THR A 66 -7.25 0.32 -3.74
N LEU A 67 -6.04 0.73 -3.39
CA LEU A 67 -5.58 0.66 -2.01
C LEU A 67 -5.70 2.01 -1.31
N HIS A 68 -5.99 1.98 -0.02
CA HIS A 68 -6.17 3.20 0.75
C HIS A 68 -5.07 3.36 1.80
N LEU A 69 -4.32 4.45 1.71
CA LEU A 69 -3.18 4.67 2.58
C LEU A 69 -3.44 5.82 3.55
N VAL A 70 -3.39 5.51 4.85
CA VAL A 70 -3.49 6.54 5.88
C VAL A 70 -2.17 6.72 6.62
N LEU A 71 -1.83 7.97 6.90
CA LEU A 71 -0.59 8.28 7.62
C LEU A 71 -0.77 8.12 9.12
N ARG A 72 0.25 7.57 9.77
CA ARG A 72 0.21 7.35 11.21
C ARG A 72 0.74 8.57 11.96
N LEU A 73 0.72 8.49 13.29
CA LEU A 73 1.23 9.58 14.12
C LEU A 73 2.67 9.33 14.54
N ARG A 74 3.25 8.25 14.02
CA ARG A 74 4.65 7.92 14.30
C ARG A 74 5.58 9.03 13.82
N GLY A 75 6.33 9.59 14.76
CA GLY A 75 7.28 10.66 14.44
C GLY A 75 6.60 12.01 14.45
N GLY A 76 5.32 12.04 14.83
CA GLY A 76 4.56 13.28 14.87
C GLY A 76 4.81 14.03 16.17
N MET A 1 0.93 -6.96 -12.50
CA MET A 1 -0.28 -6.44 -11.85
C MET A 1 -0.09 -4.97 -11.46
N GLN A 2 -0.82 -4.09 -12.13
CA GLN A 2 -0.78 -2.67 -11.82
C GLN A 2 -1.84 -2.30 -10.79
N ILE A 3 -1.39 -1.77 -9.66
CA ILE A 3 -2.29 -1.38 -8.58
C ILE A 3 -2.20 0.12 -8.30
N PHE A 4 -3.15 0.62 -7.52
CA PHE A 4 -3.17 2.05 -7.18
C PHE A 4 -3.24 2.24 -5.67
N VAL A 5 -2.54 3.25 -5.18
CA VAL A 5 -2.60 3.61 -3.77
C VAL A 5 -3.01 5.07 -3.57
N ARG A 6 -4.10 5.27 -2.83
CA ARG A 6 -4.62 6.62 -2.60
C ARG A 6 -4.16 7.15 -1.25
N THR A 7 -3.55 8.33 -1.26
CA THR A 7 -3.03 8.94 -0.03
C THR A 7 -4.08 9.84 0.60
N LEU A 8 -3.73 10.43 1.75
CA LEU A 8 -4.62 11.35 2.44
C LEU A 8 -4.52 12.75 1.86
N THR A 9 -3.55 12.95 0.96
CA THR A 9 -3.36 14.24 0.30
C THR A 9 -4.03 14.27 -1.06
N GLY A 10 -4.71 13.17 -1.40
CA GLY A 10 -5.48 13.11 -2.64
C GLY A 10 -4.61 12.69 -3.82
N ARG A 11 -3.40 12.23 -3.52
CA ARG A 11 -2.47 11.79 -4.55
C ARG A 11 -2.72 10.33 -4.94
N THR A 12 -2.53 10.02 -6.21
CA THR A 12 -2.72 8.66 -6.70
C THR A 12 -1.38 8.04 -7.10
N ILE A 13 -0.96 7.03 -6.35
CA ILE A 13 0.30 6.34 -6.63
C ILE A 13 0.06 5.08 -7.47
N THR A 14 0.61 5.08 -8.68
CA THR A 14 0.49 3.92 -9.56
C THR A 14 1.71 3.02 -9.46
N LEU A 15 1.49 1.79 -8.99
CA LEU A 15 2.58 0.86 -8.76
C LEU A 15 2.47 -0.37 -9.66
N GLU A 16 3.59 -0.78 -10.24
CA GLU A 16 3.67 -2.04 -10.96
C GLU A 16 4.22 -3.15 -10.08
N VAL A 17 3.36 -4.05 -9.64
CA VAL A 17 3.73 -5.04 -8.65
C VAL A 17 3.33 -6.45 -9.09
N GLU A 18 3.55 -7.43 -8.21
CA GLU A 18 3.05 -8.78 -8.44
C GLU A 18 2.30 -9.30 -7.22
N PRO A 19 1.40 -10.23 -7.44
CA PRO A 19 0.61 -10.81 -6.36
C PRO A 19 1.51 -11.39 -5.27
N SER A 20 2.70 -11.83 -5.67
CA SER A 20 3.60 -12.53 -4.76
C SER A 20 4.48 -11.56 -4.00
N ASP A 21 4.32 -10.27 -4.28
CA ASP A 21 5.07 -9.23 -3.58
C ASP A 21 4.43 -8.91 -2.24
N THR A 22 5.28 -8.71 -1.23
CA THR A 22 4.80 -8.47 0.12
C THR A 22 4.25 -7.06 0.28
N ILE A 23 3.42 -6.86 1.31
CA ILE A 23 2.95 -5.53 1.66
C ILE A 23 4.11 -4.62 2.05
N GLU A 24 5.14 -5.20 2.65
CA GLU A 24 6.37 -4.48 2.95
C GLU A 24 6.97 -3.87 1.68
N ASN A 25 7.05 -4.68 0.63
CA ASN A 25 7.57 -4.21 -0.66
C ASN A 25 6.72 -3.07 -1.21
N VAL A 26 5.40 -3.22 -1.11
CA VAL A 26 4.48 -2.18 -1.56
C VAL A 26 4.71 -0.87 -0.80
N ARG A 27 4.85 -0.97 0.51
CA ARG A 27 5.11 0.20 1.34
C ARG A 27 6.40 0.89 0.96
N ALA A 28 7.42 0.09 0.63
CA ALA A 28 8.69 0.62 0.18
C ALA A 28 8.53 1.37 -1.15
N ARG A 29 7.75 0.79 -2.06
CA ARG A 29 7.49 1.41 -3.35
C ARG A 29 6.75 2.74 -3.17
N ILE A 30 5.89 2.80 -2.16
CA ILE A 30 5.21 4.04 -1.81
C ILE A 30 6.20 5.06 -1.26
N GLN A 31 7.10 4.61 -0.40
CA GLN A 31 8.13 5.47 0.17
C GLN A 31 8.99 6.08 -0.93
N ASP A 32 9.24 5.31 -1.98
CA ASP A 32 10.00 5.79 -3.12
C ASP A 32 9.29 6.97 -3.80
N ARG A 33 7.97 6.98 -3.71
CA ARG A 33 7.16 7.98 -4.40
C ARG A 33 6.94 9.21 -3.52
N GLU A 34 6.71 8.98 -2.24
CA GLU A 34 6.30 10.06 -1.33
C GLU A 34 7.44 10.43 -0.39
N GLY A 35 8.21 9.44 0.03
CA GLY A 35 9.28 9.65 0.99
C GLY A 35 8.80 9.38 2.41
N ILE A 36 7.68 8.69 2.53
CA ILE A 36 7.13 8.34 3.84
C ILE A 36 7.65 6.99 4.31
N PRO A 37 8.24 6.97 5.50
CA PRO A 37 8.75 5.73 6.08
C PRO A 37 7.66 4.65 6.08
N PRO A 38 8.03 3.47 5.59
CA PRO A 38 7.11 2.35 5.53
C PRO A 38 6.50 2.05 6.89
N ASP A 39 7.28 2.29 7.94
CA ASP A 39 6.84 1.99 9.31
C ASP A 39 5.73 2.93 9.75
N GLN A 40 5.56 4.03 9.03
CA GLN A 40 4.52 4.99 9.33
C GLN A 40 3.31 4.81 8.41
N GLN A 41 3.44 3.90 7.46
CA GLN A 41 2.38 3.65 6.49
C GLN A 41 1.42 2.56 6.98
N ARG A 42 0.14 2.75 6.73
CA ARG A 42 -0.85 1.71 6.96
C ARG A 42 -1.87 1.65 5.83
N LEU A 43 -1.95 0.50 5.16
CA LEU A 43 -2.82 0.35 4.01
C LEU A 43 -4.10 -0.38 4.38
N ILE A 44 -5.21 0.03 3.78
CA ILE A 44 -6.49 -0.64 3.97
C ILE A 44 -7.05 -1.13 2.63
N PHE A 45 -7.52 -2.36 2.60
CA PHE A 45 -8.12 -2.93 1.40
C PHE A 45 -9.49 -3.52 1.69
N ALA A 46 -10.53 -2.85 1.21
CA ALA A 46 -11.90 -3.33 1.38
C ALA A 46 -12.25 -3.49 2.84
N GLY A 47 -11.64 -2.65 3.69
CA GLY A 47 -11.94 -2.66 5.12
C GLY A 47 -10.94 -3.54 5.87
N ARG A 48 -10.12 -4.28 5.12
CA ARG A 48 -9.14 -5.17 5.72
C ARG A 48 -7.75 -4.56 5.71
N GLN A 49 -7.20 -4.33 6.89
CA GLN A 49 -5.86 -3.76 7.01
C GLN A 49 -4.81 -4.66 6.38
N LEU A 50 -3.78 -4.05 5.80
CA LEU A 50 -2.70 -4.80 5.19
C LEU A 50 -1.43 -4.73 6.04
N GLU A 51 -0.90 -5.89 6.39
CA GLU A 51 0.25 -5.97 7.28
C GLU A 51 1.45 -6.59 6.58
N ASP A 52 2.65 -6.27 7.07
CA ASP A 52 3.89 -6.78 6.48
C ASP A 52 4.06 -8.26 6.80
N GLY A 53 4.68 -8.99 5.88
CA GLY A 53 4.91 -10.42 6.05
C GLY A 53 3.97 -11.23 5.17
N ARG A 54 2.88 -10.60 4.73
CA ARG A 54 1.95 -11.24 3.81
C ARG A 54 1.98 -10.56 2.45
N THR A 55 1.58 -11.29 1.41
CA THR A 55 1.66 -10.80 0.04
C THR A 55 0.31 -10.29 -0.44
N LEU A 56 0.32 -9.55 -1.54
CA LEU A 56 -0.89 -8.98 -2.11
C LEU A 56 -1.91 -10.08 -2.42
N SER A 57 -1.42 -11.24 -2.83
CA SER A 57 -2.28 -12.37 -3.12
C SER A 57 -2.99 -12.87 -1.87
N ASP A 58 -2.33 -12.71 -0.72
CA ASP A 58 -2.87 -13.18 0.55
C ASP A 58 -4.12 -12.39 0.94
N TYR A 59 -4.19 -11.14 0.47
CA TYR A 59 -5.34 -10.28 0.74
C TYR A 59 -6.29 -10.25 -0.45
N ASN A 60 -6.05 -11.11 -1.42
CA ASN A 60 -6.90 -11.19 -2.61
C ASN A 60 -6.97 -9.84 -3.33
N ILE A 61 -5.83 -9.15 -3.38
CA ILE A 61 -5.75 -7.86 -4.06
C ILE A 61 -5.52 -8.04 -5.56
N GLN A 62 -6.44 -7.53 -6.36
CA GLN A 62 -6.47 -7.84 -7.78
C GLN A 62 -5.84 -6.74 -8.61
N ARG A 63 -6.01 -6.83 -9.94
CA ARG A 63 -5.51 -5.79 -10.84
C ARG A 63 -6.33 -4.51 -10.70
N GLU A 64 -5.66 -3.37 -10.77
CA GLU A 64 -6.32 -2.07 -10.70
C GLU A 64 -7.10 -1.93 -9.40
N SER A 65 -6.61 -2.55 -8.35
CA SER A 65 -7.19 -2.39 -7.02
C SER A 65 -6.67 -1.13 -6.34
N THR A 66 -7.56 -0.43 -5.63
CA THR A 66 -7.19 0.80 -4.95
C THR A 66 -7.00 0.56 -3.46
N LEU A 67 -5.79 0.85 -2.97
CA LEU A 67 -5.49 0.71 -1.55
C LEU A 67 -5.53 2.05 -0.84
N HIS A 68 -6.21 2.09 0.30
CA HIS A 68 -6.34 3.32 1.07
C HIS A 68 -5.20 3.48 2.07
N LEU A 69 -4.38 4.50 1.87
CA LEU A 69 -3.20 4.72 2.69
C LEU A 69 -3.45 5.79 3.74
N VAL A 70 -3.16 5.46 4.99
CA VAL A 70 -3.18 6.44 6.07
C VAL A 70 -1.81 6.57 6.73
N LEU A 71 -1.59 7.69 7.42
CA LEU A 71 -0.27 8.01 7.95
C LEU A 71 -0.29 8.05 9.48
N ARG A 72 0.50 7.19 10.10
CA ARG A 72 0.67 7.21 11.55
C ARG A 72 -0.67 7.00 12.26
N LEU A 73 -1.40 5.98 11.82
CA LEU A 73 -2.65 5.60 12.48
C LEU A 73 -2.51 4.27 13.21
N ARG A 74 -3.32 4.08 14.24
CA ARG A 74 -3.25 2.86 15.05
C ARG A 74 -3.70 1.64 14.25
N GLY A 75 -3.10 0.49 14.54
CA GLY A 75 -3.42 -0.74 13.84
C GLY A 75 -2.32 -1.11 12.86
N GLY A 76 -1.09 -0.67 13.14
CA GLY A 76 0.04 -0.94 12.26
C GLY A 76 0.80 0.35 11.94
#